data_2HCM
# 
_entry.id   2HCM 
# 
_audit_conform.dict_name       mmcif_pdbx.dic 
_audit_conform.dict_version    5.387 
_audit_conform.dict_location   http://mmcif.pdb.org/dictionaries/ascii/mmcif_pdbx.dic 
# 
loop_
_database_2.database_id 
_database_2.database_code 
_database_2.pdbx_database_accession 
_database_2.pdbx_DOI 
PDB   2HCM         pdb_00002hcm 10.2210/pdb2hcm/pdb 
RCSB  RCSB038198   ?            ?                   
WWPDB D_1000038198 ?            ?                   
# 
loop_
_pdbx_audit_revision_history.ordinal 
_pdbx_audit_revision_history.data_content_type 
_pdbx_audit_revision_history.major_revision 
_pdbx_audit_revision_history.minor_revision 
_pdbx_audit_revision_history.revision_date 
1 'Structure model' 1 0 2006-08-15 
2 'Structure model' 1 1 2008-03-20 
3 'Structure model' 1 2 2011-07-13 
4 'Structure model' 1 3 2021-02-03 
5 'Structure model' 1 4 2024-02-14 
# 
_pdbx_audit_revision_details.ordinal             1 
_pdbx_audit_revision_details.revision_ordinal    1 
_pdbx_audit_revision_details.data_content_type   'Structure model' 
_pdbx_audit_revision_details.provider            repository 
_pdbx_audit_revision_details.type                'Initial release' 
_pdbx_audit_revision_details.description         ? 
_pdbx_audit_revision_details.details             ? 
# 
loop_
_pdbx_audit_revision_group.ordinal 
_pdbx_audit_revision_group.revision_ordinal 
_pdbx_audit_revision_group.data_content_type 
_pdbx_audit_revision_group.group 
1 2 'Structure model' 'Version format compliance' 
2 3 'Structure model' 'Derived calculations'      
3 3 'Structure model' 'Version format compliance' 
4 4 'Structure model' 'Database references'       
5 4 'Structure model' 'Derived calculations'      
6 4 'Structure model' 'Structure summary'         
7 5 'Structure model' 'Data collection'           
8 5 'Structure model' 'Database references'       
# 
loop_
_pdbx_audit_revision_category.ordinal 
_pdbx_audit_revision_category.revision_ordinal 
_pdbx_audit_revision_category.data_content_type 
_pdbx_audit_revision_category.category 
1 4 'Structure model' audit_author       
2 4 'Structure model' citation_author    
3 4 'Structure model' struct_conn        
4 4 'Structure model' struct_ref_seq_dif 
5 4 'Structure model' struct_site        
6 5 'Structure model' chem_comp_atom     
7 5 'Structure model' chem_comp_bond     
8 5 'Structure model' database_2         
# 
loop_
_pdbx_audit_revision_item.ordinal 
_pdbx_audit_revision_item.revision_ordinal 
_pdbx_audit_revision_item.data_content_type 
_pdbx_audit_revision_item.item 
1  4 'Structure model' '_audit_author.identifier_ORCID'      
2  4 'Structure model' '_citation_author.identifier_ORCID'   
3  4 'Structure model' '_struct_conn.pdbx_dist_value'        
4  4 'Structure model' '_struct_conn.ptnr1_auth_comp_id'     
5  4 'Structure model' '_struct_conn.ptnr1_auth_seq_id'      
6  4 'Structure model' '_struct_conn.ptnr1_label_asym_id'    
7  4 'Structure model' '_struct_conn.ptnr1_label_atom_id'    
8  4 'Structure model' '_struct_conn.ptnr1_label_comp_id'    
9  4 'Structure model' '_struct_conn.ptnr2_auth_comp_id'     
10 4 'Structure model' '_struct_conn.ptnr2_auth_seq_id'      
11 4 'Structure model' '_struct_conn.ptnr2_label_asym_id'    
12 4 'Structure model' '_struct_conn.ptnr2_label_atom_id'    
13 4 'Structure model' '_struct_conn.ptnr2_label_comp_id'    
14 4 'Structure model' '_struct_ref_seq_dif.details'         
15 4 'Structure model' '_struct_site.pdbx_auth_asym_id'      
16 4 'Structure model' '_struct_site.pdbx_auth_comp_id'      
17 4 'Structure model' '_struct_site.pdbx_auth_seq_id'       
18 5 'Structure model' '_database_2.pdbx_DOI'                
19 5 'Structure model' '_database_2.pdbx_database_accession' 
# 
_pdbx_database_status.status_code                     REL 
_pdbx_database_status.entry_id                        2HCM 
_pdbx_database_status.recvd_initial_deposition_date   2006-06-17 
_pdbx_database_status.deposit_site                    RCSB 
_pdbx_database_status.process_site                    RCSB 
_pdbx_database_status.status_code_sf                  REL 
_pdbx_database_status.status_code_mr                  ? 
_pdbx_database_status.SG_entry                        Y 
_pdbx_database_status.pdb_format_compatible           Y 
_pdbx_database_status.status_code_cs                  ? 
_pdbx_database_status.status_code_nmr_data            ? 
_pdbx_database_status.methods_development_category    ? 
# 
loop_
_pdbx_database_related.db_name 
_pdbx_database_related.db_id 
_pdbx_database_related.details 
_pdbx_database_related.content_type 
TargetDB 8736b         . unspecified 
TargetDB NYSGXRC-8736b . unspecified 
# 
loop_
_audit_author.name 
_audit_author.pdbx_ordinal 
_audit_author.identifier_ORCID 
'Patskovsky, Y.'                                                 1 ?                   
'Almo, S.C.'                                                     2 ?                   
'Burley, S.K.'                                                   3 0000-0002-2487-9713 
'New York SGX Research Center for Structural Genomics (NYSGXRC)' 4 ?                   
# 
_citation.id                        primary 
_citation.title                     'Structural genomics of protein phosphatases.' 
_citation.journal_abbrev            J.STRUCT.FUNCT.GENOM. 
_citation.journal_volume            8 
_citation.page_first                121 
_citation.page_last                 140 
_citation.year                      2007 
_citation.journal_id_ASTM           ? 
_citation.country                   NE 
_citation.journal_id_ISSN           1345-711X 
_citation.journal_id_CSD            ? 
_citation.book_publisher            ? 
_citation.pdbx_database_id_PubMed   18058037 
_citation.pdbx_database_id_DOI      10.1007/s10969-007-9036-1 
# 
loop_
_citation_author.citation_id 
_citation_author.name 
_citation_author.ordinal 
_citation_author.identifier_ORCID 
primary 'Almo, S.C.'        1  ?                   
primary 'Bonanno, J.B.'     2  ?                   
primary 'Sauder, J.M.'      3  ?                   
primary 'Emtage, S.'        4  ?                   
primary 'Dilorenzo, T.P.'   5  ?                   
primary 'Malashkevich, V.'  6  ?                   
primary 'Wasserman, S.R.'   7  ?                   
primary 'Swaminathan, S.'   8  ?                   
primary 'Eswaramoorthy, S.' 9  ?                   
primary 'Agarwal, R.'       10 ?                   
primary 'Kumaran, D.'       11 ?                   
primary 'Madegowda, M.'     12 ?                   
primary 'Ragumani, S.'      13 ?                   
primary 'Patskovsky, Y.'    14 ?                   
primary 'Alvarado, J.'      15 ?                   
primary 'Ramagopal, U.A.'   16 ?                   
primary 'Faber-Barata, J.'  17 ?                   
primary 'Chance, M.R.'      18 ?                   
primary 'Sali, A.'          19 ?                   
primary 'Fiser, A.'         20 ?                   
primary 'Zhang, Z.Y.'       21 ?                   
primary 'Lawrence, D.S.'    22 ?                   
primary 'Burley, S.K.'      23 0000-0002-2487-9713 
# 
loop_
_entity.id 
_entity.type 
_entity.src_method 
_entity.pdbx_description 
_entity.formula_weight 
_entity.pdbx_number_of_molecules 
_entity.pdbx_ec 
_entity.pdbx_mutation 
_entity.pdbx_fragment 
_entity.details 
1 polymer     man 'Dual specificity protein phosphatase' 17594.117 1   ? ? ? ? 
2 non-polymer syn 'TUNGSTATE(VI)ION'                     247.838   1   ? ? ? ? 
3 non-polymer syn 'ZINC ION'                             65.409    2   ? ? ? ? 
4 non-polymer syn 'SODIUM ION'                           22.990    1   ? ? ? ? 
5 non-polymer syn GLYCEROL                               92.094    1   ? ? ? ? 
6 water       nat water                                  18.015    169 ? ? ? ? 
# 
_entity_name_com.entity_id   1 
_entity_name_com.name        
;Adult male corpora quadrigemina cDNA, RIKEN full- length enriched library, clone:B230374B15 product:Hypothetical tyrosine specific protein phosphatase and dual specificity protein phosphatase family/dual specificity protein phosphatase containing protein, full insert sequence
;
# 
_entity_poly.entity_id                      1 
_entity_poly.type                           'polypeptide(L)' 
_entity_poly.nstd_linkage                   no 
_entity_poly.nstd_monomer                   no 
_entity_poly.pdbx_seq_one_letter_code       
;SLGTSEAAPPPFARVAPALFIGNARAAGATELLVRAGITLCVNVSRQQPGPRAPGVAELRVPVFDDPAEDLLTHLEPTCA
AMEAAVRDGGSCLVYCKNGRSRSAAVCTAYLMRHRGHSLDRAFQMVKSARPVAEPNLGFWAQLQKYEQTLQAQAILPREP
IDPE
;
_entity_poly.pdbx_seq_one_letter_code_can   
;SLGTSEAAPPPFARVAPALFIGNARAAGATELLVRAGITLCVNVSRQQPGPRAPGVAELRVPVFDDPAEDLLTHLEPTCA
AMEAAVRDGGSCLVYCKNGRSRSAAVCTAYLMRHRGHSLDRAFQMVKSARPVAEPNLGFWAQLQKYEQTLQAQAILPREP
IDPE
;
_entity_poly.pdbx_strand_id                 A 
_entity_poly.pdbx_target_identifier         NYSGXRC-8736b 
# 
loop_
_pdbx_entity_nonpoly.entity_id 
_pdbx_entity_nonpoly.name 
_pdbx_entity_nonpoly.comp_id 
2 'TUNGSTATE(VI)ION' WO4 
3 'ZINC ION'         ZN  
4 'SODIUM ION'       NA  
5 GLYCEROL           GOL 
6 water              HOH 
# 
loop_
_entity_poly_seq.entity_id 
_entity_poly_seq.num 
_entity_poly_seq.mon_id 
_entity_poly_seq.hetero 
1 1   SER n 
1 2   LEU n 
1 3   GLY n 
1 4   THR n 
1 5   SER n 
1 6   GLU n 
1 7   ALA n 
1 8   ALA n 
1 9   PRO n 
1 10  PRO n 
1 11  PRO n 
1 12  PHE n 
1 13  ALA n 
1 14  ARG n 
1 15  VAL n 
1 16  ALA n 
1 17  PRO n 
1 18  ALA n 
1 19  LEU n 
1 20  PHE n 
1 21  ILE n 
1 22  GLY n 
1 23  ASN n 
1 24  ALA n 
1 25  ARG n 
1 26  ALA n 
1 27  ALA n 
1 28  GLY n 
1 29  ALA n 
1 30  THR n 
1 31  GLU n 
1 32  LEU n 
1 33  LEU n 
1 34  VAL n 
1 35  ARG n 
1 36  ALA n 
1 37  GLY n 
1 38  ILE n 
1 39  THR n 
1 40  LEU n 
1 41  CYS n 
1 42  VAL n 
1 43  ASN n 
1 44  VAL n 
1 45  SER n 
1 46  ARG n 
1 47  GLN n 
1 48  GLN n 
1 49  PRO n 
1 50  GLY n 
1 51  PRO n 
1 52  ARG n 
1 53  ALA n 
1 54  PRO n 
1 55  GLY n 
1 56  VAL n 
1 57  ALA n 
1 58  GLU n 
1 59  LEU n 
1 60  ARG n 
1 61  VAL n 
1 62  PRO n 
1 63  VAL n 
1 64  PHE n 
1 65  ASP n 
1 66  ASP n 
1 67  PRO n 
1 68  ALA n 
1 69  GLU n 
1 70  ASP n 
1 71  LEU n 
1 72  LEU n 
1 73  THR n 
1 74  HIS n 
1 75  LEU n 
1 76  GLU n 
1 77  PRO n 
1 78  THR n 
1 79  CYS n 
1 80  ALA n 
1 81  ALA n 
1 82  MET n 
1 83  GLU n 
1 84  ALA n 
1 85  ALA n 
1 86  VAL n 
1 87  ARG n 
1 88  ASP n 
1 89  GLY n 
1 90  GLY n 
1 91  SER n 
1 92  CYS n 
1 93  LEU n 
1 94  VAL n 
1 95  TYR n 
1 96  CYS n 
1 97  LYS n 
1 98  ASN n 
1 99  GLY n 
1 100 ARG n 
1 101 SER n 
1 102 ARG n 
1 103 SER n 
1 104 ALA n 
1 105 ALA n 
1 106 VAL n 
1 107 CYS n 
1 108 THR n 
1 109 ALA n 
1 110 TYR n 
1 111 LEU n 
1 112 MET n 
1 113 ARG n 
1 114 HIS n 
1 115 ARG n 
1 116 GLY n 
1 117 HIS n 
1 118 SER n 
1 119 LEU n 
1 120 ASP n 
1 121 ARG n 
1 122 ALA n 
1 123 PHE n 
1 124 GLN n 
1 125 MET n 
1 126 VAL n 
1 127 LYS n 
1 128 SER n 
1 129 ALA n 
1 130 ARG n 
1 131 PRO n 
1 132 VAL n 
1 133 ALA n 
1 134 GLU n 
1 135 PRO n 
1 136 ASN n 
1 137 LEU n 
1 138 GLY n 
1 139 PHE n 
1 140 TRP n 
1 141 ALA n 
1 142 GLN n 
1 143 LEU n 
1 144 GLN n 
1 145 LYS n 
1 146 TYR n 
1 147 GLU n 
1 148 GLN n 
1 149 THR n 
1 150 LEU n 
1 151 GLN n 
1 152 ALA n 
1 153 GLN n 
1 154 ALA n 
1 155 ILE n 
1 156 LEU n 
1 157 PRO n 
1 158 ARG n 
1 159 GLU n 
1 160 PRO n 
1 161 ILE n 
1 162 ASP n 
1 163 PRO n 
1 164 GLU n 
# 
_entity_src_gen.entity_id                          1 
_entity_src_gen.pdbx_src_id                        1 
_entity_src_gen.pdbx_alt_source_flag               sample 
_entity_src_gen.pdbx_seq_type                      ? 
_entity_src_gen.pdbx_beg_seq_num                   ? 
_entity_src_gen.pdbx_end_seq_num                   ? 
_entity_src_gen.gene_src_common_name               'house mouse' 
_entity_src_gen.gene_src_genus                     Mus 
_entity_src_gen.pdbx_gene_src_gene                 0710001B24Rik 
_entity_src_gen.gene_src_species                   ? 
_entity_src_gen.gene_src_strain                    ? 
_entity_src_gen.gene_src_tissue                    ? 
_entity_src_gen.gene_src_tissue_fraction           ? 
_entity_src_gen.gene_src_details                   ? 
_entity_src_gen.pdbx_gene_src_fragment             ? 
_entity_src_gen.pdbx_gene_src_scientific_name      'Mus musculus' 
_entity_src_gen.pdbx_gene_src_ncbi_taxonomy_id     10090 
_entity_src_gen.pdbx_gene_src_variant              ? 
_entity_src_gen.pdbx_gene_src_cell_line            ? 
_entity_src_gen.pdbx_gene_src_atcc                 ? 
_entity_src_gen.pdbx_gene_src_organ                ? 
_entity_src_gen.pdbx_gene_src_organelle            ? 
_entity_src_gen.pdbx_gene_src_cell                 ? 
_entity_src_gen.pdbx_gene_src_cellular_location    ? 
_entity_src_gen.host_org_common_name               ? 
_entity_src_gen.pdbx_host_org_scientific_name      'Escherichia coli BL21(DE3)' 
_entity_src_gen.pdbx_host_org_ncbi_taxonomy_id     469008 
_entity_src_gen.host_org_genus                     Escherichia 
_entity_src_gen.pdbx_host_org_gene                 ? 
_entity_src_gen.pdbx_host_org_organ                ? 
_entity_src_gen.host_org_species                   'Escherichia coli' 
_entity_src_gen.pdbx_host_org_tissue               ? 
_entity_src_gen.pdbx_host_org_tissue_fraction      ? 
_entity_src_gen.pdbx_host_org_strain               'BL21(DE3)' 
_entity_src_gen.pdbx_host_org_variant              ? 
_entity_src_gen.pdbx_host_org_cell_line            ? 
_entity_src_gen.pdbx_host_org_atcc                 ? 
_entity_src_gen.pdbx_host_org_culture_collection   ? 
_entity_src_gen.pdbx_host_org_cell                 ? 
_entity_src_gen.pdbx_host_org_organelle            ? 
_entity_src_gen.pdbx_host_org_cellular_location    ? 
_entity_src_gen.pdbx_host_org_vector_type          PLASMID 
_entity_src_gen.pdbx_host_org_vector               ? 
_entity_src_gen.host_org_details                   ? 
_entity_src_gen.expression_system_id               ? 
_entity_src_gen.plasmid_name                       PET 
_entity_src_gen.plasmid_details                    ? 
_entity_src_gen.pdbx_description                   ? 
# 
loop_
_chem_comp.id 
_chem_comp.type 
_chem_comp.mon_nstd_flag 
_chem_comp.name 
_chem_comp.pdbx_synonyms 
_chem_comp.formula 
_chem_comp.formula_weight 
ALA 'L-peptide linking' y ALANINE            ?                               'C3 H7 N O2'     89.093  
ARG 'L-peptide linking' y ARGININE           ?                               'C6 H15 N4 O2 1' 175.209 
ASN 'L-peptide linking' y ASPARAGINE         ?                               'C4 H8 N2 O3'    132.118 
ASP 'L-peptide linking' y 'ASPARTIC ACID'    ?                               'C4 H7 N O4'     133.103 
CYS 'L-peptide linking' y CYSTEINE           ?                               'C3 H7 N O2 S'   121.158 
GLN 'L-peptide linking' y GLUTAMINE          ?                               'C5 H10 N2 O3'   146.144 
GLU 'L-peptide linking' y 'GLUTAMIC ACID'    ?                               'C5 H9 N O4'     147.129 
GLY 'peptide linking'   y GLYCINE            ?                               'C2 H5 N O2'     75.067  
GOL non-polymer         . GLYCEROL           'GLYCERIN; PROPANE-1,2,3-TRIOL' 'C3 H8 O3'       92.094  
HIS 'L-peptide linking' y HISTIDINE          ?                               'C6 H10 N3 O2 1' 156.162 
HOH non-polymer         . WATER              ?                               'H2 O'           18.015  
ILE 'L-peptide linking' y ISOLEUCINE         ?                               'C6 H13 N O2'    131.173 
LEU 'L-peptide linking' y LEUCINE            ?                               'C6 H13 N O2'    131.173 
LYS 'L-peptide linking' y LYSINE             ?                               'C6 H15 N2 O2 1' 147.195 
MET 'L-peptide linking' y METHIONINE         ?                               'C5 H11 N O2 S'  149.211 
NA  non-polymer         . 'SODIUM ION'       ?                               'Na 1'           22.990  
PHE 'L-peptide linking' y PHENYLALANINE      ?                               'C9 H11 N O2'    165.189 
PRO 'L-peptide linking' y PROLINE            ?                               'C5 H9 N O2'     115.130 
SER 'L-peptide linking' y SERINE             ?                               'C3 H7 N O3'     105.093 
THR 'L-peptide linking' y THREONINE          ?                               'C4 H9 N O3'     119.119 
TRP 'L-peptide linking' y TRYPTOPHAN         ?                               'C11 H12 N2 O2'  204.225 
TYR 'L-peptide linking' y TYROSINE           ?                               'C9 H11 N O3'    181.189 
VAL 'L-peptide linking' y VALINE             ?                               'C5 H11 N O2'    117.146 
WO4 non-polymer         . 'TUNGSTATE(VI)ION' ?                               'O4 W -2'        247.838 
ZN  non-polymer         . 'ZINC ION'         ?                               'Zn 2'           65.409  
# 
loop_
_pdbx_poly_seq_scheme.asym_id 
_pdbx_poly_seq_scheme.entity_id 
_pdbx_poly_seq_scheme.seq_id 
_pdbx_poly_seq_scheme.mon_id 
_pdbx_poly_seq_scheme.ndb_seq_num 
_pdbx_poly_seq_scheme.pdb_seq_num 
_pdbx_poly_seq_scheme.auth_seq_num 
_pdbx_poly_seq_scheme.pdb_mon_id 
_pdbx_poly_seq_scheme.auth_mon_id 
_pdbx_poly_seq_scheme.pdb_strand_id 
_pdbx_poly_seq_scheme.pdb_ins_code 
_pdbx_poly_seq_scheme.hetero 
A 1 1   SER 1   0   0   SER SER A . n 
A 1 2   LEU 2   1   1   LEU LEU A . n 
A 1 3   GLY 3   2   2   GLY GLY A . n 
A 1 4   THR 4   3   3   THR THR A . n 
A 1 5   SER 5   4   4   SER SER A . n 
A 1 6   GLU 6   5   5   GLU GLU A . n 
A 1 7   ALA 7   6   6   ALA ALA A . n 
A 1 8   ALA 8   7   7   ALA ALA A . n 
A 1 9   PRO 9   8   8   PRO PRO A . n 
A 1 10  PRO 10  9   9   PRO PRO A . n 
A 1 11  PRO 11  10  10  PRO PRO A . n 
A 1 12  PHE 12  11  11  PHE PHE A . n 
A 1 13  ALA 13  12  12  ALA ALA A . n 
A 1 14  ARG 14  13  13  ARG ARG A . n 
A 1 15  VAL 15  14  14  VAL VAL A . n 
A 1 16  ALA 16  15  15  ALA ALA A . n 
A 1 17  PRO 17  16  16  PRO PRO A . n 
A 1 18  ALA 18  17  17  ALA ALA A . n 
A 1 19  LEU 19  18  18  LEU LEU A . n 
A 1 20  PHE 20  19  19  PHE PHE A . n 
A 1 21  ILE 21  20  20  ILE ILE A . n 
A 1 22  GLY 22  21  21  GLY GLY A . n 
A 1 23  ASN 23  22  22  ASN ASN A . n 
A 1 24  ALA 24  23  23  ALA ALA A . n 
A 1 25  ARG 25  24  24  ARG ARG A . n 
A 1 26  ALA 26  25  25  ALA ALA A . n 
A 1 27  ALA 27  26  26  ALA ALA A . n 
A 1 28  GLY 28  27  27  GLY GLY A . n 
A 1 29  ALA 29  28  28  ALA ALA A . n 
A 1 30  THR 30  29  29  THR THR A . n 
A 1 31  GLU 31  30  30  GLU GLU A . n 
A 1 32  LEU 32  31  31  LEU LEU A . n 
A 1 33  LEU 33  32  32  LEU LEU A . n 
A 1 34  VAL 34  33  33  VAL VAL A . n 
A 1 35  ARG 35  34  34  ARG ARG A . n 
A 1 36  ALA 36  35  35  ALA ALA A . n 
A 1 37  GLY 37  36  36  GLY GLY A . n 
A 1 38  ILE 38  37  37  ILE ILE A . n 
A 1 39  THR 39  38  38  THR THR A . n 
A 1 40  LEU 40  39  39  LEU LEU A . n 
A 1 41  CYS 41  40  40  CYS CYS A . n 
A 1 42  VAL 42  41  41  VAL VAL A . n 
A 1 43  ASN 43  42  42  ASN ASN A . n 
A 1 44  VAL 44  43  43  VAL VAL A . n 
A 1 45  SER 45  44  44  SER SER A . n 
A 1 46  ARG 46  45  45  ARG ARG A . n 
A 1 47  GLN 47  46  46  GLN GLN A . n 
A 1 48  GLN 48  47  47  GLN GLN A . n 
A 1 49  PRO 49  48  48  PRO PRO A . n 
A 1 50  GLY 50  49  49  GLY GLY A . n 
A 1 51  PRO 51  50  50  PRO PRO A . n 
A 1 52  ARG 52  51  51  ARG ARG A . n 
A 1 53  ALA 53  52  52  ALA ALA A . n 
A 1 54  PRO 54  53  53  PRO PRO A . n 
A 1 55  GLY 55  54  54  GLY GLY A . n 
A 1 56  VAL 56  55  55  VAL VAL A . n 
A 1 57  ALA 57  56  56  ALA ALA A . n 
A 1 58  GLU 58  57  57  GLU GLU A . n 
A 1 59  LEU 59  58  58  LEU LEU A . n 
A 1 60  ARG 60  59  59  ARG ARG A . n 
A 1 61  VAL 61  60  60  VAL VAL A . n 
A 1 62  PRO 62  61  61  PRO PRO A . n 
A 1 63  VAL 63  62  62  VAL VAL A . n 
A 1 64  PHE 64  63  63  PHE PHE A . n 
A 1 65  ASP 65  64  64  ASP ASP A . n 
A 1 66  ASP 66  65  65  ASP ASP A . n 
A 1 67  PRO 67  66  66  PRO PRO A . n 
A 1 68  ALA 68  67  67  ALA ALA A . n 
A 1 69  GLU 69  68  68  GLU GLU A . n 
A 1 70  ASP 70  69  69  ASP ASP A . n 
A 1 71  LEU 71  70  70  LEU LEU A . n 
A 1 72  LEU 72  71  71  LEU LEU A . n 
A 1 73  THR 73  72  72  THR THR A . n 
A 1 74  HIS 74  73  73  HIS HIS A . n 
A 1 75  LEU 75  74  74  LEU LEU A . n 
A 1 76  GLU 76  75  75  GLU GLU A . n 
A 1 77  PRO 77  76  76  PRO PRO A . n 
A 1 78  THR 78  77  77  THR THR A . n 
A 1 79  CYS 79  78  78  CYS CYS A . n 
A 1 80  ALA 80  79  79  ALA ALA A . n 
A 1 81  ALA 81  80  80  ALA ALA A . n 
A 1 82  MET 82  81  81  MET MET A . n 
A 1 83  GLU 83  82  82  GLU GLU A . n 
A 1 84  ALA 84  83  83  ALA ALA A . n 
A 1 85  ALA 85  84  84  ALA ALA A . n 
A 1 86  VAL 86  85  85  VAL VAL A . n 
A 1 87  ARG 87  86  86  ARG ARG A . n 
A 1 88  ASP 88  87  87  ASP ASP A . n 
A 1 89  GLY 89  88  88  GLY GLY A . n 
A 1 90  GLY 90  89  89  GLY GLY A . n 
A 1 91  SER 91  90  90  SER SER A . n 
A 1 92  CYS 92  91  91  CYS CYS A . n 
A 1 93  LEU 93  92  92  LEU LEU A . n 
A 1 94  VAL 94  93  93  VAL VAL A . n 
A 1 95  TYR 95  94  94  TYR TYR A . n 
A 1 96  CYS 96  95  95  CYS CYS A . n 
A 1 97  LYS 97  96  96  LYS LYS A . n 
A 1 98  ASN 98  97  97  ASN ASN A . n 
A 1 99  GLY 99  98  98  GLY GLY A . n 
A 1 100 ARG 100 99  99  ARG ARG A . n 
A 1 101 SER 101 100 100 SER SER A . n 
A 1 102 ARG 102 101 101 ARG ARG A . n 
A 1 103 SER 103 102 102 SER SER A . n 
A 1 104 ALA 104 103 103 ALA ALA A . n 
A 1 105 ALA 105 104 104 ALA ALA A . n 
A 1 106 VAL 106 105 105 VAL VAL A . n 
A 1 107 CYS 107 106 106 CYS CYS A . n 
A 1 108 THR 108 107 107 THR THR A . n 
A 1 109 ALA 109 108 108 ALA ALA A . n 
A 1 110 TYR 110 109 109 TYR TYR A . n 
A 1 111 LEU 111 110 110 LEU LEU A . n 
A 1 112 MET 112 111 111 MET MET A . n 
A 1 113 ARG 113 112 112 ARG ARG A . n 
A 1 114 HIS 114 113 113 HIS HIS A . n 
A 1 115 ARG 115 114 114 ARG ARG A . n 
A 1 116 GLY 116 115 115 GLY GLY A . n 
A 1 117 HIS 117 116 116 HIS HIS A . n 
A 1 118 SER 118 117 117 SER SER A . n 
A 1 119 LEU 119 118 118 LEU LEU A . n 
A 1 120 ASP 120 119 119 ASP ASP A . n 
A 1 121 ARG 121 120 120 ARG ARG A . n 
A 1 122 ALA 122 121 121 ALA ALA A . n 
A 1 123 PHE 123 122 122 PHE PHE A . n 
A 1 124 GLN 124 123 123 GLN GLN A . n 
A 1 125 MET 125 124 124 MET MET A . n 
A 1 126 VAL 126 125 125 VAL VAL A . n 
A 1 127 LYS 127 126 126 LYS LYS A . n 
A 1 128 SER 128 127 127 SER SER A . n 
A 1 129 ALA 129 128 128 ALA ALA A . n 
A 1 130 ARG 130 129 129 ARG ARG A . n 
A 1 131 PRO 131 130 130 PRO PRO A . n 
A 1 132 VAL 132 131 131 VAL VAL A . n 
A 1 133 ALA 133 132 132 ALA ALA A . n 
A 1 134 GLU 134 133 133 GLU GLU A . n 
A 1 135 PRO 135 134 134 PRO PRO A . n 
A 1 136 ASN 136 135 135 ASN ASN A . n 
A 1 137 LEU 137 136 136 LEU LEU A . n 
A 1 138 GLY 138 137 137 GLY GLY A . n 
A 1 139 PHE 139 138 138 PHE PHE A . n 
A 1 140 TRP 140 139 139 TRP TRP A . n 
A 1 141 ALA 141 140 140 ALA ALA A . n 
A 1 142 GLN 142 141 141 GLN GLN A . n 
A 1 143 LEU 143 142 142 LEU LEU A . n 
A 1 144 GLN 144 143 143 GLN GLN A . n 
A 1 145 LYS 145 144 144 LYS LYS A . n 
A 1 146 TYR 146 145 145 TYR TYR A . n 
A 1 147 GLU 147 146 146 GLU GLU A . n 
A 1 148 GLN 148 147 147 GLN GLN A . n 
A 1 149 THR 149 148 148 THR THR A . n 
A 1 150 LEU 150 149 149 LEU LEU A . n 
A 1 151 GLN 151 150 150 GLN GLN A . n 
A 1 152 ALA 152 151 151 ALA ALA A . n 
A 1 153 GLN 153 152 152 GLN GLN A . n 
A 1 154 ALA 154 153 153 ALA ALA A . n 
A 1 155 ILE 155 154 154 ILE ILE A . n 
A 1 156 LEU 156 155 155 LEU LEU A . n 
A 1 157 PRO 157 156 156 PRO PRO A . n 
A 1 158 ARG 158 157 157 ARG ARG A . n 
A 1 159 GLU 159 158 158 GLU GLU A . n 
A 1 160 PRO 160 159 ?   ?   ?   A . n 
A 1 161 ILE 161 160 ?   ?   ?   A . n 
A 1 162 ASP 162 161 ?   ?   ?   A . n 
A 1 163 PRO 163 162 ?   ?   ?   A . n 
A 1 164 GLU 164 163 ?   ?   ?   A . n 
# 
loop_
_pdbx_nonpoly_scheme.asym_id 
_pdbx_nonpoly_scheme.entity_id 
_pdbx_nonpoly_scheme.mon_id 
_pdbx_nonpoly_scheme.ndb_seq_num 
_pdbx_nonpoly_scheme.pdb_seq_num 
_pdbx_nonpoly_scheme.auth_seq_num 
_pdbx_nonpoly_scheme.pdb_mon_id 
_pdbx_nonpoly_scheme.auth_mon_id 
_pdbx_nonpoly_scheme.pdb_strand_id 
_pdbx_nonpoly_scheme.pdb_ins_code 
B 2 WO4 1   366 366 WO4 WO4 A . 
C 3 ZN  1   367 367 ZN  ZN  A . 
D 3 ZN  1   368 368 ZN  ZN  A . 
E 4 NA  1   370 370 NA  NA  A . 
F 5 GOL 1   369 369 GOL GOL A . 
G 6 HOH 1   371 160 HOH HOH A . 
G 6 HOH 2   372 161 HOH HOH A . 
G 6 HOH 3   373 162 HOH HOH A . 
G 6 HOH 4   374 164 HOH HOH A . 
G 6 HOH 5   375 165 HOH HOH A . 
G 6 HOH 6   376 166 HOH HOH A . 
G 6 HOH 7   377 167 HOH HOH A . 
G 6 HOH 8   378 168 HOH HOH A . 
G 6 HOH 9   379 169 HOH HOH A . 
G 6 HOH 10  380 170 HOH HOH A . 
G 6 HOH 11  381 171 HOH HOH A . 
G 6 HOH 12  382 172 HOH HOH A . 
G 6 HOH 13  383 173 HOH HOH A . 
G 6 HOH 14  384 174 HOH HOH A . 
G 6 HOH 15  385 175 HOH HOH A . 
G 6 HOH 16  386 176 HOH HOH A . 
G 6 HOH 17  387 177 HOH HOH A . 
G 6 HOH 18  388 178 HOH HOH A . 
G 6 HOH 19  389 179 HOH HOH A . 
G 6 HOH 20  390 180 HOH HOH A . 
G 6 HOH 21  391 181 HOH HOH A . 
G 6 HOH 22  392 183 HOH HOH A . 
G 6 HOH 23  393 184 HOH HOH A . 
G 6 HOH 24  394 201 HOH HOH A . 
G 6 HOH 25  395 202 HOH HOH A . 
G 6 HOH 26  396 203 HOH HOH A . 
G 6 HOH 27  397 204 HOH HOH A . 
G 6 HOH 28  398 205 HOH HOH A . 
G 6 HOH 29  399 206 HOH HOH A . 
G 6 HOH 30  400 207 HOH HOH A . 
G 6 HOH 31  401 208 HOH HOH A . 
G 6 HOH 32  402 209 HOH HOH A . 
G 6 HOH 33  403 210 HOH HOH A . 
G 6 HOH 34  404 211 HOH HOH A . 
G 6 HOH 35  405 212 HOH HOH A . 
G 6 HOH 36  406 213 HOH HOH A . 
G 6 HOH 37  407 214 HOH HOH A . 
G 6 HOH 38  408 215 HOH HOH A . 
G 6 HOH 39  409 216 HOH HOH A . 
G 6 HOH 40  410 217 HOH HOH A . 
G 6 HOH 41  411 219 HOH HOH A . 
G 6 HOH 42  412 221 HOH HOH A . 
G 6 HOH 43  413 222 HOH HOH A . 
G 6 HOH 44  414 223 HOH HOH A . 
G 6 HOH 45  415 224 HOH HOH A . 
G 6 HOH 46  416 225 HOH HOH A . 
G 6 HOH 47  417 226 HOH HOH A . 
G 6 HOH 48  418 227 HOH HOH A . 
G 6 HOH 49  419 228 HOH HOH A . 
G 6 HOH 50  420 229 HOH HOH A . 
G 6 HOH 51  421 230 HOH HOH A . 
G 6 HOH 52  422 231 HOH HOH A . 
G 6 HOH 53  423 232 HOH HOH A . 
G 6 HOH 54  424 233 HOH HOH A . 
G 6 HOH 55  425 234 HOH HOH A . 
G 6 HOH 56  426 236 HOH HOH A . 
G 6 HOH 57  427 237 HOH HOH A . 
G 6 HOH 58  428 238 HOH HOH A . 
G 6 HOH 59  429 239 HOH HOH A . 
G 6 HOH 60  430 240 HOH HOH A . 
G 6 HOH 61  431 241 HOH HOH A . 
G 6 HOH 62  432 242 HOH HOH A . 
G 6 HOH 63  433 243 HOH HOH A . 
G 6 HOH 64  434 244 HOH HOH A . 
G 6 HOH 65  435 245 HOH HOH A . 
G 6 HOH 66  436 246 HOH HOH A . 
G 6 HOH 67  437 247 HOH HOH A . 
G 6 HOH 68  438 248 HOH HOH A . 
G 6 HOH 69  439 249 HOH HOH A . 
G 6 HOH 70  440 250 HOH HOH A . 
G 6 HOH 71  441 251 HOH HOH A . 
G 6 HOH 72  442 252 HOH HOH A . 
G 6 HOH 73  443 253 HOH HOH A . 
G 6 HOH 74  444 254 HOH HOH A . 
G 6 HOH 75  445 256 HOH HOH A . 
G 6 HOH 76  446 257 HOH HOH A . 
G 6 HOH 77  447 258 HOH HOH A . 
G 6 HOH 78  448 259 HOH HOH A . 
G 6 HOH 79  449 260 HOH HOH A . 
G 6 HOH 80  450 261 HOH HOH A . 
G 6 HOH 81  451 262 HOH HOH A . 
G 6 HOH 82  452 263 HOH HOH A . 
G 6 HOH 83  453 264 HOH HOH A . 
G 6 HOH 84  454 265 HOH HOH A . 
G 6 HOH 85  455 266 HOH HOH A . 
G 6 HOH 86  456 267 HOH HOH A . 
G 6 HOH 87  457 268 HOH HOH A . 
G 6 HOH 88  458 269 HOH HOH A . 
G 6 HOH 89  459 270 HOH HOH A . 
G 6 HOH 90  460 272 HOH HOH A . 
G 6 HOH 91  461 273 HOH HOH A . 
G 6 HOH 92  462 274 HOH HOH A . 
G 6 HOH 93  463 275 HOH HOH A . 
G 6 HOH 94  464 276 HOH HOH A . 
G 6 HOH 95  465 277 HOH HOH A . 
G 6 HOH 96  466 279 HOH HOH A . 
G 6 HOH 97  467 281 HOH HOH A . 
G 6 HOH 98  468 282 HOH HOH A . 
G 6 HOH 99  469 283 HOH HOH A . 
G 6 HOH 100 470 284 HOH HOH A . 
G 6 HOH 101 471 285 HOH HOH A . 
G 6 HOH 102 472 286 HOH HOH A . 
G 6 HOH 103 473 287 HOH HOH A . 
G 6 HOH 104 474 288 HOH HOH A . 
G 6 HOH 105 475 289 HOH HOH A . 
G 6 HOH 106 476 290 HOH HOH A . 
G 6 HOH 107 477 291 HOH HOH A . 
G 6 HOH 108 478 292 HOH HOH A . 
G 6 HOH 109 479 293 HOH HOH A . 
G 6 HOH 110 480 294 HOH HOH A . 
G 6 HOH 111 481 295 HOH HOH A . 
G 6 HOH 112 482 296 HOH HOH A . 
G 6 HOH 113 483 297 HOH HOH A . 
G 6 HOH 114 484 298 HOH HOH A . 
G 6 HOH 115 485 299 HOH HOH A . 
G 6 HOH 116 486 300 HOH HOH A . 
G 6 HOH 117 487 301 HOH HOH A . 
G 6 HOH 118 488 302 HOH HOH A . 
G 6 HOH 119 489 305 HOH HOH A . 
G 6 HOH 120 490 306 HOH HOH A . 
G 6 HOH 121 491 308 HOH HOH A . 
G 6 HOH 122 492 309 HOH HOH A . 
G 6 HOH 123 493 310 HOH HOH A . 
G 6 HOH 124 494 311 HOH HOH A . 
G 6 HOH 125 495 312 HOH HOH A . 
G 6 HOH 126 496 313 HOH HOH A . 
G 6 HOH 127 497 314 HOH HOH A . 
G 6 HOH 128 498 315 HOH HOH A . 
G 6 HOH 129 499 316 HOH HOH A . 
G 6 HOH 130 500 317 HOH HOH A . 
G 6 HOH 131 501 318 HOH HOH A . 
G 6 HOH 132 502 319 HOH HOH A . 
G 6 HOH 133 503 320 HOH HOH A . 
G 6 HOH 134 504 321 HOH HOH A . 
G 6 HOH 135 505 322 HOH HOH A . 
G 6 HOH 136 506 323 HOH HOH A . 
G 6 HOH 137 507 324 HOH HOH A . 
G 6 HOH 138 508 325 HOH HOH A . 
G 6 HOH 139 509 326 HOH HOH A . 
G 6 HOH 140 510 327 HOH HOH A . 
G 6 HOH 141 511 328 HOH HOH A . 
G 6 HOH 142 512 329 HOH HOH A . 
G 6 HOH 143 513 330 HOH HOH A . 
G 6 HOH 144 514 331 HOH HOH A . 
G 6 HOH 145 515 333 HOH HOH A . 
G 6 HOH 146 516 335 HOH HOH A . 
G 6 HOH 147 517 336 HOH HOH A . 
G 6 HOH 148 518 338 HOH HOH A . 
G 6 HOH 149 519 339 HOH HOH A . 
G 6 HOH 150 520 340 HOH HOH A . 
G 6 HOH 151 521 341 HOH HOH A . 
G 6 HOH 152 522 344 HOH HOH A . 
G 6 HOH 153 523 345 HOH HOH A . 
G 6 HOH 154 524 346 HOH HOH A . 
G 6 HOH 155 525 347 HOH HOH A . 
G 6 HOH 156 526 348 HOH HOH A . 
G 6 HOH 157 527 350 HOH HOH A . 
G 6 HOH 158 528 351 HOH HOH A . 
G 6 HOH 159 529 354 HOH HOH A . 
G 6 HOH 160 530 356 HOH HOH A . 
G 6 HOH 161 531 357 HOH HOH A . 
G 6 HOH 162 532 358 HOH HOH A . 
G 6 HOH 163 533 359 HOH HOH A . 
G 6 HOH 164 534 360 HOH HOH A . 
G 6 HOH 165 535 361 HOH HOH A . 
G 6 HOH 166 536 362 HOH HOH A . 
G 6 HOH 167 537 363 HOH HOH A . 
G 6 HOH 168 538 364 HOH HOH A . 
G 6 HOH 169 539 365 HOH HOH A . 
# 
loop_
_software.name 
_software.classification 
_software.version 
_software.citation_id 
_software.pdbx_ordinal 
DENZO     'data reduction' .        ? 1 
SCALEPACK 'data scaling'   .        ? 2 
SHELX     'model building' .        ? 3 
REFMAC    refinement       5.2.0005 ? 4 
SHELX     phasing          .        ? 5 
# 
_cell.entry_id           2HCM 
_cell.length_a           53.207 
_cell.length_b           53.207 
_cell.length_c           174.485 
_cell.angle_alpha        90.00 
_cell.angle_beta         90.00 
_cell.angle_gamma        120.00 
_cell.Z_PDB              12 
_cell.pdbx_unique_axis   ? 
_cell.length_a_esd       ? 
_cell.length_b_esd       ? 
_cell.length_c_esd       ? 
_cell.angle_alpha_esd    ? 
_cell.angle_beta_esd     ? 
_cell.angle_gamma_esd    ? 
# 
_symmetry.entry_id                         2HCM 
_symmetry.space_group_name_H-M             'P 61 2 2' 
_symmetry.pdbx_full_space_group_name_H-M   ? 
_symmetry.cell_setting                     ? 
_symmetry.Int_Tables_number                178 
_symmetry.space_group_name_Hall            ? 
# 
_exptl.entry_id          2HCM 
_exptl.method            'X-RAY DIFFRACTION' 
_exptl.crystals_number   1 
# 
_exptl_crystal.id                    1 
_exptl_crystal.density_meas          ? 
_exptl_crystal.density_Matthews      2.03 
_exptl_crystal.density_percent_sol   39.40 
_exptl_crystal.description           ? 
_exptl_crystal.F_000                 ? 
_exptl_crystal.preparation           ? 
# 
_exptl_crystal_grow.crystal_id      1 
_exptl_crystal_grow.method          'VAPOR DIFFUSION, SITTING DROP' 
_exptl_crystal_grow.temp            290 
_exptl_crystal_grow.temp_details    ? 
_exptl_crystal_grow.pH              6.00 
_exptl_crystal_grow.pdbx_details    
'100 MM MES, 0.2 M ZINC ACETATE, 10% PEG 8000, 10% GLYCEROL, pH 6.00, VAPOR DIFFUSION, SITTING DROP, temperature 290K' 
_exptl_crystal_grow.pdbx_pH_range   . 
# 
_diffrn.id                     1 
_diffrn.ambient_temp           100.0 
_diffrn.ambient_temp_details   ? 
_diffrn.crystal_id             1 
# 
_diffrn_detector.diffrn_id              1 
_diffrn_detector.detector               'IMAGE PLATE' 
_diffrn_detector.type                   'RIGAKU RAXIS IV' 
_diffrn_detector.pdbx_collection_date   2006-05-15 
_diffrn_detector.details                MIRRORS 
# 
_diffrn_radiation.diffrn_id                        1 
_diffrn_radiation.wavelength_id                    1 
_diffrn_radiation.pdbx_monochromatic_or_laue_m_l   M 
_diffrn_radiation.monochromator                    MIRRORS 
_diffrn_radiation.pdbx_diffrn_protocol             'SINGLE WAVELENGTH' 
_diffrn_radiation.pdbx_scattering_type             x-ray 
# 
_diffrn_radiation_wavelength.id           1 
_diffrn_radiation_wavelength.wavelength   1.5418 
_diffrn_radiation_wavelength.wt           1.0 
# 
_diffrn_source.diffrn_id                   1 
_diffrn_source.source                      'ROTATING ANODE' 
_diffrn_source.type                        'RIGAKU RU200' 
_diffrn_source.pdbx_synchrotron_site       ? 
_diffrn_source.pdbx_synchrotron_beamline   ? 
_diffrn_source.pdbx_wavelength             ? 
_diffrn_source.pdbx_wavelength_list        1.5418 
# 
_reflns.entry_id                     2HCM 
_reflns.observed_criterion_sigma_I   0.000 
_reflns.observed_criterion_sigma_F   ? 
_reflns.d_resolution_low             20.000 
_reflns.d_resolution_high            2.000 
_reflns.number_obs                   10668 
_reflns.number_all                   ? 
_reflns.percent_possible_obs         100 
_reflns.pdbx_Rmerge_I_obs            0.048 
_reflns.pdbx_Rsym_value              0.044 
_reflns.pdbx_netI_over_sigmaI        10.2000 
_reflns.B_iso_Wilson_estimate        ? 
_reflns.pdbx_redundancy              6.000 
_reflns.R_free_details               ? 
_reflns.limit_h_max                  ? 
_reflns.limit_h_min                  ? 
_reflns.limit_k_max                  ? 
_reflns.limit_k_min                  ? 
_reflns.limit_l_max                  ? 
_reflns.limit_l_min                  ? 
_reflns.observed_criterion_F_max     ? 
_reflns.observed_criterion_F_min     ? 
_reflns.pdbx_chi_squared             ? 
_reflns.pdbx_scaling_rejects         ? 
_reflns.pdbx_ordinal                 1 
_reflns.pdbx_diffrn_id               1 
# 
_reflns_shell.d_res_high             2.00 
_reflns_shell.d_res_low              2.07 
_reflns_shell.percent_possible_all   100 
_reflns_shell.Rmerge_I_obs           0.151 
_reflns_shell.pdbx_Rsym_value        0.135 
_reflns_shell.meanI_over_sigI_obs    3.100 
_reflns_shell.pdbx_redundancy        5.80 
_reflns_shell.percent_possible_obs   ? 
_reflns_shell.number_unique_all      ? 
_reflns_shell.number_measured_all    ? 
_reflns_shell.number_measured_obs    ? 
_reflns_shell.number_unique_obs      ? 
_reflns_shell.pdbx_chi_squared       ? 
_reflns_shell.pdbx_ordinal           1 
_reflns_shell.pdbx_diffrn_id         1 
# 
_refine.entry_id                                 2HCM 
_refine.ls_number_reflns_obs                     10284 
_refine.ls_number_reflns_all                     ? 
_refine.pdbx_ls_sigma_I                          ? 
_refine.pdbx_ls_sigma_F                          0.000 
_refine.pdbx_data_cutoff_high_absF               ? 
_refine.pdbx_data_cutoff_low_absF                ? 
_refine.pdbx_data_cutoff_high_rms_absF           ? 
_refine.ls_d_res_low                             20.00 
_refine.ls_d_res_high                            2.00 
_refine.ls_percent_reflns_obs                    99.90 
_refine.ls_R_factor_obs                          0.15143 
_refine.ls_R_factor_all                          ? 
_refine.ls_R_factor_R_work                       0.15012 
_refine.ls_R_factor_R_free                       0.19642 
_refine.ls_R_factor_R_free_error                 ? 
_refine.ls_R_factor_R_free_error_details         ? 
_refine.ls_percent_reflns_R_free                 3.0 
_refine.ls_number_reflns_R_free                  314 
_refine.ls_number_parameters                     ? 
_refine.ls_number_restraints                     ? 
_refine.occupancy_min                            ? 
_refine.occupancy_max                            ? 
_refine.correlation_coeff_Fo_to_Fc               0.972 
_refine.correlation_coeff_Fo_to_Fc_free          0.952 
_refine.B_iso_mean                               31.140 
_refine.aniso_B[1][1]                            0.67 
_refine.aniso_B[2][2]                            0.67 
_refine.aniso_B[3][3]                            -1.00 
_refine.aniso_B[1][2]                            0.33 
_refine.aniso_B[1][3]                            0.00 
_refine.aniso_B[2][3]                            0.00 
_refine.solvent_model_details                    MASK 
_refine.solvent_model_param_ksol                 ? 
_refine.solvent_model_param_bsol                 ? 
_refine.pdbx_solvent_vdw_probe_radii             1.20 
_refine.pdbx_solvent_ion_probe_radii             0.80 
_refine.pdbx_solvent_shrinkage_radii             0.80 
_refine.pdbx_ls_cross_valid_method               THROUGHOUT 
_refine.details                                  'HYDROGENS HAVE BEEN ADDED IN THE RIDING POSITIONS' 
_refine.pdbx_starting_model                      ? 
_refine.pdbx_method_to_determine_struct          SAD 
_refine.pdbx_isotropic_thermal_model             ISOTROPIC 
_refine.pdbx_stereochemistry_target_values       'MAXIMUM LIKELIHOOD' 
_refine.pdbx_stereochem_target_val_spec_case     ? 
_refine.pdbx_R_Free_selection_details            RANDOM 
_refine.pdbx_overall_ESU_R                       0.167 
_refine.pdbx_overall_ESU_R_Free                  0.147 
_refine.overall_SU_ML                            0.091 
_refine.overall_SU_B                             3.235 
_refine.ls_redundancy_reflns_obs                 ? 
_refine.B_iso_min                                ? 
_refine.B_iso_max                                ? 
_refine.overall_SU_R_Cruickshank_DPI             ? 
_refine.overall_SU_R_free                        ? 
_refine.ls_wR_factor_R_free                      ? 
_refine.ls_wR_factor_R_work                      ? 
_refine.overall_FOM_free_R_set                   ? 
_refine.overall_FOM_work_R_set                   ? 
_refine.pdbx_overall_phase_error                 ? 
_refine.pdbx_refine_id                           'X-RAY DIFFRACTION' 
_refine.pdbx_diffrn_id                           1 
_refine.pdbx_TLS_residual_ADP_flag               ? 
_refine.pdbx_overall_SU_R_free_Cruickshank_DPI   ? 
_refine.pdbx_overall_SU_R_Blow_DPI               ? 
_refine.pdbx_overall_SU_R_free_Blow_DPI          ? 
# 
_refine_hist.pdbx_refine_id                   'X-RAY DIFFRACTION' 
_refine_hist.cycle_id                         LAST 
_refine_hist.pdbx_number_atoms_protein        1193 
_refine_hist.pdbx_number_atoms_nucleic_acid   0 
_refine_hist.pdbx_number_atoms_ligand         14 
_refine_hist.number_atoms_solvent             169 
_refine_hist.number_atoms_total               1376 
_refine_hist.d_res_high                       2.00 
_refine_hist.d_res_low                        20.00 
# 
loop_
_refine_ls_restr.type 
_refine_ls_restr.dev_ideal 
_refine_ls_restr.dev_ideal_target 
_refine_ls_restr.weight 
_refine_ls_restr.number 
_refine_ls_restr.pdbx_refine_id 
_refine_ls_restr.pdbx_restraint_function 
r_bond_refined_d             0.010  0.022  ? 1269 'X-RAY DIFFRACTION' ? 
r_bond_other_d               ?      ?      ? ?    'X-RAY DIFFRACTION' ? 
r_angle_refined_deg          1.319  1.980  ? 1736 'X-RAY DIFFRACTION' ? 
r_angle_other_deg            ?      ?      ? ?    'X-RAY DIFFRACTION' ? 
r_dihedral_angle_1_deg       5.136  5.000  ? 171  'X-RAY DIFFRACTION' ? 
r_dihedral_angle_2_deg       33.140 22.222 ? 54   'X-RAY DIFFRACTION' ? 
r_dihedral_angle_3_deg       14.079 15.000 ? 201  'X-RAY DIFFRACTION' ? 
r_dihedral_angle_4_deg       14.601 15.000 ? 15   'X-RAY DIFFRACTION' ? 
r_chiral_restr               0.097  0.200  ? 197  'X-RAY DIFFRACTION' ? 
r_gen_planes_refined         0.004  0.020  ? 982  'X-RAY DIFFRACTION' ? 
r_gen_planes_other           ?      ?      ? ?    'X-RAY DIFFRACTION' ? 
r_nbd_refined                0.190  0.300  ? 622  'X-RAY DIFFRACTION' ? 
r_nbd_other                  ?      ?      ? ?    'X-RAY DIFFRACTION' ? 
r_nbtor_refined              0.305  0.500  ? 869  'X-RAY DIFFRACTION' ? 
r_nbtor_other                ?      ?      ? ?    'X-RAY DIFFRACTION' ? 
r_xyhbond_nbd_refined        0.206  0.500  ? 252  'X-RAY DIFFRACTION' ? 
r_xyhbond_nbd_other          ?      ?      ? ?    'X-RAY DIFFRACTION' ? 
r_metal_ion_refined          0.424  0.500  ? 3    'X-RAY DIFFRACTION' ? 
r_metal_ion_other            ?      ?      ? ?    'X-RAY DIFFRACTION' ? 
r_symmetry_vdw_refined       0.198  0.300  ? 81   'X-RAY DIFFRACTION' ? 
r_symmetry_vdw_other         ?      ?      ? ?    'X-RAY DIFFRACTION' ? 
r_symmetry_hbond_refined     0.189  0.500  ? 30   'X-RAY DIFFRACTION' ? 
r_symmetry_hbond_other       ?      ?      ? ?    'X-RAY DIFFRACTION' ? 
r_symmetry_metal_ion_refined 0.203  0.500  ? 1    'X-RAY DIFFRACTION' ? 
r_symmetry_metal_ion_other   ?      ?      ? ?    'X-RAY DIFFRACTION' ? 
r_mcbond_it                  2.781  2.000  ? 817  'X-RAY DIFFRACTION' ? 
r_mcbond_other               ?      ?      ? ?    'X-RAY DIFFRACTION' ? 
r_mcangle_it                 4.321  3.000  ? 1316 'X-RAY DIFFRACTION' ? 
r_scbond_it                  6.341  4.000  ? 460  'X-RAY DIFFRACTION' ? 
r_scangle_it                 9.534  6.000  ? 413  'X-RAY DIFFRACTION' ? 
r_rigid_bond_restr           ?      ?      ? ?    'X-RAY DIFFRACTION' ? 
r_sphericity_free            ?      ?      ? ?    'X-RAY DIFFRACTION' ? 
r_sphericity_bonded          ?      ?      ? ?    'X-RAY DIFFRACTION' ? 
# 
_refine_ls_shell.pdbx_total_number_of_bins_used   20 
_refine_ls_shell.d_res_high                       2.000 
_refine_ls_shell.d_res_low                        2.052 
_refine_ls_shell.number_reflns_R_work             738 
_refine_ls_shell.R_factor_R_work                  0.189 
_refine_ls_shell.percent_reflns_obs               99.61 
_refine_ls_shell.R_factor_R_free                  0.298 
_refine_ls_shell.R_factor_R_free_error            ? 
_refine_ls_shell.percent_reflns_R_free            ? 
_refine_ls_shell.number_reflns_R_free             20 
_refine_ls_shell.number_reflns_all                ? 
_refine_ls_shell.R_factor_all                     ? 
_refine_ls_shell.number_reflns_obs                ? 
_refine_ls_shell.redundancy_reflns_obs            ? 
_refine_ls_shell.pdbx_refine_id                   'X-RAY DIFFRACTION' 
# 
_struct.entry_id                  2HCM 
_struct.title                     
;Crystal structure of mouse putative dual specificity phosphatase complexed with zinc tungstate, New York Structural Genomics Consortium
;
_struct.pdbx_model_details        ? 
_struct.pdbx_CASP_flag            ? 
_struct.pdbx_model_type_details   ? 
# 
_struct_keywords.entry_id        2HCM 
_struct_keywords.pdbx_keywords   HYDROLASE 
_struct_keywords.text            
;PHOSPHATASE, Structural Genomics, PSI, Protein Structure Initiative, New York SGX Research Center for Structural Genomics, NYSGXRC, HYDROLASE
;
# 
loop_
_struct_asym.id 
_struct_asym.pdbx_blank_PDB_chainid_flag 
_struct_asym.pdbx_modified 
_struct_asym.entity_id 
_struct_asym.details 
A N N 1 ? 
B N N 2 ? 
C N N 3 ? 
D N N 3 ? 
E N N 4 ? 
F N N 5 ? 
G N N 6 ? 
# 
_struct_ref.id                         1 
_struct_ref.db_name                    UNP 
_struct_ref.db_code                    Q8BTR5_MOUSE 
_struct_ref.pdbx_db_accession          Q8BTR5 
_struct_ref.entity_id                  1 
_struct_ref.pdbx_align_begin           2 
_struct_ref.pdbx_seq_one_letter_code   ? 
_struct_ref.pdbx_db_isoform            ? 
# 
_struct_ref_seq.align_id                      1 
_struct_ref_seq.ref_id                        1 
_struct_ref_seq.pdbx_PDB_id_code              2HCM 
_struct_ref_seq.pdbx_strand_id                A 
_struct_ref_seq.seq_align_beg                 3 
_struct_ref_seq.pdbx_seq_align_beg_ins_code   ? 
_struct_ref_seq.seq_align_end                 164 
_struct_ref_seq.pdbx_seq_align_end_ins_code   ? 
_struct_ref_seq.pdbx_db_accession             Q8BTR5 
_struct_ref_seq.db_align_beg                  2 
_struct_ref_seq.pdbx_db_align_beg_ins_code    ? 
_struct_ref_seq.db_align_end                  163 
_struct_ref_seq.pdbx_db_align_end_ins_code    ? 
_struct_ref_seq.pdbx_auth_seq_align_beg       2 
_struct_ref_seq.pdbx_auth_seq_align_end       163 
# 
loop_
_struct_ref_seq_dif.align_id 
_struct_ref_seq_dif.pdbx_pdb_id_code 
_struct_ref_seq_dif.mon_id 
_struct_ref_seq_dif.pdbx_pdb_strand_id 
_struct_ref_seq_dif.seq_num 
_struct_ref_seq_dif.pdbx_pdb_ins_code 
_struct_ref_seq_dif.pdbx_seq_db_name 
_struct_ref_seq_dif.pdbx_seq_db_accession_code 
_struct_ref_seq_dif.db_mon_id 
_struct_ref_seq_dif.pdbx_seq_db_seq_num 
_struct_ref_seq_dif.details 
_struct_ref_seq_dif.pdbx_auth_seq_num 
_struct_ref_seq_dif.pdbx_ordinal 
1 2HCM SER A 1 ? UNP Q8BTR5 ? ? 'cloning artifact' 0 1 
1 2HCM LEU A 2 ? UNP Q8BTR5 ? 1 'cloning artifact' 1 2 
# 
loop_
_pdbx_struct_assembly.id 
_pdbx_struct_assembly.details 
_pdbx_struct_assembly.method_details 
_pdbx_struct_assembly.oligomeric_details 
_pdbx_struct_assembly.oligomeric_count 
1 author_and_software_defined_assembly PQS  dimeric   2 
2 software_defined_assembly            PISA monomeric 1 
# 
loop_
_pdbx_struct_assembly_gen.assembly_id 
_pdbx_struct_assembly_gen.oper_expression 
_pdbx_struct_assembly_gen.asym_id_list 
1 1,2 A,B,C,D,E,F,G 
2 1   A,B,C,D,E,F,G 
# 
loop_
_pdbx_struct_oper_list.id 
_pdbx_struct_oper_list.type 
_pdbx_struct_oper_list.name 
_pdbx_struct_oper_list.symmetry_operation 
_pdbx_struct_oper_list.matrix[1][1] 
_pdbx_struct_oper_list.matrix[1][2] 
_pdbx_struct_oper_list.matrix[1][3] 
_pdbx_struct_oper_list.vector[1] 
_pdbx_struct_oper_list.matrix[2][1] 
_pdbx_struct_oper_list.matrix[2][2] 
_pdbx_struct_oper_list.matrix[2][3] 
_pdbx_struct_oper_list.vector[2] 
_pdbx_struct_oper_list.matrix[3][1] 
_pdbx_struct_oper_list.matrix[3][2] 
_pdbx_struct_oper_list.matrix[3][3] 
_pdbx_struct_oper_list.vector[3] 
1 'identity operation'         1_555  x,y,z        1.0000000000  0.0000000000 0.0000000000  0.0000000000  0.0000000000 1.0000000000 0.0000000000  0.0000000000 0.0000000000  0.0000000000  1.0000000000  0.0000000000  
2 'crystal symmetry operation' 12_555 x,x-y,-z+1/6 -0.1308932313 0.9784481444 -0.1597065772 -3.7927595329 0.9784481444 0.1015456393 -0.1797990877 7.0891000442 -0.1597065772 -0.1797990877 -0.9706524080 22.7918215056 
# 
_struct_biol.id        1 
_struct_biol.details   ? 
# 
loop_
_struct_conf.conf_type_id 
_struct_conf.id 
_struct_conf.pdbx_PDB_helix_id 
_struct_conf.beg_label_comp_id 
_struct_conf.beg_label_asym_id 
_struct_conf.beg_label_seq_id 
_struct_conf.pdbx_beg_PDB_ins_code 
_struct_conf.end_label_comp_id 
_struct_conf.end_label_asym_id 
_struct_conf.end_label_seq_id 
_struct_conf.pdbx_end_PDB_ins_code 
_struct_conf.beg_auth_comp_id 
_struct_conf.beg_auth_asym_id 
_struct_conf.beg_auth_seq_id 
_struct_conf.end_auth_comp_id 
_struct_conf.end_auth_asym_id 
_struct_conf.end_auth_seq_id 
_struct_conf.pdbx_PDB_helix_class 
_struct_conf.details 
_struct_conf.pdbx_PDB_helix_length 
HELX_P HELX_P1 1 ARG A 25  ? GLY A 28  ? ARG A 24  GLY A 27  5 ? 4  
HELX_P HELX_P2 2 ALA A 29  ? ALA A 36  ? ALA A 28  ALA A 35  1 ? 8  
HELX_P HELX_P3 3 LEU A 71  ? ASP A 88  ? LEU A 70  ASP A 87  1 ? 18 
HELX_P HELX_P4 4 ARG A 100 ? ARG A 115 ? ARG A 99  ARG A 114 1 ? 16 
HELX_P HELX_P5 5 SER A 118 ? ARG A 130 ? SER A 117 ARG A 129 1 ? 13 
HELX_P HELX_P6 6 ASN A 136 ? GLN A 153 ? ASN A 135 GLN A 152 1 ? 18 
# 
_struct_conf_type.id          HELX_P 
_struct_conf_type.criteria    ? 
_struct_conf_type.reference   ? 
# 
loop_
_struct_conn.id 
_struct_conn.conn_type_id 
_struct_conn.pdbx_leaving_atom_flag 
_struct_conn.pdbx_PDB_id 
_struct_conn.ptnr1_label_asym_id 
_struct_conn.ptnr1_label_comp_id 
_struct_conn.ptnr1_label_seq_id 
_struct_conn.ptnr1_label_atom_id 
_struct_conn.pdbx_ptnr1_label_alt_id 
_struct_conn.pdbx_ptnr1_PDB_ins_code 
_struct_conn.pdbx_ptnr1_standard_comp_id 
_struct_conn.ptnr1_symmetry 
_struct_conn.ptnr2_label_asym_id 
_struct_conn.ptnr2_label_comp_id 
_struct_conn.ptnr2_label_seq_id 
_struct_conn.ptnr2_label_atom_id 
_struct_conn.pdbx_ptnr2_label_alt_id 
_struct_conn.pdbx_ptnr2_PDB_ins_code 
_struct_conn.ptnr1_auth_asym_id 
_struct_conn.ptnr1_auth_comp_id 
_struct_conn.ptnr1_auth_seq_id 
_struct_conn.ptnr2_auth_asym_id 
_struct_conn.ptnr2_auth_comp_id 
_struct_conn.ptnr2_auth_seq_id 
_struct_conn.ptnr2_symmetry 
_struct_conn.pdbx_ptnr3_label_atom_id 
_struct_conn.pdbx_ptnr3_label_seq_id 
_struct_conn.pdbx_ptnr3_label_comp_id 
_struct_conn.pdbx_ptnr3_label_asym_id 
_struct_conn.pdbx_ptnr3_label_alt_id 
_struct_conn.pdbx_ptnr3_PDB_ins_code 
_struct_conn.details 
_struct_conn.pdbx_dist_value 
_struct_conn.pdbx_value_order 
_struct_conn.pdbx_role 
metalc1 metalc ? ? A GLN 144 OE1 ? ? ? 1_555 E NA  . NA ? ? A GLN 143 A NA  370 1_555 ? ? ? ? ? ? ? 2.609 ? ? 
metalc2 metalc ? ? B WO4 .   O1  ? ? ? 1_555 C ZN  . ZN ? ? A WO4 366 A ZN  367 1_555 ? ? ? ? ? ? ? 1.667 ? ? 
metalc3 metalc ? ? B WO4 .   W   ? ? ? 1_555 C ZN  . ZN ? ? A WO4 366 A ZN  367 1_555 ? ? ? ? ? ? ? 3.063 ? ? 
metalc4 metalc ? ? B WO4 .   O1  ? ? ? 1_555 D ZN  . ZN ? ? A WO4 366 A ZN  368 1_555 ? ? ? ? ? ? ? 1.599 ? ? 
metalc5 metalc ? ? B WO4 .   W   ? ? ? 1_555 D ZN  . ZN ? ? A WO4 366 A ZN  368 1_555 ? ? ? ? ? ? ? 3.097 ? ? 
metalc6 metalc ? ? B WO4 .   W   ? ? ? 1_555 G HOH . O  ? ? A WO4 366 A HOH 469 1_555 ? ? ? ? ? ? ? 3.118 ? ? 
metalc7 metalc ? ? C ZN  .   ZN  ? ? ? 1_555 D ZN  . ZN ? ? A ZN  367 A ZN  368 1_555 ? ? ? ? ? ? ? 2.530 ? ? 
metalc8 metalc ? ? E NA  .   NA  ? ? ? 1_555 G HOH . O  ? ? A NA  370 A HOH 443 1_555 ? ? ? ? ? ? ? 2.474 ? ? 
# 
_struct_conn_type.id          metalc 
_struct_conn_type.criteria    ? 
_struct_conn_type.reference   ? 
# 
loop_
_pdbx_struct_conn_angle.id 
_pdbx_struct_conn_angle.ptnr1_label_atom_id 
_pdbx_struct_conn_angle.ptnr1_label_alt_id 
_pdbx_struct_conn_angle.ptnr1_label_asym_id 
_pdbx_struct_conn_angle.ptnr1_label_comp_id 
_pdbx_struct_conn_angle.ptnr1_label_seq_id 
_pdbx_struct_conn_angle.ptnr1_auth_atom_id 
_pdbx_struct_conn_angle.ptnr1_auth_asym_id 
_pdbx_struct_conn_angle.ptnr1_auth_comp_id 
_pdbx_struct_conn_angle.ptnr1_auth_seq_id 
_pdbx_struct_conn_angle.ptnr1_PDB_ins_code 
_pdbx_struct_conn_angle.ptnr1_symmetry 
_pdbx_struct_conn_angle.ptnr2_label_atom_id 
_pdbx_struct_conn_angle.ptnr2_label_alt_id 
_pdbx_struct_conn_angle.ptnr2_label_asym_id 
_pdbx_struct_conn_angle.ptnr2_label_comp_id 
_pdbx_struct_conn_angle.ptnr2_label_seq_id 
_pdbx_struct_conn_angle.ptnr2_auth_atom_id 
_pdbx_struct_conn_angle.ptnr2_auth_asym_id 
_pdbx_struct_conn_angle.ptnr2_auth_comp_id 
_pdbx_struct_conn_angle.ptnr2_auth_seq_id 
_pdbx_struct_conn_angle.ptnr2_PDB_ins_code 
_pdbx_struct_conn_angle.ptnr2_symmetry 
_pdbx_struct_conn_angle.ptnr3_label_atom_id 
_pdbx_struct_conn_angle.ptnr3_label_alt_id 
_pdbx_struct_conn_angle.ptnr3_label_asym_id 
_pdbx_struct_conn_angle.ptnr3_label_comp_id 
_pdbx_struct_conn_angle.ptnr3_label_seq_id 
_pdbx_struct_conn_angle.ptnr3_auth_atom_id 
_pdbx_struct_conn_angle.ptnr3_auth_asym_id 
_pdbx_struct_conn_angle.ptnr3_auth_comp_id 
_pdbx_struct_conn_angle.ptnr3_auth_seq_id 
_pdbx_struct_conn_angle.ptnr3_PDB_ins_code 
_pdbx_struct_conn_angle.ptnr3_symmetry 
_pdbx_struct_conn_angle.value 
_pdbx_struct_conn_angle.value_esd 
1  OE1 ? A GLN 144 ? A GLN 143 ? 1_555 NA ? E NA  . ? A NA  370 ? 1_555 O  ? G HOH . ? A HOH 443 ? 1_555 138.6 ? 
2  O1  ? B WO4 .   ? A WO4 366 ? 1_555 ZN ? C ZN  . ? A ZN  367 ? 1_555 ZN ? D ZN  . ? A ZN  368 ? 1_555 38.3  ? 
3  ZN  ? C ZN  .   ? A ZN  367 ? 1_555 W  ? B WO4 . ? A WO4 366 ? 1_555 O1 ? B WO4 . ? A WO4 366 ? 1_555 26.3  ? 
4  ZN  ? C ZN  .   ? A ZN  367 ? 1_555 W  ? B WO4 . ? A WO4 366 ? 1_555 O2 ? B WO4 . ? A WO4 366 ? 1_555 103.3 ? 
5  O1  ? B WO4 .   ? A WO4 366 ? 1_555 W  ? B WO4 . ? A WO4 366 ? 1_555 O2 ? B WO4 . ? A WO4 366 ? 1_555 105.4 ? 
6  ZN  ? C ZN  .   ? A ZN  367 ? 1_555 W  ? B WO4 . ? A WO4 366 ? 1_555 O3 ? B WO4 . ? A WO4 366 ? 1_555 87.0  ? 
7  O1  ? B WO4 .   ? A WO4 366 ? 1_555 W  ? B WO4 . ? A WO4 366 ? 1_555 O3 ? B WO4 . ? A WO4 366 ? 1_555 110.7 ? 
8  O2  ? B WO4 .   ? A WO4 366 ? 1_555 W  ? B WO4 . ? A WO4 366 ? 1_555 O3 ? B WO4 . ? A WO4 366 ? 1_555 108.2 ? 
9  ZN  ? C ZN  .   ? A ZN  367 ? 1_555 W  ? B WO4 . ? A WO4 366 ? 1_555 O4 ? B WO4 . ? A WO4 366 ? 1_555 131.2 ? 
10 O1  ? B WO4 .   ? A WO4 366 ? 1_555 W  ? B WO4 . ? A WO4 366 ? 1_555 O4 ? B WO4 . ? A WO4 366 ? 1_555 108.7 ? 
11 O2  ? B WO4 .   ? A WO4 366 ? 1_555 W  ? B WO4 . ? A WO4 366 ? 1_555 O4 ? B WO4 . ? A WO4 366 ? 1_555 110.7 ? 
12 O3  ? B WO4 .   ? A WO4 366 ? 1_555 W  ? B WO4 . ? A WO4 366 ? 1_555 O4 ? B WO4 . ? A WO4 366 ? 1_555 112.9 ? 
13 ZN  ? C ZN  .   ? A ZN  367 ? 1_555 W  ? B WO4 . ? A WO4 366 ? 1_555 ZN ? D ZN  . ? A ZN  368 ? 1_555 48.5  ? 
14 O1  ? B WO4 .   ? A WO4 366 ? 1_555 W  ? B WO4 . ? A WO4 366 ? 1_555 ZN ? D ZN  . ? A ZN  368 ? 1_555 22.3  ? 
15 O2  ? B WO4 .   ? A WO4 366 ? 1_555 W  ? B WO4 . ? A WO4 366 ? 1_555 ZN ? D ZN  . ? A ZN  368 ? 1_555 101.0 ? 
16 O3  ? B WO4 .   ? A WO4 366 ? 1_555 W  ? B WO4 . ? A WO4 366 ? 1_555 ZN ? D ZN  . ? A ZN  368 ? 1_555 131.6 ? 
17 O4  ? B WO4 .   ? A WO4 366 ? 1_555 W  ? B WO4 . ? A WO4 366 ? 1_555 ZN ? D ZN  . ? A ZN  368 ? 1_555 90.6  ? 
18 ZN  ? C ZN  .   ? A ZN  367 ? 1_555 W  ? B WO4 . ? A WO4 366 ? 1_555 O  ? G HOH . ? A HOH 469 ? 1_555 59.1  ? 
19 O1  ? B WO4 .   ? A WO4 366 ? 1_555 W  ? B WO4 . ? A WO4 366 ? 1_555 O  ? G HOH . ? A HOH 469 ? 1_555 54.2  ? 
20 O2  ? B WO4 .   ? A WO4 366 ? 1_555 W  ? B WO4 . ? A WO4 366 ? 1_555 O  ? G HOH . ? A HOH 469 ? 1_555 159.6 ? 
21 O3  ? B WO4 .   ? A WO4 366 ? 1_555 W  ? B WO4 . ? A WO4 366 ? 1_555 O  ? G HOH . ? A HOH 469 ? 1_555 82.9  ? 
22 O4  ? B WO4 .   ? A WO4 366 ? 1_555 W  ? B WO4 . ? A WO4 366 ? 1_555 O  ? G HOH . ? A HOH 469 ? 1_555 78.9  ? 
23 ZN  ? D ZN  .   ? A ZN  368 ? 1_555 W  ? B WO4 . ? A WO4 366 ? 1_555 O  ? G HOH . ? A HOH 469 ? 1_555 60.0  ? 
# 
_struct_mon_prot_cis.pdbx_id                1 
_struct_mon_prot_cis.label_comp_id          GLY 
_struct_mon_prot_cis.label_seq_id           3 
_struct_mon_prot_cis.label_asym_id          A 
_struct_mon_prot_cis.label_alt_id           . 
_struct_mon_prot_cis.pdbx_PDB_ins_code      ? 
_struct_mon_prot_cis.auth_comp_id           GLY 
_struct_mon_prot_cis.auth_seq_id            2 
_struct_mon_prot_cis.auth_asym_id           A 
_struct_mon_prot_cis.pdbx_label_comp_id_2   THR 
_struct_mon_prot_cis.pdbx_label_seq_id_2    4 
_struct_mon_prot_cis.pdbx_label_asym_id_2   A 
_struct_mon_prot_cis.pdbx_PDB_ins_code_2    ? 
_struct_mon_prot_cis.pdbx_auth_comp_id_2    THR 
_struct_mon_prot_cis.pdbx_auth_seq_id_2     3 
_struct_mon_prot_cis.pdbx_auth_asym_id_2    A 
_struct_mon_prot_cis.pdbx_PDB_model_num     1 
_struct_mon_prot_cis.pdbx_omega_angle       2.19 
# 
_struct_sheet.id               A 
_struct_sheet.type             ? 
_struct_sheet.number_strands   5 
_struct_sheet.details          ? 
# 
loop_
_struct_sheet_order.sheet_id 
_struct_sheet_order.range_id_1 
_struct_sheet_order.range_id_2 
_struct_sheet_order.offset 
_struct_sheet_order.sense 
A 1 2 ? anti-parallel 
A 2 3 ? parallel      
A 3 4 ? parallel      
A 4 5 ? parallel      
# 
loop_
_struct_sheet_range.sheet_id 
_struct_sheet_range.id 
_struct_sheet_range.beg_label_comp_id 
_struct_sheet_range.beg_label_asym_id 
_struct_sheet_range.beg_label_seq_id 
_struct_sheet_range.pdbx_beg_PDB_ins_code 
_struct_sheet_range.end_label_comp_id 
_struct_sheet_range.end_label_asym_id 
_struct_sheet_range.end_label_seq_id 
_struct_sheet_range.pdbx_end_PDB_ins_code 
_struct_sheet_range.beg_auth_comp_id 
_struct_sheet_range.beg_auth_asym_id 
_struct_sheet_range.beg_auth_seq_id 
_struct_sheet_range.end_auth_comp_id 
_struct_sheet_range.end_auth_asym_id 
_struct_sheet_range.end_auth_seq_id 
A 1 PHE A 12 ? ALA A 16 ? PHE A 11 ALA A 15 
A 2 LEU A 19 ? ASN A 23 ? LEU A 18 ASN A 22 
A 3 SER A 91 ? CYS A 96 ? SER A 90 CYS A 95 
A 4 ILE A 38 ? ASN A 43 ? ILE A 37 ASN A 42 
A 5 ALA A 57 ? ARG A 60 ? ALA A 56 ARG A 59 
# 
loop_
_pdbx_struct_sheet_hbond.sheet_id 
_pdbx_struct_sheet_hbond.range_id_1 
_pdbx_struct_sheet_hbond.range_id_2 
_pdbx_struct_sheet_hbond.range_1_label_atom_id 
_pdbx_struct_sheet_hbond.range_1_label_comp_id 
_pdbx_struct_sheet_hbond.range_1_label_asym_id 
_pdbx_struct_sheet_hbond.range_1_label_seq_id 
_pdbx_struct_sheet_hbond.range_1_PDB_ins_code 
_pdbx_struct_sheet_hbond.range_1_auth_atom_id 
_pdbx_struct_sheet_hbond.range_1_auth_comp_id 
_pdbx_struct_sheet_hbond.range_1_auth_asym_id 
_pdbx_struct_sheet_hbond.range_1_auth_seq_id 
_pdbx_struct_sheet_hbond.range_2_label_atom_id 
_pdbx_struct_sheet_hbond.range_2_label_comp_id 
_pdbx_struct_sheet_hbond.range_2_label_asym_id 
_pdbx_struct_sheet_hbond.range_2_label_seq_id 
_pdbx_struct_sheet_hbond.range_2_PDB_ins_code 
_pdbx_struct_sheet_hbond.range_2_auth_atom_id 
_pdbx_struct_sheet_hbond.range_2_auth_comp_id 
_pdbx_struct_sheet_hbond.range_2_auth_asym_id 
_pdbx_struct_sheet_hbond.range_2_auth_seq_id 
A 1 2 N VAL A 15 ? N VAL A 14 O LEU A 19 ? O LEU A 18 
A 2 3 N PHE A 20 ? N PHE A 19 O CYS A 92 ? O CYS A 91 
A 3 4 O LEU A 93 ? O LEU A 92 N VAL A 42 ? N VAL A 41 
A 4 5 N THR A 39 ? N THR A 38 O ALA A 57 ? O ALA A 56 
# 
loop_
_struct_site.id 
_struct_site.pdbx_evidence_code 
_struct_site.pdbx_auth_asym_id 
_struct_site.pdbx_auth_comp_id 
_struct_site.pdbx_auth_seq_id 
_struct_site.pdbx_auth_ins_code 
_struct_site.pdbx_num_residues 
_struct_site.details 
AC1 Software A WO4 366 ? 9 'BINDING SITE FOR RESIDUE WO4 A 366' 
AC2 Software A ZN  367 ? 4 'BINDING SITE FOR RESIDUE ZN A 367'  
AC4 Software A ZN  368 ? 2 'BINDING SITE FOR RESIDUE ZN A 368'  
AC5 Software A NA  370 ? 3 'BINDING SITE FOR RESIDUE NA A 370'  
AC6 Software A GOL 369 ? 6 'BINDING SITE FOR RESIDUE GOL A 369' 
# 
loop_
_struct_site_gen.id 
_struct_site_gen.site_id 
_struct_site_gen.pdbx_num_res 
_struct_site_gen.label_comp_id 
_struct_site_gen.label_asym_id 
_struct_site_gen.label_seq_id 
_struct_site_gen.pdbx_auth_ins_code 
_struct_site_gen.auth_comp_id 
_struct_site_gen.auth_asym_id 
_struct_site_gen.auth_seq_id 
_struct_site_gen.label_atom_id 
_struct_site_gen.label_alt_id 
_struct_site_gen.symmetry 
_struct_site_gen.details 
1  AC1 9 ARG A 46  ? ARG A 45  . ? 1_555  ? 
2  AC1 9 GLN A 47  ? GLN A 46  . ? 1_555  ? 
3  AC1 9 GLN A 48  ? GLN A 47  . ? 1_555  ? 
4  AC1 9 LYS A 97  ? LYS A 96  . ? 1_555  ? 
5  AC1 9 ARG A 102 ? ARG A 101 . ? 1_555  ? 
6  AC1 9 ZN  C .   ? ZN  A 367 . ? 1_555  ? 
7  AC1 9 ZN  D .   ? ZN  A 368 . ? 1_555  ? 
8  AC1 9 HOH G .   ? HOH A 469 . ? 1_555  ? 
9  AC1 9 HOH G .   ? HOH A 472 . ? 1_555  ? 
10 AC2 4 ARG A 46  ? ARG A 45  . ? 1_555  ? 
11 AC2 4 WO4 B .   ? WO4 A 366 . ? 1_555  ? 
12 AC2 4 ZN  D .   ? ZN  A 368 . ? 1_555  ? 
13 AC2 4 HOH G .   ? HOH A 469 . ? 1_555  ? 
14 AC4 2 WO4 B .   ? WO4 A 366 . ? 1_555  ? 
15 AC4 2 ZN  C .   ? ZN  A 367 . ? 1_555  ? 
16 AC5 3 TRP A 140 ? TRP A 139 . ? 12_565 ? 
17 AC5 3 GLN A 144 ? GLN A 143 . ? 1_555  ? 
18 AC5 3 HOH G .   ? HOH A 443 . ? 1_555  ? 
19 AC6 6 PHE A 123 ? PHE A 122 . ? 1_555  ? 
20 AC6 6 LEU A 137 ? LEU A 136 . ? 1_555  ? 
21 AC6 6 TRP A 140 ? TRP A 139 . ? 1_555  ? 
22 AC6 6 HOH G .   ? HOH A 396 . ? 1_555  ? 
23 AC6 6 HOH G .   ? HOH A 437 . ? 1_555  ? 
24 AC6 6 HOH G .   ? HOH A 460 . ? 12_565 ? 
# 
loop_
_pdbx_validate_torsion.id 
_pdbx_validate_torsion.PDB_model_num 
_pdbx_validate_torsion.auth_comp_id 
_pdbx_validate_torsion.auth_asym_id 
_pdbx_validate_torsion.auth_seq_id 
_pdbx_validate_torsion.PDB_ins_code 
_pdbx_validate_torsion.label_alt_id 
_pdbx_validate_torsion.phi 
_pdbx_validate_torsion.psi 
1 1 LEU A 1   ? ? -67.73  90.05  
2 1 THR A 3   ? ? 77.26   127.54 
3 1 ALA A 17  ? ? 59.96   17.08  
4 1 ARG A 99  ? ? -111.37 -80.26 
5 1 GLU A 133 ? ? -168.01 92.34  
# 
_pdbx_SG_project.id                    1 
_pdbx_SG_project.project_name          'PSI, Protein Structure Initiative' 
_pdbx_SG_project.full_name_of_center   'New York SGX Research Center for Structural Genomics' 
_pdbx_SG_project.initial_of_center     NYSGXRC 
# 
_pdbx_database_remark.id     600 
_pdbx_database_remark.text   
;HETEROGEN
TUNGSTATE AND ZINC FORM A TIGHT COORDINATION COMPLEX
;
# 
loop_
_pdbx_unobs_or_zero_occ_residues.id 
_pdbx_unobs_or_zero_occ_residues.PDB_model_num 
_pdbx_unobs_or_zero_occ_residues.polymer_flag 
_pdbx_unobs_or_zero_occ_residues.occupancy_flag 
_pdbx_unobs_or_zero_occ_residues.auth_asym_id 
_pdbx_unobs_or_zero_occ_residues.auth_comp_id 
_pdbx_unobs_or_zero_occ_residues.auth_seq_id 
_pdbx_unobs_or_zero_occ_residues.PDB_ins_code 
_pdbx_unobs_or_zero_occ_residues.label_asym_id 
_pdbx_unobs_or_zero_occ_residues.label_comp_id 
_pdbx_unobs_or_zero_occ_residues.label_seq_id 
1 1 Y 1 A PRO 159 ? A PRO 160 
2 1 Y 1 A ILE 160 ? A ILE 161 
3 1 Y 1 A ASP 161 ? A ASP 162 
4 1 Y 1 A PRO 162 ? A PRO 163 
5 1 Y 1 A GLU 163 ? A GLU 164 
# 
loop_
_chem_comp_atom.comp_id 
_chem_comp_atom.atom_id 
_chem_comp_atom.type_symbol 
_chem_comp_atom.pdbx_aromatic_flag 
_chem_comp_atom.pdbx_stereo_config 
_chem_comp_atom.pdbx_ordinal 
ALA N    N  N N 1   
ALA CA   C  N S 2   
ALA C    C  N N 3   
ALA O    O  N N 4   
ALA CB   C  N N 5   
ALA OXT  O  N N 6   
ALA H    H  N N 7   
ALA H2   H  N N 8   
ALA HA   H  N N 9   
ALA HB1  H  N N 10  
ALA HB2  H  N N 11  
ALA HB3  H  N N 12  
ALA HXT  H  N N 13  
ARG N    N  N N 14  
ARG CA   C  N S 15  
ARG C    C  N N 16  
ARG O    O  N N 17  
ARG CB   C  N N 18  
ARG CG   C  N N 19  
ARG CD   C  N N 20  
ARG NE   N  N N 21  
ARG CZ   C  N N 22  
ARG NH1  N  N N 23  
ARG NH2  N  N N 24  
ARG OXT  O  N N 25  
ARG H    H  N N 26  
ARG H2   H  N N 27  
ARG HA   H  N N 28  
ARG HB2  H  N N 29  
ARG HB3  H  N N 30  
ARG HG2  H  N N 31  
ARG HG3  H  N N 32  
ARG HD2  H  N N 33  
ARG HD3  H  N N 34  
ARG HE   H  N N 35  
ARG HH11 H  N N 36  
ARG HH12 H  N N 37  
ARG HH21 H  N N 38  
ARG HH22 H  N N 39  
ARG HXT  H  N N 40  
ASN N    N  N N 41  
ASN CA   C  N S 42  
ASN C    C  N N 43  
ASN O    O  N N 44  
ASN CB   C  N N 45  
ASN CG   C  N N 46  
ASN OD1  O  N N 47  
ASN ND2  N  N N 48  
ASN OXT  O  N N 49  
ASN H    H  N N 50  
ASN H2   H  N N 51  
ASN HA   H  N N 52  
ASN HB2  H  N N 53  
ASN HB3  H  N N 54  
ASN HD21 H  N N 55  
ASN HD22 H  N N 56  
ASN HXT  H  N N 57  
ASP N    N  N N 58  
ASP CA   C  N S 59  
ASP C    C  N N 60  
ASP O    O  N N 61  
ASP CB   C  N N 62  
ASP CG   C  N N 63  
ASP OD1  O  N N 64  
ASP OD2  O  N N 65  
ASP OXT  O  N N 66  
ASP H    H  N N 67  
ASP H2   H  N N 68  
ASP HA   H  N N 69  
ASP HB2  H  N N 70  
ASP HB3  H  N N 71  
ASP HD2  H  N N 72  
ASP HXT  H  N N 73  
CYS N    N  N N 74  
CYS CA   C  N R 75  
CYS C    C  N N 76  
CYS O    O  N N 77  
CYS CB   C  N N 78  
CYS SG   S  N N 79  
CYS OXT  O  N N 80  
CYS H    H  N N 81  
CYS H2   H  N N 82  
CYS HA   H  N N 83  
CYS HB2  H  N N 84  
CYS HB3  H  N N 85  
CYS HG   H  N N 86  
CYS HXT  H  N N 87  
GLN N    N  N N 88  
GLN CA   C  N S 89  
GLN C    C  N N 90  
GLN O    O  N N 91  
GLN CB   C  N N 92  
GLN CG   C  N N 93  
GLN CD   C  N N 94  
GLN OE1  O  N N 95  
GLN NE2  N  N N 96  
GLN OXT  O  N N 97  
GLN H    H  N N 98  
GLN H2   H  N N 99  
GLN HA   H  N N 100 
GLN HB2  H  N N 101 
GLN HB3  H  N N 102 
GLN HG2  H  N N 103 
GLN HG3  H  N N 104 
GLN HE21 H  N N 105 
GLN HE22 H  N N 106 
GLN HXT  H  N N 107 
GLU N    N  N N 108 
GLU CA   C  N S 109 
GLU C    C  N N 110 
GLU O    O  N N 111 
GLU CB   C  N N 112 
GLU CG   C  N N 113 
GLU CD   C  N N 114 
GLU OE1  O  N N 115 
GLU OE2  O  N N 116 
GLU OXT  O  N N 117 
GLU H    H  N N 118 
GLU H2   H  N N 119 
GLU HA   H  N N 120 
GLU HB2  H  N N 121 
GLU HB3  H  N N 122 
GLU HG2  H  N N 123 
GLU HG3  H  N N 124 
GLU HE2  H  N N 125 
GLU HXT  H  N N 126 
GLY N    N  N N 127 
GLY CA   C  N N 128 
GLY C    C  N N 129 
GLY O    O  N N 130 
GLY OXT  O  N N 131 
GLY H    H  N N 132 
GLY H2   H  N N 133 
GLY HA2  H  N N 134 
GLY HA3  H  N N 135 
GLY HXT  H  N N 136 
GOL C1   C  N N 137 
GOL O1   O  N N 138 
GOL C2   C  N N 139 
GOL O2   O  N N 140 
GOL C3   C  N N 141 
GOL O3   O  N N 142 
GOL H11  H  N N 143 
GOL H12  H  N N 144 
GOL HO1  H  N N 145 
GOL H2   H  N N 146 
GOL HO2  H  N N 147 
GOL H31  H  N N 148 
GOL H32  H  N N 149 
GOL HO3  H  N N 150 
HIS N    N  N N 151 
HIS CA   C  N S 152 
HIS C    C  N N 153 
HIS O    O  N N 154 
HIS CB   C  N N 155 
HIS CG   C  Y N 156 
HIS ND1  N  Y N 157 
HIS CD2  C  Y N 158 
HIS CE1  C  Y N 159 
HIS NE2  N  Y N 160 
HIS OXT  O  N N 161 
HIS H    H  N N 162 
HIS H2   H  N N 163 
HIS HA   H  N N 164 
HIS HB2  H  N N 165 
HIS HB3  H  N N 166 
HIS HD1  H  N N 167 
HIS HD2  H  N N 168 
HIS HE1  H  N N 169 
HIS HE2  H  N N 170 
HIS HXT  H  N N 171 
HOH O    O  N N 172 
HOH H1   H  N N 173 
HOH H2   H  N N 174 
ILE N    N  N N 175 
ILE CA   C  N S 176 
ILE C    C  N N 177 
ILE O    O  N N 178 
ILE CB   C  N S 179 
ILE CG1  C  N N 180 
ILE CG2  C  N N 181 
ILE CD1  C  N N 182 
ILE OXT  O  N N 183 
ILE H    H  N N 184 
ILE H2   H  N N 185 
ILE HA   H  N N 186 
ILE HB   H  N N 187 
ILE HG12 H  N N 188 
ILE HG13 H  N N 189 
ILE HG21 H  N N 190 
ILE HG22 H  N N 191 
ILE HG23 H  N N 192 
ILE HD11 H  N N 193 
ILE HD12 H  N N 194 
ILE HD13 H  N N 195 
ILE HXT  H  N N 196 
LEU N    N  N N 197 
LEU CA   C  N S 198 
LEU C    C  N N 199 
LEU O    O  N N 200 
LEU CB   C  N N 201 
LEU CG   C  N N 202 
LEU CD1  C  N N 203 
LEU CD2  C  N N 204 
LEU OXT  O  N N 205 
LEU H    H  N N 206 
LEU H2   H  N N 207 
LEU HA   H  N N 208 
LEU HB2  H  N N 209 
LEU HB3  H  N N 210 
LEU HG   H  N N 211 
LEU HD11 H  N N 212 
LEU HD12 H  N N 213 
LEU HD13 H  N N 214 
LEU HD21 H  N N 215 
LEU HD22 H  N N 216 
LEU HD23 H  N N 217 
LEU HXT  H  N N 218 
LYS N    N  N N 219 
LYS CA   C  N S 220 
LYS C    C  N N 221 
LYS O    O  N N 222 
LYS CB   C  N N 223 
LYS CG   C  N N 224 
LYS CD   C  N N 225 
LYS CE   C  N N 226 
LYS NZ   N  N N 227 
LYS OXT  O  N N 228 
LYS H    H  N N 229 
LYS H2   H  N N 230 
LYS HA   H  N N 231 
LYS HB2  H  N N 232 
LYS HB3  H  N N 233 
LYS HG2  H  N N 234 
LYS HG3  H  N N 235 
LYS HD2  H  N N 236 
LYS HD3  H  N N 237 
LYS HE2  H  N N 238 
LYS HE3  H  N N 239 
LYS HZ1  H  N N 240 
LYS HZ2  H  N N 241 
LYS HZ3  H  N N 242 
LYS HXT  H  N N 243 
MET N    N  N N 244 
MET CA   C  N S 245 
MET C    C  N N 246 
MET O    O  N N 247 
MET CB   C  N N 248 
MET CG   C  N N 249 
MET SD   S  N N 250 
MET CE   C  N N 251 
MET OXT  O  N N 252 
MET H    H  N N 253 
MET H2   H  N N 254 
MET HA   H  N N 255 
MET HB2  H  N N 256 
MET HB3  H  N N 257 
MET HG2  H  N N 258 
MET HG3  H  N N 259 
MET HE1  H  N N 260 
MET HE2  H  N N 261 
MET HE3  H  N N 262 
MET HXT  H  N N 263 
NA  NA   NA N N 264 
PHE N    N  N N 265 
PHE CA   C  N S 266 
PHE C    C  N N 267 
PHE O    O  N N 268 
PHE CB   C  N N 269 
PHE CG   C  Y N 270 
PHE CD1  C  Y N 271 
PHE CD2  C  Y N 272 
PHE CE1  C  Y N 273 
PHE CE2  C  Y N 274 
PHE CZ   C  Y N 275 
PHE OXT  O  N N 276 
PHE H    H  N N 277 
PHE H2   H  N N 278 
PHE HA   H  N N 279 
PHE HB2  H  N N 280 
PHE HB3  H  N N 281 
PHE HD1  H  N N 282 
PHE HD2  H  N N 283 
PHE HE1  H  N N 284 
PHE HE2  H  N N 285 
PHE HZ   H  N N 286 
PHE HXT  H  N N 287 
PRO N    N  N N 288 
PRO CA   C  N S 289 
PRO C    C  N N 290 
PRO O    O  N N 291 
PRO CB   C  N N 292 
PRO CG   C  N N 293 
PRO CD   C  N N 294 
PRO OXT  O  N N 295 
PRO H    H  N N 296 
PRO HA   H  N N 297 
PRO HB2  H  N N 298 
PRO HB3  H  N N 299 
PRO HG2  H  N N 300 
PRO HG3  H  N N 301 
PRO HD2  H  N N 302 
PRO HD3  H  N N 303 
PRO HXT  H  N N 304 
SER N    N  N N 305 
SER CA   C  N S 306 
SER C    C  N N 307 
SER O    O  N N 308 
SER CB   C  N N 309 
SER OG   O  N N 310 
SER OXT  O  N N 311 
SER H    H  N N 312 
SER H2   H  N N 313 
SER HA   H  N N 314 
SER HB2  H  N N 315 
SER HB3  H  N N 316 
SER HG   H  N N 317 
SER HXT  H  N N 318 
THR N    N  N N 319 
THR CA   C  N S 320 
THR C    C  N N 321 
THR O    O  N N 322 
THR CB   C  N R 323 
THR OG1  O  N N 324 
THR CG2  C  N N 325 
THR OXT  O  N N 326 
THR H    H  N N 327 
THR H2   H  N N 328 
THR HA   H  N N 329 
THR HB   H  N N 330 
THR HG1  H  N N 331 
THR HG21 H  N N 332 
THR HG22 H  N N 333 
THR HG23 H  N N 334 
THR HXT  H  N N 335 
TRP N    N  N N 336 
TRP CA   C  N S 337 
TRP C    C  N N 338 
TRP O    O  N N 339 
TRP CB   C  N N 340 
TRP CG   C  Y N 341 
TRP CD1  C  Y N 342 
TRP CD2  C  Y N 343 
TRP NE1  N  Y N 344 
TRP CE2  C  Y N 345 
TRP CE3  C  Y N 346 
TRP CZ2  C  Y N 347 
TRP CZ3  C  Y N 348 
TRP CH2  C  Y N 349 
TRP OXT  O  N N 350 
TRP H    H  N N 351 
TRP H2   H  N N 352 
TRP HA   H  N N 353 
TRP HB2  H  N N 354 
TRP HB3  H  N N 355 
TRP HD1  H  N N 356 
TRP HE1  H  N N 357 
TRP HE3  H  N N 358 
TRP HZ2  H  N N 359 
TRP HZ3  H  N N 360 
TRP HH2  H  N N 361 
TRP HXT  H  N N 362 
TYR N    N  N N 363 
TYR CA   C  N S 364 
TYR C    C  N N 365 
TYR O    O  N N 366 
TYR CB   C  N N 367 
TYR CG   C  Y N 368 
TYR CD1  C  Y N 369 
TYR CD2  C  Y N 370 
TYR CE1  C  Y N 371 
TYR CE2  C  Y N 372 
TYR CZ   C  Y N 373 
TYR OH   O  N N 374 
TYR OXT  O  N N 375 
TYR H    H  N N 376 
TYR H2   H  N N 377 
TYR HA   H  N N 378 
TYR HB2  H  N N 379 
TYR HB3  H  N N 380 
TYR HD1  H  N N 381 
TYR HD2  H  N N 382 
TYR HE1  H  N N 383 
TYR HE2  H  N N 384 
TYR HH   H  N N 385 
TYR HXT  H  N N 386 
VAL N    N  N N 387 
VAL CA   C  N S 388 
VAL C    C  N N 389 
VAL O    O  N N 390 
VAL CB   C  N N 391 
VAL CG1  C  N N 392 
VAL CG2  C  N N 393 
VAL OXT  O  N N 394 
VAL H    H  N N 395 
VAL H2   H  N N 396 
VAL HA   H  N N 397 
VAL HB   H  N N 398 
VAL HG11 H  N N 399 
VAL HG12 H  N N 400 
VAL HG13 H  N N 401 
VAL HG21 H  N N 402 
VAL HG22 H  N N 403 
VAL HG23 H  N N 404 
VAL HXT  H  N N 405 
WO4 W    W  N N 406 
WO4 O1   O  N N 407 
WO4 O2   O  N N 408 
WO4 O3   O  N N 409 
WO4 O4   O  N N 410 
ZN  ZN   ZN N N 411 
# 
loop_
_chem_comp_bond.comp_id 
_chem_comp_bond.atom_id_1 
_chem_comp_bond.atom_id_2 
_chem_comp_bond.value_order 
_chem_comp_bond.pdbx_aromatic_flag 
_chem_comp_bond.pdbx_stereo_config 
_chem_comp_bond.pdbx_ordinal 
ALA N   CA   sing N N 1   
ALA N   H    sing N N 2   
ALA N   H2   sing N N 3   
ALA CA  C    sing N N 4   
ALA CA  CB   sing N N 5   
ALA CA  HA   sing N N 6   
ALA C   O    doub N N 7   
ALA C   OXT  sing N N 8   
ALA CB  HB1  sing N N 9   
ALA CB  HB2  sing N N 10  
ALA CB  HB3  sing N N 11  
ALA OXT HXT  sing N N 12  
ARG N   CA   sing N N 13  
ARG N   H    sing N N 14  
ARG N   H2   sing N N 15  
ARG CA  C    sing N N 16  
ARG CA  CB   sing N N 17  
ARG CA  HA   sing N N 18  
ARG C   O    doub N N 19  
ARG C   OXT  sing N N 20  
ARG CB  CG   sing N N 21  
ARG CB  HB2  sing N N 22  
ARG CB  HB3  sing N N 23  
ARG CG  CD   sing N N 24  
ARG CG  HG2  sing N N 25  
ARG CG  HG3  sing N N 26  
ARG CD  NE   sing N N 27  
ARG CD  HD2  sing N N 28  
ARG CD  HD3  sing N N 29  
ARG NE  CZ   sing N N 30  
ARG NE  HE   sing N N 31  
ARG CZ  NH1  sing N N 32  
ARG CZ  NH2  doub N N 33  
ARG NH1 HH11 sing N N 34  
ARG NH1 HH12 sing N N 35  
ARG NH2 HH21 sing N N 36  
ARG NH2 HH22 sing N N 37  
ARG OXT HXT  sing N N 38  
ASN N   CA   sing N N 39  
ASN N   H    sing N N 40  
ASN N   H2   sing N N 41  
ASN CA  C    sing N N 42  
ASN CA  CB   sing N N 43  
ASN CA  HA   sing N N 44  
ASN C   O    doub N N 45  
ASN C   OXT  sing N N 46  
ASN CB  CG   sing N N 47  
ASN CB  HB2  sing N N 48  
ASN CB  HB3  sing N N 49  
ASN CG  OD1  doub N N 50  
ASN CG  ND2  sing N N 51  
ASN ND2 HD21 sing N N 52  
ASN ND2 HD22 sing N N 53  
ASN OXT HXT  sing N N 54  
ASP N   CA   sing N N 55  
ASP N   H    sing N N 56  
ASP N   H2   sing N N 57  
ASP CA  C    sing N N 58  
ASP CA  CB   sing N N 59  
ASP CA  HA   sing N N 60  
ASP C   O    doub N N 61  
ASP C   OXT  sing N N 62  
ASP CB  CG   sing N N 63  
ASP CB  HB2  sing N N 64  
ASP CB  HB3  sing N N 65  
ASP CG  OD1  doub N N 66  
ASP CG  OD2  sing N N 67  
ASP OD2 HD2  sing N N 68  
ASP OXT HXT  sing N N 69  
CYS N   CA   sing N N 70  
CYS N   H    sing N N 71  
CYS N   H2   sing N N 72  
CYS CA  C    sing N N 73  
CYS CA  CB   sing N N 74  
CYS CA  HA   sing N N 75  
CYS C   O    doub N N 76  
CYS C   OXT  sing N N 77  
CYS CB  SG   sing N N 78  
CYS CB  HB2  sing N N 79  
CYS CB  HB3  sing N N 80  
CYS SG  HG   sing N N 81  
CYS OXT HXT  sing N N 82  
GLN N   CA   sing N N 83  
GLN N   H    sing N N 84  
GLN N   H2   sing N N 85  
GLN CA  C    sing N N 86  
GLN CA  CB   sing N N 87  
GLN CA  HA   sing N N 88  
GLN C   O    doub N N 89  
GLN C   OXT  sing N N 90  
GLN CB  CG   sing N N 91  
GLN CB  HB2  sing N N 92  
GLN CB  HB3  sing N N 93  
GLN CG  CD   sing N N 94  
GLN CG  HG2  sing N N 95  
GLN CG  HG3  sing N N 96  
GLN CD  OE1  doub N N 97  
GLN CD  NE2  sing N N 98  
GLN NE2 HE21 sing N N 99  
GLN NE2 HE22 sing N N 100 
GLN OXT HXT  sing N N 101 
GLU N   CA   sing N N 102 
GLU N   H    sing N N 103 
GLU N   H2   sing N N 104 
GLU CA  C    sing N N 105 
GLU CA  CB   sing N N 106 
GLU CA  HA   sing N N 107 
GLU C   O    doub N N 108 
GLU C   OXT  sing N N 109 
GLU CB  CG   sing N N 110 
GLU CB  HB2  sing N N 111 
GLU CB  HB3  sing N N 112 
GLU CG  CD   sing N N 113 
GLU CG  HG2  sing N N 114 
GLU CG  HG3  sing N N 115 
GLU CD  OE1  doub N N 116 
GLU CD  OE2  sing N N 117 
GLU OE2 HE2  sing N N 118 
GLU OXT HXT  sing N N 119 
GLY N   CA   sing N N 120 
GLY N   H    sing N N 121 
GLY N   H2   sing N N 122 
GLY CA  C    sing N N 123 
GLY CA  HA2  sing N N 124 
GLY CA  HA3  sing N N 125 
GLY C   O    doub N N 126 
GLY C   OXT  sing N N 127 
GLY OXT HXT  sing N N 128 
GOL C1  O1   sing N N 129 
GOL C1  C2   sing N N 130 
GOL C1  H11  sing N N 131 
GOL C1  H12  sing N N 132 
GOL O1  HO1  sing N N 133 
GOL C2  O2   sing N N 134 
GOL C2  C3   sing N N 135 
GOL C2  H2   sing N N 136 
GOL O2  HO2  sing N N 137 
GOL C3  O3   sing N N 138 
GOL C3  H31  sing N N 139 
GOL C3  H32  sing N N 140 
GOL O3  HO3  sing N N 141 
HIS N   CA   sing N N 142 
HIS N   H    sing N N 143 
HIS N   H2   sing N N 144 
HIS CA  C    sing N N 145 
HIS CA  CB   sing N N 146 
HIS CA  HA   sing N N 147 
HIS C   O    doub N N 148 
HIS C   OXT  sing N N 149 
HIS CB  CG   sing N N 150 
HIS CB  HB2  sing N N 151 
HIS CB  HB3  sing N N 152 
HIS CG  ND1  sing Y N 153 
HIS CG  CD2  doub Y N 154 
HIS ND1 CE1  doub Y N 155 
HIS ND1 HD1  sing N N 156 
HIS CD2 NE2  sing Y N 157 
HIS CD2 HD2  sing N N 158 
HIS CE1 NE2  sing Y N 159 
HIS CE1 HE1  sing N N 160 
HIS NE2 HE2  sing N N 161 
HIS OXT HXT  sing N N 162 
HOH O   H1   sing N N 163 
HOH O   H2   sing N N 164 
ILE N   CA   sing N N 165 
ILE N   H    sing N N 166 
ILE N   H2   sing N N 167 
ILE CA  C    sing N N 168 
ILE CA  CB   sing N N 169 
ILE CA  HA   sing N N 170 
ILE C   O    doub N N 171 
ILE C   OXT  sing N N 172 
ILE CB  CG1  sing N N 173 
ILE CB  CG2  sing N N 174 
ILE CB  HB   sing N N 175 
ILE CG1 CD1  sing N N 176 
ILE CG1 HG12 sing N N 177 
ILE CG1 HG13 sing N N 178 
ILE CG2 HG21 sing N N 179 
ILE CG2 HG22 sing N N 180 
ILE CG2 HG23 sing N N 181 
ILE CD1 HD11 sing N N 182 
ILE CD1 HD12 sing N N 183 
ILE CD1 HD13 sing N N 184 
ILE OXT HXT  sing N N 185 
LEU N   CA   sing N N 186 
LEU N   H    sing N N 187 
LEU N   H2   sing N N 188 
LEU CA  C    sing N N 189 
LEU CA  CB   sing N N 190 
LEU CA  HA   sing N N 191 
LEU C   O    doub N N 192 
LEU C   OXT  sing N N 193 
LEU CB  CG   sing N N 194 
LEU CB  HB2  sing N N 195 
LEU CB  HB3  sing N N 196 
LEU CG  CD1  sing N N 197 
LEU CG  CD2  sing N N 198 
LEU CG  HG   sing N N 199 
LEU CD1 HD11 sing N N 200 
LEU CD1 HD12 sing N N 201 
LEU CD1 HD13 sing N N 202 
LEU CD2 HD21 sing N N 203 
LEU CD2 HD22 sing N N 204 
LEU CD2 HD23 sing N N 205 
LEU OXT HXT  sing N N 206 
LYS N   CA   sing N N 207 
LYS N   H    sing N N 208 
LYS N   H2   sing N N 209 
LYS CA  C    sing N N 210 
LYS CA  CB   sing N N 211 
LYS CA  HA   sing N N 212 
LYS C   O    doub N N 213 
LYS C   OXT  sing N N 214 
LYS CB  CG   sing N N 215 
LYS CB  HB2  sing N N 216 
LYS CB  HB3  sing N N 217 
LYS CG  CD   sing N N 218 
LYS CG  HG2  sing N N 219 
LYS CG  HG3  sing N N 220 
LYS CD  CE   sing N N 221 
LYS CD  HD2  sing N N 222 
LYS CD  HD3  sing N N 223 
LYS CE  NZ   sing N N 224 
LYS CE  HE2  sing N N 225 
LYS CE  HE3  sing N N 226 
LYS NZ  HZ1  sing N N 227 
LYS NZ  HZ2  sing N N 228 
LYS NZ  HZ3  sing N N 229 
LYS OXT HXT  sing N N 230 
MET N   CA   sing N N 231 
MET N   H    sing N N 232 
MET N   H2   sing N N 233 
MET CA  C    sing N N 234 
MET CA  CB   sing N N 235 
MET CA  HA   sing N N 236 
MET C   O    doub N N 237 
MET C   OXT  sing N N 238 
MET CB  CG   sing N N 239 
MET CB  HB2  sing N N 240 
MET CB  HB3  sing N N 241 
MET CG  SD   sing N N 242 
MET CG  HG2  sing N N 243 
MET CG  HG3  sing N N 244 
MET SD  CE   sing N N 245 
MET CE  HE1  sing N N 246 
MET CE  HE2  sing N N 247 
MET CE  HE3  sing N N 248 
MET OXT HXT  sing N N 249 
PHE N   CA   sing N N 250 
PHE N   H    sing N N 251 
PHE N   H2   sing N N 252 
PHE CA  C    sing N N 253 
PHE CA  CB   sing N N 254 
PHE CA  HA   sing N N 255 
PHE C   O    doub N N 256 
PHE C   OXT  sing N N 257 
PHE CB  CG   sing N N 258 
PHE CB  HB2  sing N N 259 
PHE CB  HB3  sing N N 260 
PHE CG  CD1  doub Y N 261 
PHE CG  CD2  sing Y N 262 
PHE CD1 CE1  sing Y N 263 
PHE CD1 HD1  sing N N 264 
PHE CD2 CE2  doub Y N 265 
PHE CD2 HD2  sing N N 266 
PHE CE1 CZ   doub Y N 267 
PHE CE1 HE1  sing N N 268 
PHE CE2 CZ   sing Y N 269 
PHE CE2 HE2  sing N N 270 
PHE CZ  HZ   sing N N 271 
PHE OXT HXT  sing N N 272 
PRO N   CA   sing N N 273 
PRO N   CD   sing N N 274 
PRO N   H    sing N N 275 
PRO CA  C    sing N N 276 
PRO CA  CB   sing N N 277 
PRO CA  HA   sing N N 278 
PRO C   O    doub N N 279 
PRO C   OXT  sing N N 280 
PRO CB  CG   sing N N 281 
PRO CB  HB2  sing N N 282 
PRO CB  HB3  sing N N 283 
PRO CG  CD   sing N N 284 
PRO CG  HG2  sing N N 285 
PRO CG  HG3  sing N N 286 
PRO CD  HD2  sing N N 287 
PRO CD  HD3  sing N N 288 
PRO OXT HXT  sing N N 289 
SER N   CA   sing N N 290 
SER N   H    sing N N 291 
SER N   H2   sing N N 292 
SER CA  C    sing N N 293 
SER CA  CB   sing N N 294 
SER CA  HA   sing N N 295 
SER C   O    doub N N 296 
SER C   OXT  sing N N 297 
SER CB  OG   sing N N 298 
SER CB  HB2  sing N N 299 
SER CB  HB3  sing N N 300 
SER OG  HG   sing N N 301 
SER OXT HXT  sing N N 302 
THR N   CA   sing N N 303 
THR N   H    sing N N 304 
THR N   H2   sing N N 305 
THR CA  C    sing N N 306 
THR CA  CB   sing N N 307 
THR CA  HA   sing N N 308 
THR C   O    doub N N 309 
THR C   OXT  sing N N 310 
THR CB  OG1  sing N N 311 
THR CB  CG2  sing N N 312 
THR CB  HB   sing N N 313 
THR OG1 HG1  sing N N 314 
THR CG2 HG21 sing N N 315 
THR CG2 HG22 sing N N 316 
THR CG2 HG23 sing N N 317 
THR OXT HXT  sing N N 318 
TRP N   CA   sing N N 319 
TRP N   H    sing N N 320 
TRP N   H2   sing N N 321 
TRP CA  C    sing N N 322 
TRP CA  CB   sing N N 323 
TRP CA  HA   sing N N 324 
TRP C   O    doub N N 325 
TRP C   OXT  sing N N 326 
TRP CB  CG   sing N N 327 
TRP CB  HB2  sing N N 328 
TRP CB  HB3  sing N N 329 
TRP CG  CD1  doub Y N 330 
TRP CG  CD2  sing Y N 331 
TRP CD1 NE1  sing Y N 332 
TRP CD1 HD1  sing N N 333 
TRP CD2 CE2  doub Y N 334 
TRP CD2 CE3  sing Y N 335 
TRP NE1 CE2  sing Y N 336 
TRP NE1 HE1  sing N N 337 
TRP CE2 CZ2  sing Y N 338 
TRP CE3 CZ3  doub Y N 339 
TRP CE3 HE3  sing N N 340 
TRP CZ2 CH2  doub Y N 341 
TRP CZ2 HZ2  sing N N 342 
TRP CZ3 CH2  sing Y N 343 
TRP CZ3 HZ3  sing N N 344 
TRP CH2 HH2  sing N N 345 
TRP OXT HXT  sing N N 346 
TYR N   CA   sing N N 347 
TYR N   H    sing N N 348 
TYR N   H2   sing N N 349 
TYR CA  C    sing N N 350 
TYR CA  CB   sing N N 351 
TYR CA  HA   sing N N 352 
TYR C   O    doub N N 353 
TYR C   OXT  sing N N 354 
TYR CB  CG   sing N N 355 
TYR CB  HB2  sing N N 356 
TYR CB  HB3  sing N N 357 
TYR CG  CD1  doub Y N 358 
TYR CG  CD2  sing Y N 359 
TYR CD1 CE1  sing Y N 360 
TYR CD1 HD1  sing N N 361 
TYR CD2 CE2  doub Y N 362 
TYR CD2 HD2  sing N N 363 
TYR CE1 CZ   doub Y N 364 
TYR CE1 HE1  sing N N 365 
TYR CE2 CZ   sing Y N 366 
TYR CE2 HE2  sing N N 367 
TYR CZ  OH   sing N N 368 
TYR OH  HH   sing N N 369 
TYR OXT HXT  sing N N 370 
VAL N   CA   sing N N 371 
VAL N   H    sing N N 372 
VAL N   H2   sing N N 373 
VAL CA  C    sing N N 374 
VAL CA  CB   sing N N 375 
VAL CA  HA   sing N N 376 
VAL C   O    doub N N 377 
VAL C   OXT  sing N N 378 
VAL CB  CG1  sing N N 379 
VAL CB  CG2  sing N N 380 
VAL CB  HB   sing N N 381 
VAL CG1 HG11 sing N N 382 
VAL CG1 HG12 sing N N 383 
VAL CG1 HG13 sing N N 384 
VAL CG2 HG21 sing N N 385 
VAL CG2 HG22 sing N N 386 
VAL CG2 HG23 sing N N 387 
VAL OXT HXT  sing N N 388 
WO4 W   O1   doub N N 389 
WO4 W   O2   doub N N 390 
WO4 W   O3   sing N N 391 
WO4 W   O4   sing N N 392 
# 
_atom_sites.entry_id                    2HCM 
_atom_sites.fract_transf_matrix[1][1]   -0.01430656 
_atom_sites.fract_transf_matrix[1][2]   -0.01610611 
_atom_sites.fract_transf_matrix[1][3]   0.00262905 
_atom_sites.fract_transf_matrix[2][1]   0.00464588 
_atom_sites.fract_transf_matrix[2][2]   -0.01992798 
_atom_sites.fract_transf_matrix[2][3]   -0.00722968 
_atom_sites.fract_transf_matrix[3][1]   0.00237218 
_atom_sites.fract_transf_matrix[3][2]   -0.00128164 
_atom_sites.fract_transf_matrix[3][3]   0.00505713 
_atom_sites.fract_transf_vector[1]      0.895795 
_atom_sites.fract_transf_vector[2]      0.609724 
_atom_sites.fract_transf_vector[3]      0.034742 
# 
loop_
_atom_type.symbol 
C  
N  
NA 
O  
S  
W  
ZN 
# 
loop_
_atom_site.group_PDB 
_atom_site.id 
_atom_site.type_symbol 
_atom_site.label_atom_id 
_atom_site.label_alt_id 
_atom_site.label_comp_id 
_atom_site.label_asym_id 
_atom_site.label_entity_id 
_atom_site.label_seq_id 
_atom_site.pdbx_PDB_ins_code 
_atom_site.Cartn_x 
_atom_site.Cartn_y 
_atom_site.Cartn_z 
_atom_site.occupancy 
_atom_site.B_iso_or_equiv 
_atom_site.pdbx_formal_charge 
_atom_site.auth_seq_id 
_atom_site.auth_comp_id 
_atom_site.auth_asym_id 
_atom_site.auth_atom_id 
_atom_site.pdbx_PDB_model_num 
ATOM   1    N  N   . SER A 1 1   ? -10.582 16.869  -15.448 1.00 110.22 ? 0   SER A N   1 
ATOM   2    C  CA  . SER A 1 1   ? -11.293 17.684  -16.479 1.00 109.97 ? 0   SER A CA  1 
ATOM   3    C  C   . SER A 1 1   ? -11.927 16.797  -17.551 1.00 109.62 ? 0   SER A C   1 
ATOM   4    O  O   . SER A 1 1   ? -11.222 16.056  -18.245 1.00 107.96 ? 0   SER A O   1 
ATOM   5    C  CB  . SER A 1 1   ? -10.330 18.692  -17.119 1.00 110.08 ? 0   SER A CB  1 
ATOM   6    O  OG  . SER A 1 1   ? -10.975 19.464  -18.118 1.00 106.32 ? 0   SER A OG  1 
ATOM   7    N  N   . LEU A 1 2   ? -13.254 16.873  -17.674 1.00 110.12 ? 1   LEU A N   1 
ATOM   8    C  CA  . LEU A 1 2   ? -13.988 16.101  -18.688 1.00 109.27 ? 1   LEU A CA  1 
ATOM   9    C  C   . LEU A 1 2   ? -13.669 16.585  -20.105 1.00 107.55 ? 1   LEU A C   1 
ATOM   10   O  O   . LEU A 1 2   ? -14.319 17.486  -20.647 1.00 104.90 ? 1   LEU A O   1 
ATOM   11   C  CB  . LEU A 1 2   ? -15.508 16.048  -18.424 1.00 109.48 ? 1   LEU A CB  1 
ATOM   12   C  CG  . LEU A 1 2   ? -16.291 17.215  -17.809 1.00 109.34 ? 1   LEU A CG  1 
ATOM   13   C  CD1 . LEU A 1 2   ? -17.676 17.320  -18.434 1.00 107.95 ? 1   LEU A CD1 1 
ATOM   14   C  CD2 . LEU A 1 2   ? -16.405 17.058  -16.296 1.00 102.67 ? 1   LEU A CD2 1 
ATOM   15   N  N   . GLY A 1 3   ? -12.639 15.972  -20.682 1.00 106.22 ? 2   GLY A N   1 
ATOM   16   C  CA  . GLY A 1 3   ? -12.116 16.375  -21.974 1.00 102.41 ? 2   GLY A CA  1 
ATOM   17   C  C   . GLY A 1 3   ? -12.347 15.340  -23.057 1.00 99.23  ? 2   GLY A C   1 
ATOM   18   O  O   . GLY A 1 3   ? -13.503 15.017  -23.332 1.00 100.28 ? 2   GLY A O   1 
ATOM   19   N  N   . THR A 1 4   ? -11.299 14.802  -23.700 1.00 95.04  ? 3   THR A N   1 
ATOM   20   C  CA  . THR A 1 4   ? -9.829  15.023  -23.499 1.00 89.41  ? 3   THR A CA  1 
ATOM   21   C  C   . THR A 1 4   ? -9.122  14.343  -22.309 1.00 83.95  ? 3   THR A C   1 
ATOM   22   O  O   . THR A 1 4   ? -9.531  14.460  -21.150 1.00 82.42  ? 3   THR A O   1 
ATOM   23   C  CB  . THR A 1 4   ? -9.299  16.493  -23.726 1.00 90.14  ? 3   THR A CB  1 
ATOM   24   O  OG1 . THR A 1 4   ? -9.336  17.243  -22.501 1.00 86.83  ? 3   THR A OG1 1 
ATOM   25   C  CG2 . THR A 1 4   ? -10.071 17.205  -24.834 1.00 92.12  ? 3   THR A CG2 1 
ATOM   26   N  N   . SER A 1 5   ? -8.039  13.642  -22.653 1.00 77.28  ? 4   SER A N   1 
ATOM   27   C  CA  . SER A 1 5   ? -7.199  12.878  -21.727 1.00 67.73  ? 4   SER A CA  1 
ATOM   28   C  C   . SER A 1 5   ? -6.443  13.775  -20.755 1.00 64.50  ? 4   SER A C   1 
ATOM   29   O  O   . SER A 1 5   ? -6.377  14.994  -20.935 1.00 62.65  ? 4   SER A O   1 
ATOM   30   C  CB  . SER A 1 5   ? -6.167  12.068  -22.524 1.00 66.78  ? 4   SER A CB  1 
ATOM   31   O  OG  . SER A 1 5   ? -5.157  12.919  -23.052 1.00 43.17  ? 4   SER A OG  1 
ATOM   32   N  N   . GLU A 1 6   ? -5.767  13.141  -19.799 1.00 58.81  ? 5   GLU A N   1 
ATOM   33   C  CA  . GLU A 1 6   ? -4.931  13.839  -18.828 1.00 55.17  ? 5   GLU A CA  1 
ATOM   34   C  C   . GLU A 1 6   ? -3.478  13.607  -19.259 1.00 49.41  ? 5   GLU A C   1 
ATOM   35   O  O   . GLU A 1 6   ? -3.007  12.471  -19.286 1.00 45.59  ? 5   GLU A O   1 
ATOM   36   C  CB  . GLU A 1 6   ? -5.158  13.278  -17.424 1.00 60.55  ? 5   GLU A CB  1 
ATOM   37   C  CG  . GLU A 1 6   ? -5.654  14.303  -16.418 1.00 73.93  ? 5   GLU A CG  1 
ATOM   38   C  CD  . GLU A 1 6   ? -5.835  15.679  -17.029 1.00 87.28  ? 5   GLU A CD  1 
ATOM   39   O  OE1 . GLU A 1 6   ? -4.864  16.205  -17.611 1.00 91.47  ? 5   GLU A OE1 1 
ATOM   40   O  OE2 . GLU A 1 6   ? -6.950  16.234  -16.928 1.00 93.81  ? 5   GLU A OE2 1 
ATOM   41   N  N   . ALA A 1 7   ? -2.781  14.684  -19.612 1.00 41.05  ? 6   ALA A N   1 
ATOM   42   C  CA  . ALA A 1 7   ? -1.403  14.602  -20.078 1.00 44.65  ? 6   ALA A CA  1 
ATOM   43   C  C   . ALA A 1 7   ? -0.484  13.819  -19.161 1.00 44.79  ? 6   ALA A C   1 
ATOM   44   O  O   . ALA A 1 7   ? 0.219   12.908  -19.600 1.00 43.51  ? 6   ALA A O   1 
ATOM   45   C  CB  . ALA A 1 7   ? -0.843  15.995  -20.326 1.00 48.65  ? 6   ALA A CB  1 
ATOM   46   N  N   . ALA A 1 8   ? -0.486  14.184  -17.888 1.00 40.08  ? 7   ALA A N   1 
ATOM   47   C  CA  . ALA A 1 8   ? 0.370   13.518  -16.917 1.00 37.39  ? 7   ALA A CA  1 
ATOM   48   C  C   . ALA A 1 8   ? -0.462  12.385  -16.359 1.00 31.66  ? 7   ALA A C   1 
ATOM   49   O  O   . ALA A 1 8   ? -1.692  12.499  -16.288 1.00 32.57  ? 7   ALA A O   1 
ATOM   50   C  CB  . ALA A 1 8   ? 0.805   14.472  -15.797 1.00 31.80  ? 7   ALA A CB  1 
ATOM   51   N  N   . PRO A 1 9   ? 0.188   11.277  -15.978 1.00 28.36  ? 8   PRO A N   1 
ATOM   52   C  CA  . PRO A 1 9   ? -0.641  10.175  -15.505 1.00 28.74  ? 8   PRO A CA  1 
ATOM   53   C  C   . PRO A 1 9   ? -1.133  10.488  -14.090 1.00 28.30  ? 8   PRO A C   1 
ATOM   54   O  O   . PRO A 1 9   ? -0.590  11.387  -13.451 1.00 27.11  ? 8   PRO A O   1 
ATOM   55   C  CB  . PRO A 1 9   ? 0.324   8.989   -15.525 1.00 26.65  ? 8   PRO A CB  1 
ATOM   56   C  CG  . PRO A 1 9   ? 1.684   9.610   -15.280 1.00 29.59  ? 8   PRO A CG  1 
ATOM   57   C  CD  . PRO A 1 9   ? 1.634   10.965  -15.930 1.00 27.50  ? 8   PRO A CD  1 
ATOM   58   N  N   . PRO A 1 10  ? -2.164  9.773   -13.601 1.00 28.77  ? 9   PRO A N   1 
ATOM   59   C  CA  . PRO A 1 10  ? -2.475  9.980   -12.190 1.00 25.67  ? 9   PRO A CA  1 
ATOM   60   C  C   . PRO A 1 10  ? -1.311  9.437   -11.349 1.00 23.01  ? 9   PRO A C   1 
ATOM   61   O  O   . PRO A 1 10  ? -0.614  8.503   -11.784 1.00 23.35  ? 9   PRO A O   1 
ATOM   62   C  CB  . PRO A 1 10  ? -3.736  9.130   -11.985 1.00 25.15  ? 9   PRO A CB  1 
ATOM   63   C  CG  . PRO A 1 10  ? -3.629  8.054   -13.027 1.00 31.17  ? 9   PRO A CG  1 
ATOM   64   C  CD  . PRO A 1 10  ? -3.053  8.776   -14.222 1.00 26.66  ? 9   PRO A CD  1 
ATOM   65   N  N   . PRO A 1 11  ? -1.077  10.021  -10.162 1.00 21.44  ? 10  PRO A N   1 
ATOM   66   C  CA  . PRO A 1 11  ? 0.028   9.540   -9.343  1.00 23.45  ? 10  PRO A CA  1 
ATOM   67   C  C   . PRO A 1 11  ? -0.285  8.270   -8.543  1.00 22.45  ? 10  PRO A C   1 
ATOM   68   O  O   . PRO A 1 11  ? 0.398   7.986   -7.561  1.00 23.21  ? 10  PRO A O   1 
ATOM   69   C  CB  . PRO A 1 11  ? 0.322   10.731  -8.417  1.00 22.20  ? 10  PRO A CB  1 
ATOM   70   C  CG  . PRO A 1 11  ? -0.998  11.439  -8.300  1.00 25.58  ? 10  PRO A CG  1 
ATOM   71   C  CD  . PRO A 1 11  ? -1.780  11.163  -9.551  1.00 21.50  ? 10  PRO A CD  1 
ATOM   72   N  N   . PHE A 1 12  ? -1.283  7.504   -8.985  1.00 21.74  ? 11  PHE A N   1 
ATOM   73   C  CA  . PHE A 1 12  ? -1.598  6.212   -8.381  1.00 20.21  ? 11  PHE A CA  1 
ATOM   74   C  C   . PHE A 1 12  ? -2.407  5.336   -9.337  1.00 22.24  ? 11  PHE A C   1 
ATOM   75   O  O   . PHE A 1 12  ? -2.901  5.806   -10.358 1.00 23.72  ? 11  PHE A O   1 
ATOM   76   C  CB  . PHE A 1 12  ? -2.351  6.374   -7.048  1.00 20.58  ? 11  PHE A CB  1 
ATOM   77   C  CG  . PHE A 1 12  ? -3.584  7.240   -7.133  1.00 21.46  ? 11  PHE A CG  1 
ATOM   78   C  CD1 . PHE A 1 12  ? -4.792  6.717   -7.570  1.00 22.88  ? 11  PHE A CD1 1 
ATOM   79   C  CD2 . PHE A 1 12  ? -3.534  8.573   -6.755  1.00 23.99  ? 11  PHE A CD2 1 
ATOM   80   C  CE1 . PHE A 1 12  ? -5.924  7.516   -7.650  1.00 31.20  ? 11  PHE A CE1 1 
ATOM   81   C  CE2 . PHE A 1 12  ? -4.652  9.375   -6.828  1.00 19.01  ? 11  PHE A CE2 1 
ATOM   82   C  CZ  . PHE A 1 12  ? -5.853  8.848   -7.268  1.00 27.78  ? 11  PHE A CZ  1 
ATOM   83   N  N   . ALA A 1 13  ? -2.548  4.066   -8.975  1.00 19.50  ? 12  ALA A N   1 
ATOM   84   C  CA  . ALA A 1 13  ? -3.251  3.096   -9.791  1.00 17.67  ? 12  ALA A CA  1 
ATOM   85   C  C   . ALA A 1 13  ? -3.937  2.077   -8.890  1.00 18.40  ? 12  ALA A C   1 
ATOM   86   O  O   . ALA A 1 13  ? -3.471  1.770   -7.789  1.00 17.02  ? 12  ALA A O   1 
ATOM   87   C  CB  . ALA A 1 13  ? -2.278  2.389   -10.724 1.00 19.48  ? 12  ALA A CB  1 
ATOM   88   N  N   . ARG A 1 14  ? -5.034  1.534   -9.387  1.00 19.45  ? 13  ARG A N   1 
ATOM   89   C  CA  . ARG A 1 14  ? -5.842  0.603   -8.621  1.00 18.33  ? 13  ARG A CA  1 
ATOM   90   C  C   . ARG A 1 14  ? -5.209  -0.765  -8.662  1.00 20.43  ? 13  ARG A C   1 
ATOM   91   O  O   . ARG A 1 14  ? -4.895  -1.279  -9.737  1.00 21.08  ? 13  ARG A O   1 
ATOM   92   C  CB  . ARG A 1 14  ? -7.253  0.563   -9.195  1.00 22.92  ? 13  ARG A CB  1 
ATOM   93   C  CG  . ARG A 1 14  ? -8.248  -0.316  -8.455  1.00 25.28  ? 13  ARG A CG  1 
ATOM   94   C  CD  . ARG A 1 14  ? -9.557  -0.231  -9.235  1.00 41.68  ? 13  ARG A CD  1 
ATOM   95   N  NE  . ARG A 1 14  ? -10.639 -1.074  -8.745  1.00 43.58  ? 13  ARG A NE  1 
ATOM   96   C  CZ  . ARG A 1 14  ? -10.732 -2.386  -8.956  1.00 52.73  ? 13  ARG A CZ  1 
ATOM   97   N  NH1 . ARG A 1 14  ? -9.780  -3.034  -9.624  1.00 46.14  ? 13  ARG A NH1 1 
ATOM   98   N  NH2 . ARG A 1 14  ? -11.778 -3.054  -8.480  1.00 43.96  ? 13  ARG A NH2 1 
ATOM   99   N  N   . VAL A 1 15  ? -5.003  -1.331  -7.474  1.00 17.61  ? 14  VAL A N   1 
ATOM   100  C  CA  . VAL A 1 15  ? -4.452  -2.666  -7.309  1.00 19.62  ? 14  VAL A CA  1 
ATOM   101  C  C   . VAL A 1 15  ? -5.570  -3.704  -7.206  1.00 22.25  ? 14  VAL A C   1 
ATOM   102  O  O   . VAL A 1 15  ? -5.462  -4.813  -7.765  1.00 20.88  ? 14  VAL A O   1 
ATOM   103  C  CB  . VAL A 1 15  ? -3.558  -2.723  -6.043  1.00 21.26  ? 14  VAL A CB  1 
ATOM   104  C  CG1 . VAL A 1 15  ? -3.050  -4.129  -5.761  1.00 18.02  ? 14  VAL A CG1 1 
ATOM   105  C  CG2 . VAL A 1 15  ? -2.368  -1.728  -6.186  1.00 17.83  ? 14  VAL A CG2 1 
ATOM   106  N  N   . ALA A 1 16  ? -6.626  -3.332  -6.485  1.00 19.43  ? 15  ALA A N   1 
ATOM   107  C  CA  . ALA A 1 16  ? -7.744  -4.218  -6.172  1.00 18.45  ? 15  ALA A CA  1 
ATOM   108  C  C   . ALA A 1 16  ? -8.884  -3.320  -5.692  1.00 20.31  ? 15  ALA A C   1 
ATOM   109  O  O   . ALA A 1 16  ? -8.657  -2.131  -5.511  1.00 20.88  ? 15  ALA A O   1 
ATOM   110  C  CB  . ALA A 1 16  ? -7.324  -5.209  -5.086  1.00 20.46  ? 15  ALA A CB  1 
ATOM   111  N  N   . PRO A 1 17  ? -10.119 -3.855  -5.515  1.00 20.58  ? 16  PRO A N   1 
ATOM   112  C  CA  . PRO A 1 17  ? -11.177 -2.999  -4.954  1.00 20.18  ? 16  PRO A CA  1 
ATOM   113  C  C   . PRO A 1 17  ? -10.697 -2.242  -3.706  1.00 20.22  ? 16  PRO A C   1 
ATOM   114  O  O   . PRO A 1 17  ? -10.050 -2.837  -2.828  1.00 19.15  ? 16  PRO A O   1 
ATOM   115  C  CB  . PRO A 1 17  ? -12.275 -4.006  -4.580  1.00 19.75  ? 16  PRO A CB  1 
ATOM   116  C  CG  . PRO A 1 17  ? -12.139 -5.072  -5.625  1.00 21.42  ? 16  PRO A CG  1 
ATOM   117  C  CD  . PRO A 1 17  ? -10.632 -5.204  -5.834  1.00 19.25  ? 16  PRO A CD  1 
ATOM   118  N  N   . ALA A 1 18  ? -10.981 -0.941  -3.680  1.00 18.69  ? 17  ALA A N   1 
ATOM   119  C  CA  . ALA A 1 18  ? -10.679 -0.038  -2.563  1.00 19.14  ? 17  ALA A CA  1 
ATOM   120  C  C   . ALA A 1 18  ? -9.189  0.082   -2.194  1.00 19.60  ? 17  ALA A C   1 
ATOM   121  O  O   . ALA A 1 18  ? -8.839  0.566   -1.115  1.00 18.78  ? 17  ALA A O   1 
ATOM   122  C  CB  . ALA A 1 18  ? -11.541 -0.392  -1.326  1.00 15.53  ? 17  ALA A CB  1 
ATOM   123  N  N   . LEU A 1 19  ? -8.308  -0.336  -3.101  1.00 20.36  ? 18  LEU A N   1 
ATOM   124  C  CA  . LEU A 1 19  ? -6.876  -0.322  -2.816  1.00 17.72  ? 18  LEU A CA  1 
ATOM   125  C  C   . LEU A 1 19  ? -6.061  0.252   -3.981  1.00 19.31  ? 18  LEU A C   1 
ATOM   126  O  O   . LEU A 1 19  ? -6.116  -0.257  -5.100  1.00 18.12  ? 18  LEU A O   1 
ATOM   127  C  CB  . LEU A 1 19  ? -6.385  -1.740  -2.462  1.00 17.58  ? 18  LEU A CB  1 
ATOM   128  C  CG  . LEU A 1 19  ? -4.871  -1.859  -2.219  1.00 16.25  ? 18  LEU A CG  1 
ATOM   129  C  CD1 . LEU A 1 19  ? -4.457  -1.094  -0.960  1.00 16.80  ? 18  LEU A CD1 1 
ATOM   130  C  CD2 . LEU A 1 19  ? -4.396  -3.311  -2.132  1.00 17.88  ? 18  LEU A CD2 1 
ATOM   131  N  N   . PHE A 1 20  ? -5.303  1.309   -3.700  1.00 17.52  ? 19  PHE A N   1 
ATOM   132  C  CA  . PHE A 1 20  ? -4.464  1.967   -4.704  1.00 16.94  ? 19  PHE A CA  1 
ATOM   133  C  C   . PHE A 1 20  ? -3.025  2.025   -4.226  1.00 19.78  ? 19  PHE A C   1 
ATOM   134  O  O   . PHE A 1 20  ? -2.762  2.090   -3.019  1.00 15.10  ? 19  PHE A O   1 
ATOM   135  C  CB  . PHE A 1 20  ? -4.928  3.416   -4.974  1.00 15.56  ? 19  PHE A CB  1 
ATOM   136  C  CG  . PHE A 1 20  ? -6.322  3.522   -5.524  1.00 20.11  ? 19  PHE A CG  1 
ATOM   137  C  CD1 . PHE A 1 20  ? -6.531  3.666   -6.887  1.00 16.36  ? 19  PHE A CD1 1 
ATOM   138  C  CD2 . PHE A 1 20  ? -7.425  3.506   -4.676  1.00 19.19  ? 19  PHE A CD2 1 
ATOM   139  C  CE1 . PHE A 1 20  ? -7.817  3.765   -7.411  1.00 21.42  ? 19  PHE A CE1 1 
ATOM   140  C  CE2 . PHE A 1 20  ? -8.725  3.604   -5.186  1.00 33.15  ? 19  PHE A CE2 1 
ATOM   141  C  CZ  . PHE A 1 20  ? -8.924  3.734   -6.553  1.00 26.98  ? 19  PHE A CZ  1 
ATOM   142  N  N   . ILE A 1 21  ? -2.100  2.009   -5.186  1.00 17.31  ? 20  ILE A N   1 
ATOM   143  C  CA  . ILE A 1 21  ? -0.678  2.207   -4.917  1.00 16.73  ? 20  ILE A CA  1 
ATOM   144  C  C   . ILE A 1 21  ? -0.216  3.417   -5.714  1.00 21.32  ? 20  ILE A C   1 
ATOM   145  O  O   . ILE A 1 21  ? -0.668  3.632   -6.842  1.00 20.04  ? 20  ILE A O   1 
ATOM   146  C  CB  . ILE A 1 21  ? 0.181   0.960   -5.297  1.00 19.47  ? 20  ILE A CB  1 
ATOM   147  C  CG1 . ILE A 1 21  ? 1.644   1.157   -4.860  1.00 16.28  ? 20  ILE A CG1 1 
ATOM   148  C  CG2 . ILE A 1 21  ? 0.089   0.645   -6.814  1.00 19.81  ? 20  ILE A CG2 1 
ATOM   149  C  CD1 . ILE A 1 21  ? 2.542   -0.069  -5.091  1.00 21.87  ? 20  ILE A CD1 1 
ATOM   150  N  N   . GLY A 1 22  ? 0.690   4.198   -5.137  1.00 20.40  ? 21  GLY A N   1 
ATOM   151  C  CA  . GLY A 1 22  ? 1.216   5.348   -5.829  1.00 21.84  ? 21  GLY A CA  1 
ATOM   152  C  C   . GLY A 1 22  ? 2.473   5.920   -5.216  1.00 15.42  ? 21  GLY A C   1 
ATOM   153  O  O   . GLY A 1 22  ? 3.168   5.267   -4.426  1.00 18.59  ? 21  GLY A O   1 
ATOM   154  N  N   . ASN A 1 23  ? 2.746   7.163   -5.579  1.00 18.19  ? 22  ASN A N   1 
ATOM   155  C  CA  . ASN A 1 23  ? 3.926   7.862   -5.111  1.00 21.07  ? 22  ASN A CA  1 
ATOM   156  C  C   . ASN A 1 23  ? 3.545   9.183   -4.439  1.00 17.59  ? 22  ASN A C   1 
ATOM   157  O  O   . ASN A 1 23  ? 2.397   9.631   -4.529  1.00 19.05  ? 22  ASN A O   1 
ATOM   158  C  CB  . ASN A 1 23  ? 4.858   8.135   -6.291  1.00 18.71  ? 22  ASN A CB  1 
ATOM   159  C  CG  . ASN A 1 23  ? 4.237   9.082   -7.292  1.00 17.38  ? 22  ASN A CG  1 
ATOM   160  O  OD1 . ASN A 1 23  ? 4.260   10.288  -7.103  1.00 18.63  ? 22  ASN A OD1 1 
ATOM   161  N  ND2 . ASN A 1 23  ? 3.676   8.533   -8.369  1.00 19.12  ? 22  ASN A ND2 1 
ATOM   162  N  N   . ALA A 1 24  ? 4.533   9.823   -3.823  1.00 17.74  ? 23  ALA A N   1 
ATOM   163  C  CA  . ALA A 1 24  ? 4.313   11.030  -3.015  1.00 19.15  ? 23  ALA A CA  1 
ATOM   164  C  C   . ALA A 1 24  ? 3.735   12.244  -3.751  1.00 18.79  ? 23  ALA A C   1 
ATOM   165  O  O   . ALA A 1 24  ? 3.200   13.156  -3.114  1.00 21.93  ? 23  ALA A O   1 
ATOM   166  C  CB  . ALA A 1 24  ? 5.598   11.410  -2.285  1.00 16.19  ? 23  ALA A CB  1 
ATOM   167  N  N   . ARG A 1 25  ? 3.818   12.273  -5.082  1.00 18.68  ? 24  ARG A N   1 
ATOM   168  C  CA  . ARG A 1 25  ? 3.166   13.361  -5.832  1.00 19.35  ? 24  ARG A CA  1 
ATOM   169  C  C   . ARG A 1 25  ? 1.636   13.331  -5.698  1.00 20.47  ? 24  ARG A C   1 
ATOM   170  O  O   . ARG A 1 25  ? 0.971   14.332  -5.956  1.00 20.65  ? 24  ARG A O   1 
ATOM   171  C  CB  . ARG A 1 25  ? 3.580   13.373  -7.315  1.00 20.86  ? 24  ARG A CB  1 
ATOM   172  C  CG  . ARG A 1 25  ? 5.087   13.436  -7.531  1.00 17.84  ? 24  ARG A CG  1 
ATOM   173  C  CD  . ARG A 1 25  ? 5.729   14.661  -6.882  1.00 17.15  ? 24  ARG A CD  1 
ATOM   174  N  NE  . ARG A 1 25  ? 5.284   15.917  -7.499  1.00 19.57  ? 24  ARG A NE  1 
ATOM   175  C  CZ  . ARG A 1 25  ? 5.565   17.124  -7.013  1.00 26.16  ? 24  ARG A CZ  1 
ATOM   176  N  NH1 . ARG A 1 25  ? 6.267   17.234  -5.888  1.00 21.35  ? 24  ARG A NH1 1 
ATOM   177  N  NH2 . ARG A 1 25  ? 5.137   18.221  -7.637  1.00 19.88  ? 24  ARG A NH2 1 
ATOM   178  N  N   . ALA A 1 26  ? 1.102   12.186  -5.270  1.00 20.17  ? 25  ALA A N   1 
ATOM   179  C  CA  . ALA A 1 26  ? -0.320  12.046  -4.928  1.00 20.84  ? 25  ALA A CA  1 
ATOM   180  C  C   . ALA A 1 26  ? -0.768  12.941  -3.787  1.00 21.67  ? 25  ALA A C   1 
ATOM   181  O  O   . ALA A 1 26  ? -1.930  13.311  -3.723  1.00 21.55  ? 25  ALA A O   1 
ATOM   182  C  CB  . ALA A 1 26  ? -0.654  10.584  -4.592  1.00 18.17  ? 25  ALA A CB  1 
ATOM   183  N  N   . ALA A 1 27  ? 0.148   13.265  -2.877  1.00 24.67  ? 26  ALA A N   1 
ATOM   184  C  CA  . ALA A 1 27  ? -0.180  14.062  -1.697  1.00 24.70  ? 26  ALA A CA  1 
ATOM   185  C  C   . ALA A 1 27  ? -0.911  15.356  -2.036  1.00 28.22  ? 26  ALA A C   1 
ATOM   186  O  O   . ALA A 1 27  ? -1.865  15.726  -1.355  1.00 27.88  ? 26  ALA A O   1 
ATOM   187  C  CB  . ALA A 1 27  ? 1.069   14.363  -0.885  1.00 25.01  ? 26  ALA A CB  1 
ATOM   188  N  N   . GLY A 1 28  ? -0.467  16.027  -3.095  1.00 27.80  ? 27  GLY A N   1 
ATOM   189  C  CA  . GLY A 1 28  ? -1.040  17.307  -3.495  1.00 33.98  ? 27  GLY A CA  1 
ATOM   190  C  C   . GLY A 1 28  ? -2.187  17.213  -4.482  1.00 34.08  ? 27  GLY A C   1 
ATOM   191  O  O   . GLY A 1 28  ? -2.802  18.223  -4.811  1.00 34.54  ? 27  GLY A O   1 
ATOM   192  N  N   . ALA A 1 29  ? -2.478  16.002  -4.953  1.00 30.52  ? 28  ALA A N   1 
ATOM   193  C  CA  . ALA A 1 29  ? -3.538  15.776  -5.931  1.00 29.74  ? 28  ALA A CA  1 
ATOM   194  C  C   . ALA A 1 29  ? -4.914  15.681  -5.269  1.00 29.84  ? 28  ALA A C   1 
ATOM   195  O  O   . ALA A 1 29  ? -5.615  14.675  -5.415  1.00 28.86  ? 28  ALA A O   1 
ATOM   196  C  CB  . ALA A 1 29  ? -3.249  14.536  -6.748  1.00 26.46  ? 28  ALA A CB  1 
ATOM   197  N  N   . THR A 1 30  ? -5.284  16.749  -4.562  1.00 30.17  ? 29  THR A N   1 
ATOM   198  C  CA  . THR A 1 30  ? -6.524  16.832  -3.782  1.00 34.55  ? 29  THR A CA  1 
ATOM   199  C  C   . THR A 1 30  ? -7.748  16.326  -4.537  1.00 36.81  ? 29  THR A C   1 
ATOM   200  O  O   . THR A 1 30  ? -8.451  15.442  -4.048  1.00 36.52  ? 29  THR A O   1 
ATOM   201  C  CB  . THR A 1 30  ? -6.753  18.271  -3.285  1.00 34.06  ? 29  THR A CB  1 
ATOM   202  O  OG1 . THR A 1 30  ? -5.646  18.657  -2.463  1.00 43.57  ? 29  THR A OG1 1 
ATOM   203  C  CG2 . THR A 1 30  ? -8.050  18.394  -2.473  1.00 38.82  ? 29  THR A CG2 1 
ATOM   204  N  N   . GLU A 1 31  ? -7.980  16.855  -5.738  1.00 40.85  ? 30  GLU A N   1 
ATOM   205  C  CA  . GLU A 1 31  ? -9.176  16.502  -6.511  1.00 38.31  ? 30  GLU A CA  1 
ATOM   206  C  C   . GLU A 1 31  ? -9.220  15.036  -6.950  1.00 32.98  ? 30  GLU A C   1 
ATOM   207  O  O   . GLU A 1 31  ? -10.288 14.418  -6.948  1.00 31.82  ? 30  GLU A O   1 
ATOM   208  C  CB  . GLU A 1 31  ? -9.353  17.424  -7.722  1.00 42.76  ? 30  GLU A CB  1 
ATOM   209  C  CG  . GLU A 1 31  ? -10.821 17.585  -8.129  1.00 62.89  ? 30  GLU A CG  1 
ATOM   210  C  CD  . GLU A 1 31  ? -11.044 17.547  -9.636  1.00 82.24  ? 30  GLU A CD  1 
ATOM   211  O  OE1 . GLU A 1 31  ? -10.761 16.494  -10.256 1.00 91.07  ? 30  GLU A OE1 1 
ATOM   212  O  OE2 . GLU A 1 31  ? -11.525 18.561  -10.193 1.00 86.06  ? 30  GLU A OE2 1 
ATOM   213  N  N   . LEU A 1 32  ? -8.068  14.483  -7.322  1.00 28.00  ? 31  LEU A N   1 
ATOM   214  C  CA  . LEU A 1 32  ? -7.979  13.068  -7.688  1.00 29.66  ? 31  LEU A CA  1 
ATOM   215  C  C   . LEU A 1 32  ? -8.225  12.150  -6.500  1.00 30.50  ? 31  LEU A C   1 
ATOM   216  O  O   . LEU A 1 32  ? -8.847  11.099  -6.649  1.00 34.79  ? 31  LEU A O   1 
ATOM   217  C  CB  . LEU A 1 32  ? -6.626  12.738  -8.320  1.00 33.50  ? 31  LEU A CB  1 
ATOM   218  C  CG  . LEU A 1 32  ? -6.315  13.423  -9.651  1.00 40.74  ? 31  LEU A CG  1 
ATOM   219  C  CD1 . LEU A 1 32  ? -5.008  12.892  -10.225 1.00 34.25  ? 31  LEU A CD1 1 
ATOM   220  C  CD2 . LEU A 1 32  ? -7.461  13.232  -10.632 1.00 35.21  ? 31  LEU A CD2 1 
ATOM   221  N  N   . LEU A 1 33  ? -7.730  12.547  -5.327  1.00 29.74  ? 32  LEU A N   1 
ATOM   222  C  CA  . LEU A 1 33  ? -7.963  11.791  -4.097  1.00 27.29  ? 32  LEU A CA  1 
ATOM   223  C  C   . LEU A 1 33  ? -9.450  11.746  -3.755  1.00 28.55  ? 32  LEU A C   1 
ATOM   224  O  O   . LEU A 1 33  ? -9.994  10.681  -3.494  1.00 28.18  ? 32  LEU A O   1 
ATOM   225  C  CB  . LEU A 1 33  ? -7.166  12.383  -2.931  1.00 26.60  ? 32  LEU A CB  1 
ATOM   226  C  CG  . LEU A 1 33  ? -5.633  12.343  -2.993  1.00 28.65  ? 32  LEU A CG  1 
ATOM   227  C  CD1 . LEU A 1 33  ? -5.048  13.033  -1.767  1.00 19.54  ? 32  LEU A CD1 1 
ATOM   228  C  CD2 . LEU A 1 33  ? -5.128  10.911  -3.096  1.00 20.80  ? 32  LEU A CD2 1 
ATOM   229  N  N   . VAL A 1 34  ? -10.105 12.905  -3.781  1.00 33.06  ? 33  VAL A N   1 
ATOM   230  C  CA  . VAL A 1 34  ? -11.546 12.984  -3.504  1.00 34.19  ? 33  VAL A CA  1 
ATOM   231  C  C   . VAL A 1 34  ? -12.366 12.208  -4.541  1.00 33.87  ? 33  VAL A C   1 
ATOM   232  O  O   . VAL A 1 34  ? -13.271 11.439  -4.183  1.00 36.17  ? 33  VAL A O   1 
ATOM   233  C  CB  . VAL A 1 34  ? -12.032 14.461  -3.355  1.00 36.51  ? 33  VAL A CB  1 
ATOM   234  C  CG1 . VAL A 1 34  ? -13.529 14.525  -3.046  1.00 34.44  ? 33  VAL A CG1 1 
ATOM   235  C  CG2 . VAL A 1 34  ? -11.257 15.158  -2.241  1.00 36.36  ? 33  VAL A CG2 1 
ATOM   236  N  N   . ARG A 1 35  ? -12.017 12.369  -5.814  1.00 35.42  ? 34  ARG A N   1 
ATOM   237  C  CA  . ARG A 1 35  ? -12.710 11.678  -6.907  1.00 39.28  ? 34  ARG A CA  1 
ATOM   238  C  C   . ARG A 1 35  ? -12.626 10.154  -6.811  1.00 38.52  ? 34  ARG A C   1 
ATOM   239  O  O   . ARG A 1 35  ? -13.591 9.452   -7.126  1.00 36.51  ? 34  ARG A O   1 
ATOM   240  C  CB  . ARG A 1 35  ? -12.166 12.139  -8.258  1.00 46.70  ? 34  ARG A CB  1 
ATOM   241  C  CG  . ARG A 1 35  ? -13.179 12.105  -9.389  1.00 58.56  ? 34  ARG A CG  1 
ATOM   242  C  CD  . ARG A 1 35  ? -12.660 12.866  -10.596 1.00 70.88  ? 34  ARG A CD  1 
ATOM   243  N  NE  . ARG A 1 35  ? -11.727 12.070  -11.394 1.00 78.82  ? 34  ARG A NE  1 
ATOM   244  C  CZ  . ARG A 1 35  ? -10.830 12.583  -12.232 1.00 86.64  ? 34  ARG A CZ  1 
ATOM   245  N  NH1 . ARG A 1 35  ? -10.027 11.779  -12.920 1.00 89.02  ? 34  ARG A NH1 1 
ATOM   246  N  NH2 . ARG A 1 35  ? -10.723 13.900  -12.379 1.00 84.87  ? 34  ARG A NH2 1 
ATOM   247  N  N   . ALA A 1 36  ? -11.474 9.644   -6.372  1.00 30.18  ? 35  ALA A N   1 
ATOM   248  C  CA  . ALA A 1 36  ? -11.292 8.213   -6.182  1.00 25.85  ? 35  ALA A CA  1 
ATOM   249  C  C   . ALA A 1 36  ? -11.931 7.704   -4.890  1.00 28.34  ? 35  ALA A C   1 
ATOM   250  O  O   . ALA A 1 36  ? -11.950 6.500   -4.641  1.00 32.63  ? 35  ALA A O   1 
ATOM   251  C  CB  . ALA A 1 36  ? -9.808  7.857   -6.222  1.00 30.28  ? 35  ALA A CB  1 
ATOM   252  N  N   . GLY A 1 37  ? -12.451 8.615   -4.069  1.00 25.22  ? 36  GLY A N   1 
ATOM   253  C  CA  . GLY A 1 37  ? -13.028 8.246   -2.776  1.00 26.69  ? 36  GLY A CA  1 
ATOM   254  C  C   . GLY A 1 37  ? -12.015 7.692   -1.779  1.00 26.08  ? 36  GLY A C   1 
ATOM   255  O  O   . GLY A 1 37  ? -12.367 6.901   -0.903  1.00 26.29  ? 36  GLY A O   1 
ATOM   256  N  N   . ILE A 1 38  ? -10.758 8.109   -1.919  1.00 25.42  ? 37  ILE A N   1 
ATOM   257  C  CA  . ILE A 1 38  ? -9.704  7.776   -0.964  1.00 22.68  ? 37  ILE A CA  1 
ATOM   258  C  C   . ILE A 1 38  ? -9.952  8.513   0.349   1.00 21.17  ? 37  ILE A C   1 
ATOM   259  O  O   . ILE A 1 38  ? -10.146 9.726   0.355   1.00 20.96  ? 37  ILE A O   1 
ATOM   260  C  CB  . ILE A 1 38  ? -8.292  8.115   -1.553  1.00 26.24  ? 37  ILE A CB  1 
ATOM   261  C  CG1 . ILE A 1 38  ? -7.994  7.176   -2.732  1.00 22.84  ? 37  ILE A CG1 1 
ATOM   262  C  CG2 . ILE A 1 38  ? -7.193  8.034   -0.461  1.00 18.33  ? 37  ILE A CG2 1 
ATOM   263  C  CD1 . ILE A 1 38  ? -6.963  7.696   -3.707  1.00 26.26  ? 37  ILE A CD1 1 
ATOM   264  N  N   . THR A 1 39  ? -9.985  7.766   1.449   1.00 20.71  ? 38  THR A N   1 
ATOM   265  C  CA  . THR A 1 39  ? -10.199 8.330   2.782   1.00 21.64  ? 38  THR A CA  1 
ATOM   266  C  C   . THR A 1 39  ? -8.980  8.121   3.681   1.00 20.37  ? 38  THR A C   1 
ATOM   267  O  O   . THR A 1 39  ? -8.888  8.684   4.765   1.00 20.70  ? 38  THR A O   1 
ATOM   268  C  CB  . THR A 1 39  ? -11.424 7.692   3.478   1.00 25.97  ? 38  THR A CB  1 
ATOM   269  O  OG1 . THR A 1 39  ? -11.192 6.287   3.686   1.00 23.56  ? 38  THR A OG1 1 
ATOM   270  C  CG2 . THR A 1 39  ? -12.698 7.901   2.636   1.00 23.12  ? 38  THR A CG2 1 
ATOM   271  N  N   . LEU A 1 40  ? -8.062  7.272   3.244   1.00 18.11  ? 39  LEU A N   1 
ATOM   272  C  CA  . LEU A 1 40  ? -6.841  7.036   4.012   1.00 18.21  ? 39  LEU A CA  1 
ATOM   273  C  C   . LEU A 1 40  ? -5.648  6.933   3.077   1.00 21.75  ? 39  LEU A C   1 
ATOM   274  O  O   . LEU A 1 40  ? -5.644  6.088   2.175   1.00 18.17  ? 39  LEU A O   1 
ATOM   275  C  CB  . LEU A 1 40  ? -6.955  5.774   4.881   1.00 16.97  ? 39  LEU A CB  1 
ATOM   276  C  CG  . LEU A 1 40  ? -5.694  5.346   5.642   1.00 16.92  ? 39  LEU A CG  1 
ATOM   277  C  CD1 . LEU A 1 40  ? -5.247  6.398   6.698   1.00 16.36  ? 39  LEU A CD1 1 
ATOM   278  C  CD2 . LEU A 1 40  ? -5.880  3.973   6.258   1.00 20.26  ? 39  LEU A CD2 1 
ATOM   279  N  N   . CYS A 1 41  ? -4.661  7.810   3.291   1.00 14.94  ? 40  CYS A N   1 
ATOM   280  C  CA  . CYS A 1 41  ? -3.365  7.684   2.650   1.00 16.00  ? 40  CYS A CA  1 
ATOM   281  C  C   . CYS A 1 41  ? -2.393  7.094   3.658   1.00 17.00  ? 40  CYS A C   1 
ATOM   282  O  O   . CYS A 1 41  ? -2.218  7.617   4.752   1.00 16.74  ? 40  CYS A O   1 
ATOM   283  C  CB  . CYS A 1 41  ? -2.844  9.053   2.177   1.00 14.16  ? 40  CYS A CB  1 
ATOM   284  S  SG  . CYS A 1 41  ? -3.764  9.727   0.786   1.00 21.17  ? 40  CYS A SG  1 
ATOM   285  N  N   . VAL A 1 42  ? -1.794  5.971   3.292   1.00 16.80  ? 41  VAL A N   1 
ATOM   286  C  CA  . VAL A 1 42  ? -0.729  5.388   4.068   1.00 17.12  ? 41  VAL A CA  1 
ATOM   287  C  C   . VAL A 1 42  ? 0.572   5.867   3.434   1.00 17.74  ? 41  VAL A C   1 
ATOM   288  O  O   . VAL A 1 42  ? 0.954   5.422   2.345   1.00 18.45  ? 41  VAL A O   1 
ATOM   289  C  CB  . VAL A 1 42  ? -0.837  3.855   4.105   1.00 17.88  ? 41  VAL A CB  1 
ATOM   290  C  CG1 . VAL A 1 42  ? 0.359   3.251   4.843   1.00 20.31  ? 41  VAL A CG1 1 
ATOM   291  C  CG2 . VAL A 1 42  ? -2.180  3.432   4.783   1.00 17.00  ? 41  VAL A CG2 1 
ATOM   292  N  N   . ASN A 1 43  ? 1.226   6.799   4.125   1.00 15.86  ? 42  ASN A N   1 
ATOM   293  C  CA  . ASN A 1 43  ? 2.459   7.424   3.664   1.00 18.05  ? 42  ASN A CA  1 
ATOM   294  C  C   . ASN A 1 43  ? 3.634   6.663   4.263   1.00 18.39  ? 42  ASN A C   1 
ATOM   295  O  O   . ASN A 1 43  ? 3.974   6.844   5.440   1.00 16.02  ? 42  ASN A O   1 
ATOM   296  C  CB  . ASN A 1 43  ? 2.445   8.882   4.121   1.00 19.91  ? 42  ASN A CB  1 
ATOM   297  C  CG  . ASN A 1 43  ? 3.685   9.668   3.700   1.00 20.78  ? 42  ASN A CG  1 
ATOM   298  O  OD1 . ASN A 1 43  ? 4.653   9.132   3.143   1.00 17.60  ? 42  ASN A OD1 1 
ATOM   299  N  ND2 . ASN A 1 43  ? 3.662   10.956  3.997   1.00 20.92  ? 42  ASN A ND2 1 
ATOM   300  N  N   . VAL A 1 44  ? 4.242   5.790   3.464   1.00 18.00  ? 43  VAL A N   1 
ATOM   301  C  CA  . VAL A 1 44  ? 5.329   4.951   3.946   1.00 16.89  ? 43  VAL A CA  1 
ATOM   302  C  C   . VAL A 1 44  ? 6.636   5.692   3.663   1.00 22.34  ? 43  VAL A C   1 
ATOM   303  O  O   . VAL A 1 44  ? 7.346   5.408   2.692   1.00 20.16  ? 43  VAL A O   1 
ATOM   304  C  CB  . VAL A 1 44  ? 5.340   3.534   3.296   1.00 19.70  ? 43  VAL A CB  1 
ATOM   305  C  CG1 . VAL A 1 44  ? 6.295   2.625   4.032   1.00 15.49  ? 43  VAL A CG1 1 
ATOM   306  C  CG2 . VAL A 1 44  ? 3.931   2.895   3.290   1.00 18.37  ? 43  VAL A CG2 1 
ATOM   307  N  N   . SER A 1 45  ? 6.928   6.669   4.509   1.00 19.23  ? 44  SER A N   1 
ATOM   308  C  CA  . SER A 1 45  ? 8.152   7.446   4.393   1.00 20.48  ? 44  SER A CA  1 
ATOM   309  C  C   . SER A 1 45  ? 8.398   8.191   5.681   1.00 23.73  ? 44  SER A C   1 
ATOM   310  O  O   . SER A 1 45  ? 7.527   8.254   6.557   1.00 22.70  ? 44  SER A O   1 
ATOM   311  C  CB  . SER A 1 45  ? 8.031   8.464   3.265   1.00 21.00  ? 44  SER A CB  1 
ATOM   312  O  OG  . SER A 1 45  ? 7.288   9.595   3.681   1.00 23.17  ? 44  SER A OG  1 
ATOM   313  N  N   . ARG A 1 46  ? 9.569   8.797   5.787   1.00 23.37  ? 45  ARG A N   1 
ATOM   314  C  CA  A ARG A 1 46  ? 9.872   9.598   6.959   0.50 26.84  ? 45  ARG A CA  1 
ATOM   315  C  CA  B ARG A 1 46  ? 9.895   9.602   6.958   0.50 28.66  ? 45  ARG A CA  1 
ATOM   316  C  C   . ARG A 1 46  ? 9.605   11.075  6.700   1.00 28.23  ? 45  ARG A C   1 
ATOM   317  O  O   . ARG A 1 46  ? 9.123   11.775  7.579   1.00 37.15  ? 45  ARG A O   1 
ATOM   318  C  CB  A ARG A 1 46  ? 11.301  9.335   7.441   0.50 27.20  ? 45  ARG A CB  1 
ATOM   319  C  CB  B ARG A 1 46  ? 11.357  9.405   7.354   0.50 29.42  ? 45  ARG A CB  1 
ATOM   320  C  CG  A ARG A 1 46  ? 11.488  7.899   7.931   0.50 27.43  ? 45  ARG A CG  1 
ATOM   321  C  CG  B ARG A 1 46  ? 11.857  7.987   7.135   0.50 41.07  ? 45  ARG A CG  1 
ATOM   322  C  CD  A ARG A 1 46  ? 12.887  7.625   8.452   0.50 33.75  ? 45  ARG A CD  1 
ATOM   323  C  CD  B ARG A 1 46  ? 13.230  7.748   7.738   0.50 42.75  ? 45  ARG A CD  1 
ATOM   324  N  NE  A ARG A 1 46  ? 13.200  8.400   9.649   0.50 36.59  ? 45  ARG A NE  1 
ATOM   325  N  NE  B ARG A 1 46  ? 14.097  8.929   7.736   0.50 50.90  ? 45  ARG A NE  1 
ATOM   326  C  CZ  A ARG A 1 46  ? 12.803  8.091   10.880  0.50 34.29  ? 45  ARG A CZ  1 
ATOM   327  C  CZ  B ARG A 1 46  ? 14.801  9.366   6.692   0.50 47.26  ? 45  ARG A CZ  1 
ATOM   328  N  NH1 A ARG A 1 46  ? 12.059  7.013   11.108  0.50 33.01  ? 45  ARG A NH1 1 
ATOM   329  N  NH1 B ARG A 1 46  ? 14.748  8.739   5.523   0.50 37.75  ? 45  ARG A NH1 1 
ATOM   330  N  NH2 A ARG A 1 46  ? 13.150  8.873   11.889  0.50 34.56  ? 45  ARG A NH2 1 
ATOM   331  N  NH2 B ARG A 1 46  ? 15.555  10.450  6.819   0.50 47.26  ? 45  ARG A NH2 1 
ATOM   332  N  N   . GLN A 1 47  ? 9.876   11.532  5.477   1.00 30.55  ? 46  GLN A N   1 
ATOM   333  C  CA  . GLN A 1 47  ? 9.789   12.958  5.156   1.00 32.97  ? 46  GLN A CA  1 
ATOM   334  C  C   . GLN A 1 47  ? 8.874   13.355  3.988   1.00 29.84  ? 46  GLN A C   1 
ATOM   335  O  O   . GLN A 1 47  ? 8.785   14.536  3.685   1.00 31.80  ? 46  GLN A O   1 
ATOM   336  C  CB  . GLN A 1 47  ? 11.191  13.524  4.848   1.00 34.87  ? 46  GLN A CB  1 
ATOM   337  C  CG  . GLN A 1 47  ? 12.330  13.032  5.737   1.00 53.28  ? 46  GLN A CG  1 
ATOM   338  C  CD  . GLN A 1 47  ? 12.335  13.657  7.118   1.00 66.89  ? 46  GLN A CD  1 
ATOM   339  O  OE1 . GLN A 1 47  ? 11.704  14.694  7.353   1.00 70.45  ? 46  GLN A OE1 1 
ATOM   340  N  NE2 . GLN A 1 47  ? 13.058  13.030  8.045   1.00 69.99  ? 46  GLN A NE2 1 
ATOM   341  N  N   . GLN A 1 48  ? 8.223   12.410  3.314   1.00 25.38  ? 47  GLN A N   1 
ATOM   342  C  CA  . GLN A 1 48  ? 7.373   12.793  2.170   1.00 20.23  ? 47  GLN A CA  1 
ATOM   343  C  C   . GLN A 1 48  ? 6.107   13.477  2.666   1.00 22.38  ? 47  GLN A C   1 
ATOM   344  O  O   . GLN A 1 48  ? 5.567   13.088  3.702   1.00 20.86  ? 47  GLN A O   1 
ATOM   345  C  CB  . GLN A 1 48  ? 7.037   11.589  1.288   1.00 21.28  ? 47  GLN A CB  1 
ATOM   346  C  CG  . GLN A 1 48  ? 8.277   10.932  0.668   1.00 20.62  ? 47  GLN A CG  1 
ATOM   347  C  CD  . GLN A 1 48  ? 9.074   11.909  -0.199  1.00 24.77  ? 47  GLN A CD  1 
ATOM   348  O  OE1 . GLN A 1 48  ? 8.533   12.519  -1.108  1.00 29.03  ? 47  GLN A OE1 1 
ATOM   349  N  NE2 . GLN A 1 48  ? 10.351  12.050  0.086   1.00 23.73  ? 47  GLN A NE2 1 
ATOM   350  N  N   . PRO A 1 49  ? 5.639   14.505  1.942   1.00 25.63  ? 48  PRO A N   1 
ATOM   351  C  CA  . PRO A 1 49  ? 4.452   15.225  2.395   1.00 27.53  ? 48  PRO A CA  1 
ATOM   352  C  C   . PRO A 1 49  ? 3.204   14.351  2.409   1.00 24.98  ? 48  PRO A C   1 
ATOM   353  O  O   . PRO A 1 49  ? 3.137   13.328  1.710   1.00 21.73  ? 48  PRO A O   1 
ATOM   354  C  CB  . PRO A 1 49  ? 4.296   16.349  1.358   1.00 29.91  ? 48  PRO A CB  1 
ATOM   355  C  CG  . PRO A 1 49  ? 5.029   15.858  0.145   1.00 33.59  ? 48  PRO A CG  1 
ATOM   356  C  CD  . PRO A 1 49  ? 6.180   15.063  0.684   1.00 31.37  ? 48  PRO A CD  1 
ATOM   357  N  N   . GLY A 1 50  ? 2.241   14.757  3.229   1.00 24.04  ? 49  GLY A N   1 
ATOM   358  C  CA  . GLY A 1 50  ? 0.963   14.100  3.299   1.00 24.20  ? 49  GLY A CA  1 
ATOM   359  C  C   . GLY A 1 50  ? -0.073  14.941  2.599   1.00 27.41  ? 49  GLY A C   1 
ATOM   360  O  O   . GLY A 1 50  ? 0.194   16.097  2.239   1.00 28.67  ? 49  GLY A O   1 
ATOM   361  N  N   . PRO A 1 51  ? -1.272  14.381  2.427   1.00 22.65  ? 50  PRO A N   1 
ATOM   362  C  CA  . PRO A 1 51  ? -2.379  15.102  1.804   1.00 24.32  ? 50  PRO A CA  1 
ATOM   363  C  C   . PRO A 1 51  ? -2.925  16.232  2.692   1.00 27.89  ? 50  PRO A C   1 
ATOM   364  O  O   . PRO A 1 51  ? -2.728  16.228  3.915   1.00 25.18  ? 50  PRO A O   1 
ATOM   365  C  CB  . PRO A 1 51  ? -3.430  14.006  1.612   1.00 24.93  ? 50  PRO A CB  1 
ATOM   366  C  CG  . PRO A 1 51  ? -3.182  13.075  2.772   1.00 24.58  ? 50  PRO A CG  1 
ATOM   367  C  CD  . PRO A 1 51  ? -1.669  13.024  2.855   1.00 27.74  ? 50  PRO A CD  1 
ATOM   368  N  N   . ARG A 1 52  ? -3.581  17.204  2.068   1.00 28.50  ? 51  ARG A N   1 
ATOM   369  C  CA  . ARG A 1 52  ? -4.271  18.253  2.806   1.00 42.40  ? 51  ARG A CA  1 
ATOM   370  C  C   . ARG A 1 52  ? -5.678  18.351  2.221   1.00 39.45  ? 51  ARG A C   1 
ATOM   371  O  O   . ARG A 1 52  ? -6.201  19.431  1.972   1.00 46.65  ? 51  ARG A O   1 
ATOM   372  C  CB  . ARG A 1 52  ? -3.507  19.583  2.700   1.00 45.27  ? 51  ARG A CB  1 
ATOM   373  C  CG  . ARG A 1 52  ? -3.784  20.588  3.831   1.00 63.26  ? 51  ARG A CG  1 
ATOM   374  C  CD  . ARG A 1 52  ? -2.693  20.617  4.911   1.00 81.26  ? 51  ARG A CD  1 
ATOM   375  N  NE  . ARG A 1 52  ? -2.453  19.310  5.520   1.00 91.37  ? 51  ARG A NE  1 
ATOM   376  C  CZ  . ARG A 1 52  ? -1.310  18.635  5.427   1.00 98.78  ? 51  ARG A CZ  1 
ATOM   377  N  NH1 . ARG A 1 52  ? -0.280  19.141  4.757   1.00 104.07 ? 51  ARG A NH1 1 
ATOM   378  N  NH2 . ARG A 1 52  ? -1.194  17.450  6.008   1.00 100.53 ? 51  ARG A NH2 1 
ATOM   379  N  N   . ALA A 1 53  ? -6.277  17.189  1.996   1.00 38.40  ? 52  ALA A N   1 
ATOM   380  C  CA  . ALA A 1 53  ? -7.565  17.090  1.348   1.00 34.97  ? 52  ALA A CA  1 
ATOM   381  C  C   . ALA A 1 53  ? -8.644  16.837  2.394   1.00 38.54  ? 52  ALA A C   1 
ATOM   382  O  O   . ALA A 1 53  ? -8.414  16.090  3.352   1.00 37.18  ? 52  ALA A O   1 
ATOM   383  C  CB  . ALA A 1 53  ? -7.539  15.964  0.321   1.00 31.43  ? 52  ALA A CB  1 
ATOM   384  N  N   . PRO A 1 54  ? -9.831  17.451  2.211   1.00 39.86  ? 53  PRO A N   1 
ATOM   385  C  CA  . PRO A 1 54  ? -10.924 17.308  3.171   1.00 39.22  ? 53  PRO A CA  1 
ATOM   386  C  C   . PRO A 1 54  ? -11.452 15.883  3.195   1.00 31.85  ? 53  PRO A C   1 
ATOM   387  O  O   . PRO A 1 54  ? -11.704 15.305  2.137   1.00 39.13  ? 53  PRO A O   1 
ATOM   388  C  CB  . PRO A 1 54  ? -12.011 18.252  2.618   1.00 45.79  ? 53  PRO A CB  1 
ATOM   389  C  CG  . PRO A 1 54  ? -11.294 19.161  1.654   1.00 48.49  ? 53  PRO A CG  1 
ATOM   390  C  CD  . PRO A 1 54  ? -10.211 18.312  1.074   1.00 40.48  ? 53  PRO A CD  1 
ATOM   391  N  N   . GLY A 1 55  ? -11.602 15.322  4.391   1.00 30.28  ? 54  GLY A N   1 
ATOM   392  C  CA  . GLY A 1 55  ? -12.115 13.956  4.561   1.00 27.43  ? 54  GLY A CA  1 
ATOM   393  C  C   . GLY A 1 55  ? -11.093 12.859  4.293   1.00 29.02  ? 54  GLY A C   1 
ATOM   394  O  O   . GLY A 1 55  ? -11.454 11.675  4.230   1.00 31.31  ? 54  GLY A O   1 
ATOM   395  N  N   . VAL A 1 56  ? -9.822  13.240  4.126   1.00 23.22  ? 55  VAL A N   1 
ATOM   396  C  CA  . VAL A 1 56  ? -8.748  12.270  3.863   1.00 23.25  ? 55  VAL A CA  1 
ATOM   397  C  C   . VAL A 1 56  ? -7.797  12.203  5.050   1.00 21.61  ? 55  VAL A C   1 
ATOM   398  O  O   . VAL A 1 56  ? -7.135  13.185  5.368   1.00 26.18  ? 55  VAL A O   1 
ATOM   399  C  CB  . VAL A 1 56  ? -7.950  12.613  2.574   1.00 25.20  ? 55  VAL A CB  1 
ATOM   400  C  CG1 . VAL A 1 56  ? -6.870  11.547  2.297   1.00 18.02  ? 55  VAL A CG1 1 
ATOM   401  C  CG2 . VAL A 1 56  ? -8.885  12.718  1.388   1.00 24.73  ? 55  VAL A CG2 1 
ATOM   402  N  N   . ALA A 1 57  ? -7.751  11.048  5.714   1.00 18.38  ? 56  ALA A N   1 
ATOM   403  C  CA  . ALA A 1 57  ? -6.850  10.830  6.843   1.00 20.28  ? 56  ALA A CA  1 
ATOM   404  C  C   . ALA A 1 57  ? -5.473  10.430  6.328   1.00 21.32  ? 56  ALA A C   1 
ATOM   405  O  O   . ALA A 1 57  ? -5.362  9.826   5.261   1.00 19.22  ? 56  ALA A O   1 
ATOM   406  C  CB  . ALA A 1 57  ? -7.401  9.723   7.751   1.00 18.53  ? 56  ALA A CB  1 
ATOM   407  N  N   . GLU A 1 58  ? -4.427  10.765  7.083   1.00 19.06  ? 57  GLU A N   1 
ATOM   408  C  CA  . GLU A 1 58  ? -3.095  10.260  6.773   1.00 17.90  ? 57  GLU A CA  1 
ATOM   409  C  C   . GLU A 1 58  ? -2.559  9.443   7.936   1.00 20.26  ? 57  GLU A C   1 
ATOM   410  O  O   . GLU A 1 58  ? -2.713  9.819   9.096   1.00 18.17  ? 57  GLU A O   1 
ATOM   411  C  CB  . GLU A 1 58  ? -2.112  11.404  6.432   1.00 19.51  ? 57  GLU A CB  1 
ATOM   412  C  CG  . GLU A 1 58  ? -0.651  10.915  6.205   1.00 15.84  ? 57  GLU A CG  1 
ATOM   413  C  CD  . GLU A 1 58  ? 0.362   12.055  6.059   1.00 25.69  ? 57  GLU A CD  1 
ATOM   414  O  OE1 . GLU A 1 58  ? -0.041  13.221  6.210   1.00 21.17  ? 57  GLU A OE1 1 
ATOM   415  O  OE2 . GLU A 1 58  ? 1.561   11.779  5.806   1.00 22.81  ? 57  GLU A OE2 1 
ATOM   416  N  N   . LEU A 1 59  ? -1.940  8.315   7.612   1.00 15.10  ? 58  LEU A N   1 
ATOM   417  C  CA  . LEU A 1 59  ? -1.151  7.583   8.582   1.00 15.53  ? 58  LEU A CA  1 
ATOM   418  C  C   . LEU A 1 59  ? 0.227   7.398   8.006   1.00 18.50  ? 58  LEU A C   1 
ATOM   419  O  O   . LEU A 1 59  ? 0.373   6.842   6.924   1.00 18.34  ? 58  LEU A O   1 
ATOM   420  C  CB  . LEU A 1 59  ? -1.786  6.217   8.898   1.00 17.86  ? 58  LEU A CB  1 
ATOM   421  C  CG  . LEU A 1 59  ? -3.006  6.238   9.813   1.00 25.98  ? 58  LEU A CG  1 
ATOM   422  C  CD1 . LEU A 1 59  ? -3.482  4.821   10.049  1.00 25.62  ? 58  LEU A CD1 1 
ATOM   423  C  CD2 . LEU A 1 59  ? -2.690  6.905   11.139  1.00 23.08  ? 58  LEU A CD2 1 
ATOM   424  N  N   . ARG A 1 60  ? 1.239   7.877   8.722   1.00 17.59  ? 59  ARG A N   1 
ATOM   425  C  CA  . ARG A 1 60  ? 2.600   7.752   8.250   1.00 15.94  ? 59  ARG A CA  1 
ATOM   426  C  C   . ARG A 1 60  ? 3.313   6.566   8.901   1.00 18.93  ? 59  ARG A C   1 
ATOM   427  O  O   . ARG A 1 60  ? 3.269   6.379   10.118  1.00 15.82  ? 59  ARG A O   1 
ATOM   428  C  CB  . ARG A 1 60  ? 3.357   9.073   8.454   1.00 20.17  ? 59  ARG A CB  1 
ATOM   429  C  CG  . ARG A 1 60  ? 4.768   9.066   7.891   1.00 23.71  ? 59  ARG A CG  1 
ATOM   430  C  CD  . ARG A 1 60  ? 5.553   10.300  8.337   1.00 33.07  ? 59  ARG A CD  1 
ATOM   431  N  NE  . ARG A 1 60  ? 4.911   11.518  7.840   1.00 33.46  ? 59  ARG A NE  1 
ATOM   432  C  CZ  . ARG A 1 60  ? 5.281   12.173  6.740   1.00 44.54  ? 59  ARG A CZ  1 
ATOM   433  N  NH1 . ARG A 1 60  ? 6.308   11.744  6.010   1.00 40.32  ? 59  ARG A NH1 1 
ATOM   434  N  NH2 . ARG A 1 60  ? 4.626   13.269  6.370   1.00 42.14  ? 59  ARG A NH2 1 
ATOM   435  N  N   . VAL A 1 61  ? 3.944   5.759   8.054   1.00 17.69  ? 60  VAL A N   1 
ATOM   436  C  CA  . VAL A 1 61  ? 4.727   4.608   8.447   1.00 17.13  ? 60  VAL A CA  1 
ATOM   437  C  C   . VAL A 1 61  ? 6.199   4.963   8.183   1.00 22.07  ? 60  VAL A C   1 
ATOM   438  O  O   . VAL A 1 61  ? 6.687   4.792   7.070   1.00 16.55  ? 60  VAL A O   1 
ATOM   439  C  CB  . VAL A 1 61  ? 4.317   3.355   7.638   1.00 18.31  ? 60  VAL A CB  1 
ATOM   440  C  CG1 . VAL A 1 61  ? 5.057   2.112   8.150   1.00 18.98  ? 60  VAL A CG1 1 
ATOM   441  C  CG2 . VAL A 1 61  ? 2.789   3.148   7.678   1.00 17.82  ? 60  VAL A CG2 1 
ATOM   442  N  N   . PRO A 1 62  ? 6.901   5.485   9.209   1.00 23.12  ? 61  PRO A N   1 
ATOM   443  C  CA  . PRO A 1 62  ? 8.188   6.158   9.014   1.00 22.30  ? 61  PRO A CA  1 
ATOM   444  C  C   . PRO A 1 62  ? 9.376   5.211   8.898   1.00 21.75  ? 61  PRO A C   1 
ATOM   445  O  O   . PRO A 1 62  ? 10.196  5.135   9.808   1.00 26.15  ? 61  PRO A O   1 
ATOM   446  C  CB  . PRO A 1 62  ? 8.322   7.041   10.273  1.00 26.83  ? 61  PRO A CB  1 
ATOM   447  C  CG  . PRO A 1 62  ? 7.038   6.816   11.095  1.00 29.18  ? 61  PRO A CG  1 
ATOM   448  C  CD  . PRO A 1 62  ? 6.498   5.503   10.621  1.00 24.43  ? 61  PRO A CD  1 
ATOM   449  N  N   . VAL A 1 63  ? 9.459   4.486   7.786   1.00 24.83  ? 62  VAL A N   1 
ATOM   450  C  CA  . VAL A 1 63  ? 10.561  3.550   7.559   1.00 25.27  ? 62  VAL A CA  1 
ATOM   451  C  C   . VAL A 1 63  ? 11.404  3.989   6.372   1.00 25.36  ? 62  VAL A C   1 
ATOM   452  O  O   . VAL A 1 63  ? 10.871  4.536   5.396   1.00 23.14  ? 62  VAL A O   1 
ATOM   453  C  CB  . VAL A 1 63  ? 10.065  2.078   7.373   1.00 29.48  ? 62  VAL A CB  1 
ATOM   454  C  CG1 . VAL A 1 63  ? 9.431   1.558   8.649   1.00 31.54  ? 62  VAL A CG1 1 
ATOM   455  C  CG2 . VAL A 1 63  ? 9.061   1.960   6.245   1.00 23.28  ? 62  VAL A CG2 1 
ATOM   456  N  N   . PHE A 1 64  ? 12.718  3.774   6.475   1.00 28.47  ? 63  PHE A N   1 
ATOM   457  C  CA  . PHE A 1 64  ? 13.646  3.976   5.356   1.00 29.45  ? 63  PHE A CA  1 
ATOM   458  C  C   . PHE A 1 64  ? 13.454  2.814   4.396   1.00 26.11  ? 63  PHE A C   1 
ATOM   459  O  O   . PHE A 1 64  ? 13.119  1.707   4.822   1.00 24.73  ? 63  PHE A O   1 
ATOM   460  C  CB  . PHE A 1 64  ? 15.123  3.882   5.796   1.00 33.30  ? 63  PHE A CB  1 
ATOM   461  C  CG  . PHE A 1 64  ? 15.555  4.872   6.838   1.00 46.04  ? 63  PHE A CG  1 
ATOM   462  C  CD1 . PHE A 1 64  ? 16.253  6.012   6.475   1.00 47.92  ? 63  PHE A CD1 1 
ATOM   463  C  CD2 . PHE A 1 64  ? 15.349  4.620   8.191   1.00 56.22  ? 63  PHE A CD2 1 
ATOM   464  C  CE1 . PHE A 1 64  ? 16.697  6.909   7.438   1.00 51.66  ? 63  PHE A CE1 1 
ATOM   465  C  CE2 . PHE A 1 64  ? 15.778  5.515   9.161   1.00 60.84  ? 63  PHE A CE2 1 
ATOM   466  C  CZ  . PHE A 1 64  ? 16.455  6.665   8.781   1.00 63.34  ? 63  PHE A CZ  1 
ATOM   467  N  N   . ASP A 1 65  ? 13.727  3.038   3.113   1.00 28.48  ? 64  ASP A N   1 
ATOM   468  C  CA  . ASP A 1 65  ? 13.769  1.928   2.175   1.00 27.09  ? 64  ASP A CA  1 
ATOM   469  C  C   . ASP A 1 65  ? 15.152  1.285   2.237   1.00 32.92  ? 64  ASP A C   1 
ATOM   470  O  O   . ASP A 1 65  ? 16.016  1.565   1.410   1.00 25.04  ? 64  ASP A O   1 
ATOM   471  C  CB  . ASP A 1 65  ? 13.445  2.388   0.754   1.00 25.99  ? 64  ASP A CB  1 
ATOM   472  C  CG  . ASP A 1 65  ? 13.451  1.247   -0.242  1.00 26.32  ? 64  ASP A CG  1 
ATOM   473  O  OD1 . ASP A 1 65  ? 13.152  0.097   0.150   1.00 27.59  ? 64  ASP A OD1 1 
ATOM   474  O  OD2 . ASP A 1 65  ? 13.750  1.497   -1.425  1.00 27.58  ? 64  ASP A OD2 1 
ATOM   475  N  N   . ASP A 1 66  ? 15.342  0.419   3.229   1.00 33.42  ? 65  ASP A N   1 
ATOM   476  C  CA  . ASP A 1 66  ? 16.603  -0.268  3.439   1.00 34.36  ? 65  ASP A CA  1 
ATOM   477  C  C   . ASP A 1 66  ? 16.293  -1.680  3.893   1.00 32.74  ? 65  ASP A C   1 
ATOM   478  O  O   . ASP A 1 66  ? 15.432  -1.874  4.745   1.00 37.00  ? 65  ASP A O   1 
ATOM   479  C  CB  . ASP A 1 66  ? 17.444  0.468   4.494   1.00 36.76  ? 65  ASP A CB  1 
ATOM   480  C  CG  . ASP A 1 66  ? 18.888  -0.002  4.520   1.00 45.40  ? 65  ASP A CG  1 
ATOM   481  O  OD1 . ASP A 1 66  ? 19.154  -1.130  4.988   1.00 33.54  ? 65  ASP A OD1 1 
ATOM   482  O  OD2 . ASP A 1 66  ? 19.761  0.761   4.060   1.00 59.81  ? 65  ASP A OD2 1 
ATOM   483  N  N   . PRO A 1 67  ? 16.974  -2.677  3.309   1.00 33.14  ? 66  PRO A N   1 
ATOM   484  C  CA  . PRO A 1 67  ? 16.781  -4.081  3.669   1.00 32.19  ? 66  PRO A CA  1 
ATOM   485  C  C   . PRO A 1 67  ? 16.930  -4.392  5.161   1.00 33.38  ? 66  PRO A C   1 
ATOM   486  O  O   . PRO A 1 67  ? 16.344  -5.363  5.639   1.00 34.17  ? 66  PRO A O   1 
ATOM   487  C  CB  . PRO A 1 67  ? 17.870  -4.806  2.863   1.00 35.32  ? 66  PRO A CB  1 
ATOM   488  C  CG  . PRO A 1 67  ? 18.805  -3.735  2.404   1.00 38.25  ? 66  PRO A CG  1 
ATOM   489  C  CD  . PRO A 1 67  ? 17.957  -2.532  2.222   1.00 35.64  ? 66  PRO A CD  1 
ATOM   490  N  N   . ALA A 1 68  ? 17.696  -3.570  5.881   1.00 33.38  ? 67  ALA A N   1 
ATOM   491  C  CA  . ALA A 1 68  ? 17.907  -3.757  7.318   1.00 37.70  ? 67  ALA A CA  1 
ATOM   492  C  C   . ALA A 1 68  ? 16.794  -3.137  8.164   1.00 37.48  ? 67  ALA A C   1 
ATOM   493  O  O   . ALA A 1 68  ? 16.721  -3.378  9.371   1.00 36.92  ? 67  ALA A O   1 
ATOM   494  C  CB  . ALA A 1 68  ? 19.263  -3.203  7.738   1.00 37.48  ? 67  ALA A CB  1 
ATOM   495  N  N   . GLU A 1 69  ? 15.945  -2.327  7.537   1.00 33.19  ? 68  GLU A N   1 
ATOM   496  C  CA  . GLU A 1 69  ? 14.834  -1.707  8.239   1.00 33.79  ? 68  GLU A CA  1 
ATOM   497  C  C   . GLU A 1 69  ? 13.760  -2.722  8.622   1.00 28.95  ? 68  GLU A C   1 
ATOM   498  O  O   . GLU A 1 69  ? 13.528  -3.709  7.919   1.00 27.98  ? 68  GLU A O   1 
ATOM   499  C  CB  . GLU A 1 69  ? 14.228  -0.558  7.430   1.00 33.44  ? 68  GLU A CB  1 
ATOM   500  C  CG  . GLU A 1 69  ? 14.662  0.819   7.899   1.00 48.53  ? 68  GLU A CG  1 
ATOM   501  C  CD  . GLU A 1 69  ? 13.817  1.335   9.062   1.00 57.17  ? 68  GLU A CD  1 
ATOM   502  O  OE1 . GLU A 1 69  ? 13.398  2.507   9.000   1.00 35.05  ? 68  GLU A OE1 1 
ATOM   503  O  OE2 . GLU A 1 69  ? 13.552  0.576   10.026  1.00 60.98  ? 68  GLU A OE2 1 
ATOM   504  N  N   . ASP A 1 70  ? 13.119  -2.456  9.751   1.00 26.56  ? 69  ASP A N   1 
ATOM   505  C  CA  . ASP A 1 70  ? 12.095  -3.330  10.287  1.00 25.57  ? 69  ASP A CA  1 
ATOM   506  C  C   . ASP A 1 70  ? 10.709  -2.902  9.818   1.00 28.36  ? 69  ASP A C   1 
ATOM   507  O  O   . ASP A 1 70  ? 9.929   -2.286  10.566  1.00 24.15  ? 69  ASP A O   1 
ATOM   508  C  CB  . ASP A 1 70  ? 12.165  -3.361  11.808  1.00 26.87  ? 69  ASP A CB  1 
ATOM   509  C  CG  . ASP A 1 70  ? 11.204  -4.363  12.415  1.00 28.70  ? 69  ASP A CG  1 
ATOM   510  O  OD1 . ASP A 1 70  ? 10.589  -5.166  11.676  1.00 27.50  ? 69  ASP A OD1 1 
ATOM   511  O  OD2 . ASP A 1 70  ? 11.055  -4.337  13.645  1.00 30.36  ? 69  ASP A OD2 1 
ATOM   512  N  N   . LEU A 1 71  ? 10.408  -3.240  8.569   1.00 25.90  ? 70  LEU A N   1 
ATOM   513  C  CA  . LEU A 1 71  ? 9.057   -3.094  8.057   1.00 25.86  ? 70  LEU A CA  1 
ATOM   514  C  C   . LEU A 1 71  ? 8.099   -4.070  8.729   1.00 21.88  ? 70  LEU A C   1 
ATOM   515  O  O   . LEU A 1 71  ? 6.958   -3.707  9.003   1.00 20.56  ? 70  LEU A O   1 
ATOM   516  C  CB  . LEU A 1 71  ? 9.020   -3.272  6.535   1.00 23.66  ? 70  LEU A CB  1 
ATOM   517  C  CG  . LEU A 1 71  ? 7.644   -3.145  5.859   1.00 21.00  ? 70  LEU A CG  1 
ATOM   518  C  CD1 . LEU A 1 71  ? 7.073   -1.722  5.967   1.00 21.43  ? 70  LEU A CD1 1 
ATOM   519  C  CD2 . LEU A 1 71  ? 7.719   -3.564  4.410   1.00 32.78  ? 70  LEU A CD2 1 
ATOM   520  N  N   . LEU A 1 72  ? 8.571   -5.286  9.015   1.00 21.55  ? 71  LEU A N   1 
ATOM   521  C  CA  . LEU A 1 72  ? 7.719   -6.364  9.542   1.00 21.93  ? 71  LEU A CA  1 
ATOM   522  C  C   . LEU A 1 72  ? 6.834   -5.969  10.721  1.00 23.35  ? 71  LEU A C   1 
ATOM   523  O  O   . LEU A 1 72  ? 5.639   -6.274  10.725  1.00 19.88  ? 71  LEU A O   1 
ATOM   524  C  CB  . LEU A 1 72  ? 8.560   -7.594  9.946   1.00 21.33  ? 71  LEU A CB  1 
ATOM   525  C  CG  . LEU A 1 72  ? 7.780   -8.790  10.511  1.00 22.70  ? 71  LEU A CG  1 
ATOM   526  C  CD1 . LEU A 1 72  ? 6.725   -9.328  9.508   1.00 20.81  ? 71  LEU A CD1 1 
ATOM   527  C  CD2 . LEU A 1 72  ? 8.703   -9.921  10.972  1.00 28.06  ? 71  LEU A CD2 1 
ATOM   528  N  N   . THR A 1 73  ? 7.418   -5.309  11.720  1.00 22.18  ? 72  THR A N   1 
ATOM   529  C  CA  A THR A 1 73  ? 6.685   -4.939  12.930  0.50 19.58  ? 72  THR A CA  1 
ATOM   530  C  CA  B THR A 1 73  ? 6.673   -4.920  12.930  0.50 23.90  ? 72  THR A CA  1 
ATOM   531  C  C   . THR A 1 73  ? 5.553   -3.948  12.627  1.00 19.80  ? 72  THR A C   1 
ATOM   532  O  O   . THR A 1 73  ? 4.542   -3.917  13.334  1.00 20.56  ? 72  THR A O   1 
ATOM   533  C  CB  A THR A 1 73  ? 7.645   -4.383  14.007  0.50 18.91  ? 72  THR A CB  1 
ATOM   534  C  CB  B THR A 1 73  ? 7.555   -4.260  14.017  0.50 24.25  ? 72  THR A CB  1 
ATOM   535  O  OG1 A THR A 1 73  ? 8.738   -5.293  14.168  0.50 17.65  ? 72  THR A OG1 1 
ATOM   536  O  OG1 B THR A 1 73  ? 8.331   -3.198  13.450  0.50 28.15  ? 72  THR A OG1 1 
ATOM   537  C  CG2 A THR A 1 73  ? 6.944   -4.215  15.349  0.50 6.29   ? 72  THR A CG2 1 
ATOM   538  C  CG2 B THR A 1 73  ? 8.458   -5.266  14.635  0.50 29.63  ? 72  THR A CG2 1 
ATOM   539  N  N   . HIS A 1 74  ? 5.732   -3.148  11.579  1.00 18.05  ? 73  HIS A N   1 
ATOM   540  C  CA  . HIS A 1 74  ? 4.708   -2.189  11.165  1.00 19.51  ? 73  HIS A CA  1 
ATOM   541  C  C   . HIS A 1 74  ? 3.545   -2.835  10.421  1.00 18.50  ? 73  HIS A C   1 
ATOM   542  O  O   . HIS A 1 74  ? 2.464   -2.256  10.367  1.00 16.13  ? 73  HIS A O   1 
ATOM   543  C  CB  . HIS A 1 74  ? 5.309   -1.098  10.269  1.00 16.43  ? 73  HIS A CB  1 
ATOM   544  C  CG  . HIS A 1 74  ? 6.319   -0.235  10.961  1.00 17.79  ? 73  HIS A CG  1 
ATOM   545  N  ND1 . HIS A 1 74  ? 7.636   -0.613  11.123  1.00 21.73  ? 73  HIS A ND1 1 
ATOM   546  C  CD2 . HIS A 1 74  ? 6.213   1.005   11.500  1.00 19.24  ? 73  HIS A CD2 1 
ATOM   547  C  CE1 . HIS A 1 74  ? 8.293   0.346   11.757  1.00 19.48  ? 73  HIS A CE1 1 
ATOM   548  N  NE2 . HIS A 1 74  ? 7.451   1.339   11.997  1.00 20.23  ? 73  HIS A NE2 1 
ATOM   549  N  N   . LEU A 1 75  ? 3.764   -4.012  9.829   1.00 17.13  ? 74  LEU A N   1 
ATOM   550  C  CA  . LEU A 1 75  ? 2.782   -4.588  8.891   1.00 18.52  ? 74  LEU A CA  1 
ATOM   551  C  C   . LEU A 1 75  ? 1.395   -4.865  9.465   1.00 16.49  ? 74  LEU A C   1 
ATOM   552  O  O   . LEU A 1 75  ? 0.387   -4.429  8.894   1.00 15.22  ? 74  LEU A O   1 
ATOM   553  C  CB  . LEU A 1 75  ? 3.333   -5.841  8.187   1.00 16.97  ? 74  LEU A CB  1 
ATOM   554  C  CG  . LEU A 1 75  ? 4.535   -5.616  7.262   1.00 15.67  ? 74  LEU A CG  1 
ATOM   555  C  CD1 . LEU A 1 75  ? 4.897   -6.974  6.623   1.00 17.05  ? 74  LEU A CD1 1 
ATOM   556  C  CD2 . LEU A 1 75  ? 4.223   -4.580  6.172   1.00 17.42  ? 74  LEU A CD2 1 
ATOM   557  N  N   . GLU A 1 76  ? 1.328   -5.624  10.558  1.00 17.27  ? 75  GLU A N   1 
ATOM   558  C  CA  . GLU A 1 76  ? 0.024   -5.955  11.144  1.00 18.76  ? 75  GLU A CA  1 
ATOM   559  C  C   . GLU A 1 76  ? -0.806  -4.690  11.530  1.00 18.46  ? 75  GLU A C   1 
ATOM   560  O  O   . GLU A 1 76  ? -1.949  -4.560  11.083  1.00 17.12  ? 75  GLU A O   1 
ATOM   561  C  CB  . GLU A 1 76  ? 0.153   -6.969  12.296  1.00 18.89  ? 75  GLU A CB  1 
ATOM   562  C  CG  . GLU A 1 76  ? -1.185  -7.457  12.880  1.00 17.99  ? 75  GLU A CG  1 
ATOM   563  C  CD  . GLU A 1 76  ? -2.055  -8.215  11.878  1.00 24.62  ? 75  GLU A CD  1 
ATOM   564  O  OE1 . GLU A 1 76  ? -1.526  -8.963  11.013  1.00 22.82  ? 75  GLU A OE1 1 
ATOM   565  O  OE2 . GLU A 1 76  ? -3.287  -8.057  11.963  1.00 19.35  ? 75  GLU A OE2 1 
ATOM   566  N  N   . PRO A 1 77  ? -0.243  -3.762  12.336  1.00 17.87  ? 76  PRO A N   1 
ATOM   567  C  CA  . PRO A 1 77  ? -1.082  -2.564  12.604  1.00 20.38  ? 76  PRO A CA  1 
ATOM   568  C  C   . PRO A 1 77  ? -1.408  -1.707  11.365  1.00 15.27  ? 76  PRO A C   1 
ATOM   569  O  O   . PRO A 1 77  ? -2.528  -1.206  11.244  1.00 16.01  ? 76  PRO A O   1 
ATOM   570  C  CB  . PRO A 1 77  ? -0.267  -1.746  13.616  1.00 18.87  ? 76  PRO A CB  1 
ATOM   571  C  CG  . PRO A 1 77  ? 0.940   -2.562  13.968  1.00 23.31  ? 76  PRO A CG  1 
ATOM   572  C  CD  . PRO A 1 77  ? 1.059   -3.720  13.037  1.00 18.91  ? 76  PRO A CD  1 
ATOM   573  N  N   . THR A 1 78  ? -0.452  -1.554  10.448  1.00 15.63  ? 77  THR A N   1 
ATOM   574  C  CA  . THR A 1 78  ? -0.729  -0.814  9.213   1.00 16.54  ? 77  THR A CA  1 
ATOM   575  C  C   . THR A 1 78  ? -1.849  -1.443  8.390   1.00 15.31  ? 77  THR A C   1 
ATOM   576  O  O   . THR A 1 78  ? -2.779  -0.748  7.983   1.00 16.21  ? 77  THR A O   1 
ATOM   577  C  CB  . THR A 1 78  ? 0.519   -0.630  8.354   1.00 13.62  ? 77  THR A CB  1 
ATOM   578  O  OG1 . THR A 1 78  ? 1.492   0.086   9.116   1.00 17.24  ? 77  THR A OG1 1 
ATOM   579  C  CG2 . THR A 1 78  ? 0.182   0.174   7.094   1.00 16.27  ? 77  THR A CG2 1 
ATOM   580  N  N   . CYS A 1 79  ? -1.774  -2.756  8.167   1.00 17.10  ? 78  CYS A N   1 
ATOM   581  C  CA  . CYS A 1 79  ? -2.825  -3.463  7.418   1.00 15.06  ? 78  CYS A CA  1 
ATOM   582  C  C   . CYS A 1 79  ? -4.211  -3.388  8.088   1.00 15.08  ? 78  CYS A C   1 
ATOM   583  O  O   . CYS A 1 79  ? -5.237  -3.376  7.408   1.00 16.00  ? 78  CYS A O   1 
ATOM   584  C  CB  . CYS A 1 79  ? -2.425  -4.919  7.182   1.00 17.30  ? 78  CYS A CB  1 
ATOM   585  S  SG  . CYS A 1 79  ? -1.025  -5.077  6.006   1.00 19.72  ? 78  CYS A SG  1 
ATOM   586  N  N   . ALA A 1 80  ? -4.229  -3.357  9.417   1.00 15.45  ? 79  ALA A N   1 
ATOM   587  C  CA  . ALA A 1 80  ? -5.474  -3.232  10.176  1.00 15.53  ? 79  ALA A CA  1 
ATOM   588  C  C   . ALA A 1 80  ? -6.124  -1.868  10.003  1.00 16.41  ? 79  ALA A C   1 
ATOM   589  O  O   . ALA A 1 80  ? -7.335  -1.788  9.869   1.00 17.33  ? 79  ALA A O   1 
ATOM   590  C  CB  . ALA A 1 80  ? -5.227  -3.504  11.623  1.00 14.61  ? 79  ALA A CB  1 
ATOM   591  N  N   . ALA A 1 81  ? -5.320  -0.800  10.029  1.00 16.45  ? 80  ALA A N   1 
ATOM   592  C  CA  . ALA A 1 81  ? -5.805  0.547   9.732   1.00 17.42  ? 80  ALA A CA  1 
ATOM   593  C  C   . ALA A 1 81  ? -6.397  0.588   8.325   1.00 18.70  ? 80  ALA A C   1 
ATOM   594  O  O   . ALA A 1 81  ? -7.484  1.127   8.115   1.00 15.50  ? 80  ALA A O   1 
ATOM   595  C  CB  . ALA A 1 81  ? -4.652  1.574   9.860   1.00 15.22  ? 80  ALA A CB  1 
ATOM   596  N  N   . MET A 1 82  ? -5.677  0.009   7.363   1.00 18.18  ? 81  MET A N   1 
ATOM   597  C  CA  . MET A 1 82  ? -6.163  -0.072  5.982   1.00 16.22  ? 81  MET A CA  1 
ATOM   598  C  C   . MET A 1 82  ? -7.514  -0.788  5.886   1.00 18.44  ? 81  MET A C   1 
ATOM   599  O  O   . MET A 1 82  ? -8.455  -0.260  5.295   1.00 16.83  ? 81  MET A O   1 
ATOM   600  C  CB  . MET A 1 82  ? -5.137  -0.746  5.083   1.00 16.55  ? 81  MET A CB  1 
ATOM   601  C  CG  . MET A 1 82  ? -3.859  0.059   4.919   1.00 14.87  ? 81  MET A CG  1 
ATOM   602  S  SD  . MET A 1 82  ? -2.527  -0.872  4.112   1.00 17.86  ? 81  MET A SD  1 
ATOM   603  C  CE  . MET A 1 82  ? -3.202  -1.126  2.470   1.00 13.72  ? 81  MET A CE  1 
ATOM   604  N  N   . GLU A 1 83  ? -7.618  -1.966  6.502   1.00 17.93  ? 82  GLU A N   1 
ATOM   605  C  CA  . GLU A 1 83  ? -8.867  -2.733  6.441   1.00 19.69  ? 82  GLU A CA  1 
ATOM   606  C  C   . GLU A 1 83  ? -10.039 -1.991  7.086   1.00 20.12  ? 82  GLU A C   1 
ATOM   607  O  O   . GLU A 1 83  ? -11.159 -2.010  6.564   1.00 20.08  ? 82  GLU A O   1 
ATOM   608  C  CB  . GLU A 1 83  ? -8.689  -4.128  7.054   1.00 19.54  ? 82  GLU A CB  1 
ATOM   609  C  CG  . GLU A 1 83  ? -9.955  -5.028  7.004   1.00 24.05  ? 82  GLU A CG  1 
ATOM   610  C  CD  . GLU A 1 83  ? -10.469 -5.284  5.588   1.00 22.44  ? 82  GLU A CD  1 
ATOM   611  O  OE1 . GLU A 1 83  ? -9.716  -5.110  4.604   1.00 18.65  ? 82  GLU A OE1 1 
ATOM   612  O  OE2 . GLU A 1 83  ? -11.646 -5.669  5.451   1.00 26.69  ? 82  GLU A OE2 1 
ATOM   613  N  N   . ALA A 1 84  ? -9.780  -1.321  8.206   1.00 18.91  ? 83  ALA A N   1 
ATOM   614  C  CA  . ALA A 1 84  ? -10.822 -0.530  8.869   1.00 20.18  ? 83  ALA A CA  1 
ATOM   615  C  C   . ALA A 1 84  ? -11.340 0.608   7.979   1.00 19.38  ? 83  ALA A C   1 
ATOM   616  O  O   . ALA A 1 84  ? -12.550 0.828   7.900   1.00 19.92  ? 83  ALA A O   1 
ATOM   617  C  CB  . ALA A 1 84  ? -10.332 0.001   10.200  1.00 13.55  ? 83  ALA A CB  1 
ATOM   618  N  N   . ALA A 1 85  ? -10.443 1.323   7.300   1.00 17.23  ? 84  ALA A N   1 
ATOM   619  C  CA  . ALA A 1 85  ? -10.871 2.370   6.361   1.00 16.03  ? 84  ALA A CA  1 
ATOM   620  C  C   . ALA A 1 85  ? -11.704 1.772   5.204   1.00 17.50  ? 84  ALA A C   1 
ATOM   621  O  O   . ALA A 1 85  ? -12.732 2.331   4.800   1.00 19.02  ? 84  ALA A O   1 
ATOM   622  C  CB  . ALA A 1 85  ? -9.666  3.128   5.817   1.00 16.71  ? 84  ALA A CB  1 
ATOM   623  N  N   . VAL A 1 86  ? -11.247 0.629   4.699   1.00 17.73  ? 85  VAL A N   1 
ATOM   624  C  CA  . VAL A 1 86  ? -11.919 -0.080  3.598   1.00 18.31  ? 85  VAL A CA  1 
ATOM   625  C  C   . VAL A 1 86  ? -13.306 -0.570  4.018   1.00 18.02  ? 85  VAL A C   1 
ATOM   626  O  O   . VAL A 1 86  ? -14.283 -0.368  3.298   1.00 16.87  ? 85  VAL A O   1 
ATOM   627  C  CB  . VAL A 1 86  ? -11.031 -1.256  3.070   1.00 18.05  ? 85  VAL A CB  1 
ATOM   628  C  CG1 . VAL A 1 86  ? -11.830 -2.242  2.210   1.00 16.22  ? 85  VAL A CG1 1 
ATOM   629  C  CG2 . VAL A 1 86  ? -9.832  -0.699  2.286   1.00 18.33  ? 85  VAL A CG2 1 
ATOM   630  N  N   . ARG A 1 87  ? -13.395 -1.183  5.197   1.00 17.61  ? 86  ARG A N   1 
ATOM   631  C  CA  . ARG A 1 87  ? -14.672 -1.734  5.653   1.00 20.78  ? 86  ARG A CA  1 
ATOM   632  C  C   . ARG A 1 87  ? -15.687 -0.630  5.987   1.00 23.28  ? 86  ARG A C   1 
ATOM   633  O  O   . ARG A 1 87  ? -16.896 -0.823  5.876   1.00 22.49  ? 86  ARG A O   1 
ATOM   634  C  CB  . ARG A 1 87  ? -14.482 -2.718  6.822   1.00 19.48  ? 86  ARG A CB  1 
ATOM   635  C  CG  . ARG A 1 87  ? -15.319 -3.969  6.617   1.00 28.97  ? 86  ARG A CG  1 
ATOM   636  C  CD  . ARG A 1 87  ? -14.983 -5.053  7.567   1.00 37.11  ? 86  ARG A CD  1 
ATOM   637  N  NE  . ARG A 1 87  ? -13.813 -5.825  7.160   1.00 44.19  ? 86  ARG A NE  1 
ATOM   638  C  CZ  . ARG A 1 87  ? -13.394 -6.919  7.788   1.00 37.43  ? 86  ARG A CZ  1 
ATOM   639  N  NH1 . ARG A 1 87  ? -14.053 -7.376  8.852   1.00 43.92  ? 86  ARG A NH1 1 
ATOM   640  N  NH2 . ARG A 1 87  ? -12.329 -7.565  7.347   1.00 38.91  ? 86  ARG A NH2 1 
ATOM   641  N  N   . ASP A 1 88  ? -15.180 0.542   6.355   1.00 19.90  ? 87  ASP A N   1 
ATOM   642  C  CA  . ASP A 1 88  ? -16.015 1.721   6.534   1.00 22.21  ? 87  ASP A CA  1 
ATOM   643  C  C   . ASP A 1 88  ? -16.391 2.411   5.192   1.00 24.86  ? 87  ASP A C   1 
ATOM   644  O  O   . ASP A 1 88  ? -17.104 3.422   5.175   1.00 21.29  ? 87  ASP A O   1 
ATOM   645  C  CB  . ASP A 1 88  ? -15.317 2.691   7.490   1.00 23.04  ? 87  ASP A CB  1 
ATOM   646  C  CG  . ASP A 1 88  ? -16.284 3.598   8.226   1.00 29.18  ? 87  ASP A CG  1 
ATOM   647  O  OD1 . ASP A 1 88  ? -17.470 3.231   8.398   1.00 23.65  ? 87  ASP A OD1 1 
ATOM   648  O  OD2 . ASP A 1 88  ? -15.843 4.682   8.653   1.00 23.50  ? 87  ASP A OD2 1 
ATOM   649  N  N   . GLY A 1 89  ? -15.925 1.859   4.072   1.00 19.16  ? 88  GLY A N   1 
ATOM   650  C  CA  . GLY A 1 89  ? -16.362 2.332   2.757   1.00 19.34  ? 88  GLY A CA  1 
ATOM   651  C  C   . GLY A 1 89  ? -15.409 3.202   1.967   1.00 19.48  ? 88  GLY A C   1 
ATOM   652  O  O   . GLY A 1 89  ? -15.693 3.557   0.825   1.00 21.67  ? 88  GLY A O   1 
ATOM   653  N  N   . GLY A 1 90  ? -14.274 3.550   2.555   1.00 20.77  ? 89  GLY A N   1 
ATOM   654  C  CA  . GLY A 1 90  ? -13.330 4.405   1.842   1.00 15.14  ? 89  GLY A CA  1 
ATOM   655  C  C   . GLY A 1 90  ? -12.373 3.572   1.013   1.00 16.48  ? 89  GLY A C   1 
ATOM   656  O  O   . GLY A 1 90  ? -12.347 2.342   1.114   1.00 16.62  ? 89  GLY A O   1 
ATOM   657  N  N   . SER A 1 91  ? -11.576 4.248   0.193   1.00 19.20  ? 90  SER A N   1 
ATOM   658  C  CA  . SER A 1 91  ? -10.482 3.581   -0.494  1.00 19.49  ? 90  SER A CA  1 
ATOM   659  C  C   . SER A 1 91  ? -9.156  3.978   0.143   1.00 20.43  ? 90  SER A C   1 
ATOM   660  O  O   . SER A 1 91  ? -9.012  5.071   0.710   1.00 19.11  ? 90  SER A O   1 
ATOM   661  C  CB  . SER A 1 91  ? -10.514 3.921   -1.987  1.00 18.54  ? 90  SER A CB  1 
ATOM   662  O  OG  . SER A 1 91  ? -11.638 3.298   -2.578  1.00 22.22  ? 90  SER A OG  1 
ATOM   663  N  N   . CYS A 1 92  ? -8.195  3.069   0.078   1.00 19.49  ? 91  CYS A N   1 
ATOM   664  C  CA  A CYS A 1 92  ? -6.918  3.334   0.671   0.50 16.63  ? 91  CYS A CA  1 
ATOM   665  C  CA  B CYS A 1 92  ? -6.876  3.264   0.667   0.50 19.46  ? 91  CYS A CA  1 
ATOM   666  C  C   . CYS A 1 92  ? -5.857  3.505   -0.406  1.00 16.94  ? 91  CYS A C   1 
ATOM   667  O  O   . CYS A 1 92  ? -5.756  2.698   -1.315  1.00 18.00  ? 91  CYS A O   1 
ATOM   668  C  CB  A CYS A 1 92  ? -6.546  2.206   1.631   0.50 17.53  ? 91  CYS A CB  1 
ATOM   669  C  CB  B CYS A 1 92  ? -6.418  1.991   1.374   0.50 22.26  ? 91  CYS A CB  1 
ATOM   670  S  SG  A CYS A 1 92  ? -5.027  2.493   2.481   0.50 11.80  ? 91  CYS A SG  1 
ATOM   671  S  SG  B CYS A 1 92  ? -6.972  1.809   3.018   0.50 24.69  ? 91  CYS A SG  1 
ATOM   672  N  N   . LEU A 1 93  ? -5.073  4.575   -0.280  1.00 16.08  ? 92  LEU A N   1 
ATOM   673  C  CA  . LEU A 1 93  ? -3.909  4.750   -1.142  1.00 18.18  ? 92  LEU A CA  1 
ATOM   674  C  C   . LEU A 1 93  ? -2.658  4.540   -0.299  1.00 18.78  ? 92  LEU A C   1 
ATOM   675  O  O   . LEU A 1 93  ? -2.505  5.167   0.745   1.00 19.35  ? 92  LEU A O   1 
ATOM   676  C  CB  . LEU A 1 93  ? -3.887  6.151   -1.765  1.00 16.86  ? 92  LEU A CB  1 
ATOM   677  C  CG  . LEU A 1 93  ? -2.574  6.593   -2.437  1.00 19.64  ? 92  LEU A CG  1 
ATOM   678  C  CD1 . LEU A 1 93  ? -2.220  5.721   -3.653  1.00 14.47  ? 92  LEU A CD1 1 
ATOM   679  C  CD2 . LEU A 1 93  ? -2.673  8.067   -2.829  1.00 19.56  ? 92  LEU A CD2 1 
ATOM   680  N  N   . VAL A 1 94  ? -1.777  3.651   -0.747  1.00 16.54  ? 93  VAL A N   1 
ATOM   681  C  CA  . VAL A 1 94  ? -0.507  3.425   -0.092  1.00 12.70  ? 93  VAL A CA  1 
ATOM   682  C  C   . VAL A 1 94  ? 0.532   4.058   -1.009  1.00 19.94  ? 93  VAL A C   1 
ATOM   683  O  O   . VAL A 1 94  ? 0.637   3.680   -2.171  1.00 17.60  ? 93  VAL A O   1 
ATOM   684  C  CB  . VAL A 1 94  ? -0.142  1.931   0.034   1.00 13.85  ? 93  VAL A CB  1 
ATOM   685  C  CG1 . VAL A 1 94  ? 1.178   1.760   0.782   1.00 15.39  ? 93  VAL A CG1 1 
ATOM   686  C  CG2 . VAL A 1 94  ? -1.222  1.150   0.751   1.00 18.25  ? 93  VAL A CG2 1 
ATOM   687  N  N   . TYR A 1 95  ? 1.287   5.027   -0.504  1.00 18.53  ? 94  TYR A N   1 
ATOM   688  C  CA  . TYR A 1 95  ? 2.367   5.586   -1.304  1.00 15.45  ? 94  TYR A CA  1 
ATOM   689  C  C   . TYR A 1 95  ? 3.689   5.677   -0.555  1.00 17.31  ? 94  TYR A C   1 
ATOM   690  O  O   . TYR A 1 95  ? 3.732   5.623   0.675   1.00 18.07  ? 94  TYR A O   1 
ATOM   691  C  CB  . TYR A 1 95  ? 1.958   6.926   -1.930  1.00 14.67  ? 94  TYR A CB  1 
ATOM   692  C  CG  . TYR A 1 95  ? 1.774   8.109   -0.991  1.00 18.88  ? 94  TYR A CG  1 
ATOM   693  C  CD1 . TYR A 1 95  ? 2.871   8.832   -0.510  1.00 21.21  ? 94  TYR A CD1 1 
ATOM   694  C  CD2 . TYR A 1 95  ? 0.498   8.556   -0.657  1.00 18.75  ? 94  TYR A CD2 1 
ATOM   695  C  CE1 . TYR A 1 95  ? 2.702   9.943   0.312   1.00 20.28  ? 94  TYR A CE1 1 
ATOM   696  C  CE2 . TYR A 1 95  ? 0.317   9.672   0.172   1.00 21.54  ? 94  TYR A CE2 1 
ATOM   697  C  CZ  . TYR A 1 95  ? 1.424   10.349  0.663   1.00 19.55  ? 94  TYR A CZ  1 
ATOM   698  O  OH  . TYR A 1 95  ? 1.242   11.462  1.479   1.00 20.55  ? 94  TYR A OH  1 
ATOM   699  N  N   . CYS A 1 96  ? 4.772   5.777   -1.317  1.00 19.62  ? 95  CYS A N   1 
ATOM   700  C  CA  . CYS A 1 96  ? 6.079   6.127   -0.783  1.00 21.24  ? 95  CYS A CA  1 
ATOM   701  C  C   . CYS A 1 96  ? 6.661   7.170   -1.746  1.00 18.66  ? 95  CYS A C   1 
ATOM   702  O  O   . CYS A 1 96  ? 5.989   7.587   -2.690  1.00 18.98  ? 95  CYS A O   1 
ATOM   703  C  CB  . CYS A 1 96  ? 6.972   4.878   -0.639  1.00 18.10  ? 95  CYS A CB  1 
ATOM   704  S  SG  . CYS A 1 96  ? 7.363   4.025   -2.208  1.00 20.81  ? 95  CYS A SG  1 
ATOM   705  N  N   . LYS A 1 97  ? 7.891   7.607   -1.524  1.00 20.11  ? 96  LYS A N   1 
ATOM   706  C  CA  . LYS A 1 97  ? 8.458   8.672   -2.362  1.00 20.47  ? 96  LYS A CA  1 
ATOM   707  C  C   . LYS A 1 97  ? 8.285   8.409   -3.871  1.00 17.54  ? 96  LYS A C   1 
ATOM   708  O  O   . LYS A 1 97  ? 7.715   9.231   -4.597  1.00 21.54  ? 96  LYS A O   1 
ATOM   709  C  CB  . LYS A 1 97  ? 9.931   8.862   -2.016  1.00 18.75  ? 96  LYS A CB  1 
ATOM   710  C  CG  . LYS A 1 97  ? 10.667  9.860   -2.894  1.00 22.77  ? 96  LYS A CG  1 
ATOM   711  C  CD  . LYS A 1 97  ? 12.131  9.865   -2.459  1.00 28.48  ? 96  LYS A CD  1 
ATOM   712  C  CE  . LYS A 1 97  ? 12.859  11.080  -2.960  1.00 37.56  ? 96  LYS A CE  1 
ATOM   713  N  NZ  . LYS A 1 97  ? 14.285  11.021  -2.532  1.00 46.69  ? 96  LYS A NZ  1 
ATOM   714  N  N   . ASN A 1 98  ? 8.748   7.251   -4.330  1.00 20.52  ? 97  ASN A N   1 
ATOM   715  C  CA  . ASN A 1 98  ? 8.776   6.949   -5.763  1.00 19.02  ? 97  ASN A CA  1 
ATOM   716  C  C   . ASN A 1 98  ? 7.829   5.819   -6.203  1.00 19.34  ? 97  ASN A C   1 
ATOM   717  O  O   . ASN A 1 98  ? 7.830   5.399   -7.363  1.00 21.12  ? 97  ASN A O   1 
ATOM   718  C  CB  . ASN A 1 98  ? 10.228  6.674   -6.204  1.00 17.04  ? 97  ASN A CB  1 
ATOM   719  C  CG  . ASN A 1 98  ? 10.761  5.330   -5.725  1.00 24.14  ? 97  ASN A CG  1 
ATOM   720  O  OD1 . ASN A 1 98  ? 10.190  4.685   -4.848  1.00 23.12  ? 97  ASN A OD1 1 
ATOM   721  N  ND2 . ASN A 1 98  ? 11.880  4.909   -6.303  1.00 25.94  ? 97  ASN A ND2 1 
ATOM   722  N  N   . GLY A 1 99  ? 7.023   5.327   -5.269  1.00 19.18  ? 98  GLY A N   1 
ATOM   723  C  CA  . GLY A 1 99  ? 6.071   4.262   -5.577  1.00 17.08  ? 98  GLY A CA  1 
ATOM   724  C  C   . GLY A 1 99  ? 6.703   2.927   -5.936  1.00 15.25  ? 98  GLY A C   1 
ATOM   725  O  O   . GLY A 1 99  ? 6.142   2.164   -6.744  1.00 20.83  ? 98  GLY A O   1 
ATOM   726  N  N   . ARG A 1 100 ? 7.881   2.637   -5.373  1.00 19.13  ? 99  ARG A N   1 
ATOM   727  C  CA  . ARG A 1 100 ? 8.571   1.378   -5.711  1.00 22.89  ? 99  ARG A CA  1 
ATOM   728  C  C   . ARG A 1 100 ? 8.654   0.343   -4.597  1.00 24.59  ? 99  ARG A C   1 
ATOM   729  O  O   . ARG A 1 100 ? 7.877   -0.593  -4.591  1.00 34.28  ? 99  ARG A O   1 
ATOM   730  C  CB  . ARG A 1 100 ? 9.948   1.628   -6.342  1.00 20.76  ? 99  ARG A CB  1 
ATOM   731  C  CG  . ARG A 1 100 ? 9.813   2.389   -7.641  1.00 17.64  ? 99  ARG A CG  1 
ATOM   732  C  CD  . ARG A 1 100 ? 11.037  2.265   -8.534  1.00 28.05  ? 99  ARG A CD  1 
ATOM   733  N  NE  . ARG A 1 100 ? 10.832  3.055   -9.743  1.00 29.30  ? 99  ARG A NE  1 
ATOM   734  C  CZ  . ARG A 1 100 ? 11.339  2.765   -10.935 1.00 38.59  ? 99  ARG A CZ  1 
ATOM   735  N  NH1 . ARG A 1 100 ? 12.080  1.676   -11.104 1.00 30.56  ? 99  ARG A NH1 1 
ATOM   736  N  NH2 . ARG A 1 100 ? 11.086  3.560   -11.966 1.00 34.90  ? 99  ARG A NH2 1 
ATOM   737  N  N   . SER A 1 101 ? 9.591   0.492   -3.667  1.00 19.85  ? 100 SER A N   1 
ATOM   738  C  CA  . SER A 1 101 ? 9.837   -0.587  -2.725  1.00 17.90  ? 100 SER A CA  1 
ATOM   739  C  C   . SER A 1 101 ? 8.876   -0.621  -1.527  1.00 21.80  ? 100 SER A C   1 
ATOM   740  O  O   . SER A 1 101 ? 8.210   -1.629  -1.285  1.00 17.77  ? 100 SER A O   1 
ATOM   741  C  CB  . SER A 1 101 ? 11.292  -0.568  -2.263  1.00 19.33  ? 100 SER A CB  1 
ATOM   742  O  OG  . SER A 1 101 ? 11.488  -1.469  -1.183  1.00 21.99  ? 100 SER A OG  1 
ATOM   743  N  N   . ARG A 1 102 ? 8.809   0.484   -0.787  1.00 18.61  ? 101 ARG A N   1 
ATOM   744  C  CA  . ARG A 1 102 ? 8.022   0.527   0.448   1.00 21.36  ? 101 ARG A CA  1 
ATOM   745  C  C   . ARG A 1 102 ? 6.508   0.366   0.229   1.00 19.58  ? 101 ARG A C   1 
ATOM   746  O  O   . ARG A 1 102 ? 5.885   -0.467  0.881   1.00 16.71  ? 101 ARG A O   1 
ATOM   747  C  CB  . ARG A 1 102 ? 8.320   1.811   1.225   1.00 18.69  ? 101 ARG A CB  1 
ATOM   748  C  CG  . ARG A 1 102 ? 9.686   1.789   1.913   1.00 20.51  ? 101 ARG A CG  1 
ATOM   749  C  CD  . ARG A 1 102 ? 10.107  3.154   2.442   1.00 23.93  ? 101 ARG A CD  1 
ATOM   750  N  NE  . ARG A 1 102 ? 10.478  4.084   1.381   1.00 24.26  ? 101 ARG A NE  1 
ATOM   751  C  CZ  . ARG A 1 102 ? 10.964  5.303   1.587   1.00 23.16  ? 101 ARG A CZ  1 
ATOM   752  N  NH1 . ARG A 1 102 ? 11.156  5.762   2.822   1.00 19.52  ? 101 ARG A NH1 1 
ATOM   753  N  NH2 . ARG A 1 102 ? 11.267  6.068   0.547   1.00 23.75  ? 101 ARG A NH2 1 
ATOM   754  N  N   . SER A 1 103 ? 5.931   1.154   -0.683  1.00 18.27  ? 102 SER A N   1 
ATOM   755  C  CA  . SER A 1 103 ? 4.494   1.060   -0.968  1.00 20.32  ? 102 SER A CA  1 
ATOM   756  C  C   . SER A 1 103 ? 4.104   -0.312  -1.543  1.00 19.95  ? 102 SER A C   1 
ATOM   757  O  O   . SER A 1 103 ? 3.035   -0.843  -1.232  1.00 17.14  ? 102 SER A O   1 
ATOM   758  C  CB  . SER A 1 103 ? 4.056   2.185   -1.905  1.00 19.86  ? 102 SER A CB  1 
ATOM   759  O  OG  . SER A 1 103 ? 4.809   2.159   -3.104  1.00 24.17  ? 102 SER A OG  1 
ATOM   760  N  N   . ALA A 1 104 ? 4.973   -0.884  -2.377  1.00 19.03  ? 103 ALA A N   1 
ATOM   761  C  CA  . ALA A 1 104 ? 4.726   -2.214  -2.928  1.00 20.41  ? 103 ALA A CA  1 
ATOM   762  C  C   . ALA A 1 104 ? 4.682   -3.269  -1.835  1.00 19.25  ? 103 ALA A C   1 
ATOM   763  O  O   . ALA A 1 104 ? 3.801   -4.137  -1.821  1.00 20.42  ? 103 ALA A O   1 
ATOM   764  C  CB  . ALA A 1 104 ? 5.789   -2.571  -3.970  1.00 20.92  ? 103 ALA A CB  1 
ATOM   765  N  N   . ALA A 1 105 ? 5.630   -3.186  -0.908  1.00 16.45  ? 104 ALA A N   1 
ATOM   766  C  CA  . ALA A 1 105 ? 5.696   -4.151  0.187   1.00 18.90  ? 104 ALA A CA  1 
ATOM   767  C  C   . ALA A 1 105 ? 4.450   -4.030  1.079   1.00 20.86  ? 104 ALA A C   1 
ATOM   768  O  O   . ALA A 1 105 ? 3.861   -5.044  1.463   1.00 16.95  ? 104 ALA A O   1 
ATOM   769  C  CB  . ALA A 1 105 ? 6.984   -3.948  0.993   1.00 18.43  ? 104 ALA A CB  1 
ATOM   770  N  N   . VAL A 1 106 ? 4.027   -2.797  1.382   1.00 16.68  ? 105 VAL A N   1 
ATOM   771  C  CA  . VAL A 1 106 ? 2.826   -2.622  2.209   1.00 17.30  ? 105 VAL A CA  1 
ATOM   772  C  C   . VAL A 1 106 ? 1.534   -3.087  1.513   1.00 15.37  ? 105 VAL A C   1 
ATOM   773  O  O   . VAL A 1 106 ? 0.729   -3.794  2.128   1.00 19.20  ? 105 VAL A O   1 
ATOM   774  C  CB  . VAL A 1 106 ? 2.712   -1.190  2.802   1.00 18.27  ? 105 VAL A CB  1 
ATOM   775  C  CG1 . VAL A 1 106 ? 1.366   -1.000  3.533   1.00 13.20  ? 105 VAL A CG1 1 
ATOM   776  C  CG2 . VAL A 1 106 ? 3.864   -0.949  3.782   1.00 15.57  ? 105 VAL A CG2 1 
ATOM   777  N  N   . CYS A 1 107 ? 1.335   -2.723  0.245   1.00 16.05  ? 106 CYS A N   1 
ATOM   778  C  CA  . CYS A 1 107 ? 0.178   -3.235  -0.512  1.00 15.78  ? 106 CYS A CA  1 
ATOM   779  C  C   . CYS A 1 107 ? 0.158   -4.754  -0.588  1.00 19.10  ? 106 CYS A C   1 
ATOM   780  O  O   . CYS A 1 107 ? -0.905  -5.353  -0.471  1.00 18.35  ? 106 CYS A O   1 
ATOM   781  C  CB  . CYS A 1 107 ? 0.133   -2.695  -1.949  1.00 19.19  ? 106 CYS A CB  1 
ATOM   782  S  SG  . CYS A 1 107 ? -0.268  -0.978  -2.073  1.00 22.15  ? 106 CYS A SG  1 
ATOM   783  N  N   . THR A 1 108 ? 1.331   -5.359  -0.803  1.00 17.25  ? 107 THR A N   1 
ATOM   784  C  CA  . THR A 1 108 ? 1.470   -6.824  -0.859  1.00 18.13  ? 107 THR A CA  1 
ATOM   785  C  C   . THR A 1 108 ? 1.080   -7.460  0.481   1.00 18.39  ? 107 THR A C   1 
ATOM   786  O  O   . THR A 1 108 ? 0.316   -8.434  0.514   1.00 19.57  ? 107 THR A O   1 
ATOM   787  C  CB  . THR A 1 108 ? 2.916   -7.266  -1.271  1.00 16.64  ? 107 THR A CB  1 
ATOM   788  O  OG1 . THR A 1 108 ? 3.264   -6.700  -2.539  1.00 19.35  ? 107 THR A OG1 1 
ATOM   789  C  CG2 . THR A 1 108 ? 3.023   -8.780  -1.372  1.00 17.18  ? 107 THR A CG2 1 
ATOM   790  N  N   . ALA A 1 109 ? 1.573   -6.889  1.585   1.00 18.35  ? 108 ALA A N   1 
ATOM   791  C  CA  . ALA A 1 109 ? 1.184   -7.355  2.914   1.00 20.10  ? 108 ALA A CA  1 
ATOM   792  C  C   . ALA A 1 109 ? -0.330  -7.309  3.110   1.00 18.59  ? 108 ALA A C   1 
ATOM   793  O  O   . ALA A 1 109 ? -0.931  -8.269  3.616   1.00 19.39  ? 108 ALA A O   1 
ATOM   794  C  CB  . ALA A 1 109 ? 1.900   -6.534  4.012   1.00 17.13  ? 108 ALA A CB  1 
ATOM   795  N  N   . TYR A 1 110 ? -0.945  -6.203  2.693   1.00 19.34  ? 109 TYR A N   1 
ATOM   796  C  CA  . TYR A 1 110 ? -2.394  -6.011  2.879   1.00 19.78  ? 109 TYR A CA  1 
ATOM   797  C  C   . TYR A 1 110 ? -3.217  -7.059  2.125   1.00 18.29  ? 109 TYR A C   1 
ATOM   798  O  O   . TYR A 1 110 ? -4.205  -7.596  2.645   1.00 20.63  ? 109 TYR A O   1 
ATOM   799  C  CB  . TYR A 1 110 ? -2.827  -4.597  2.458   1.00 15.41  ? 109 TYR A CB  1 
ATOM   800  C  CG  . TYR A 1 110 ? -4.329  -4.452  2.455   1.00 20.15  ? 109 TYR A CG  1 
ATOM   801  C  CD1 . TYR A 1 110 ? -5.026  -4.147  3.630   1.00 14.81  ? 109 TYR A CD1 1 
ATOM   802  C  CD2 . TYR A 1 110 ? -5.061  -4.661  1.284   1.00 18.00  ? 109 TYR A CD2 1 
ATOM   803  C  CE1 . TYR A 1 110 ? -6.423  -4.052  3.628   1.00 19.16  ? 109 TYR A CE1 1 
ATOM   804  C  CE2 . TYR A 1 110 ? -6.452  -4.577  1.276   1.00 23.64  ? 109 TYR A CE2 1 
ATOM   805  C  CZ  . TYR A 1 110 ? -7.124  -4.274  2.445   1.00 20.05  ? 109 TYR A CZ  1 
ATOM   806  O  OH  . TYR A 1 110 ? -8.503  -4.194  2.418   1.00 17.39  ? 109 TYR A OH  1 
ATOM   807  N  N   . LEU A 1 111 ? -2.806  -7.345  0.898   1.00 17.21  ? 110 LEU A N   1 
ATOM   808  C  CA  . LEU A 1 111 ? -3.491  -8.346  0.068   1.00 19.51  ? 110 LEU A CA  1 
ATOM   809  C  C   . LEU A 1 111 ? -3.416  -9.758  0.668   1.00 19.23  ? 110 LEU A C   1 
ATOM   810  O  O   . LEU A 1 111 ? -4.384  -10.514 0.609   1.00 22.40  ? 110 LEU A O   1 
ATOM   811  C  CB  . LEU A 1 111 ? -2.933  -8.320  -1.357  1.00 20.74  ? 110 LEU A CB  1 
ATOM   812  C  CG  . LEU A 1 111 ? -3.236  -7.068  -2.209  1.00 21.20  ? 110 LEU A CG  1 
ATOM   813  C  CD1 . LEU A 1 111 ? -2.417  -7.096  -3.486  1.00 20.19  ? 110 LEU A CD1 1 
ATOM   814  C  CD2 . LEU A 1 111 ? -4.696  -6.972  -2.548  1.00 16.91  ? 110 LEU A CD2 1 
ATOM   815  N  N   . MET A 1 112 ? -2.275  -10.111 1.257   1.00 16.63  ? 111 MET A N   1 
ATOM   816  C  CA  . MET A 1 112 ? -2.157  -11.399 1.961   1.00 18.38  ? 111 MET A CA  1 
ATOM   817  C  C   . MET A 1 112 ? -3.002  -11.429 3.215   1.00 21.51  ? 111 MET A C   1 
ATOM   818  O  O   . MET A 1 112 ? -3.629  -12.445 3.536   1.00 21.18  ? 111 MET A O   1 
ATOM   819  C  CB  . MET A 1 112 ? -0.716  -11.667 2.383   1.00 21.95  ? 111 MET A CB  1 
ATOM   820  C  CG  . MET A 1 112 ? 0.266   -11.901 1.259   1.00 25.01  ? 111 MET A CG  1 
ATOM   821  S  SD  . MET A 1 112 ? 1.786   -12.532 1.995   1.00 29.93  ? 111 MET A SD  1 
ATOM   822  C  CE  . MET A 1 112 ? 2.522   -11.011 2.601   1.00 23.38  ? 111 MET A CE  1 
ATOM   823  N  N   . ARG A 1 113 ? -2.981  -10.317 3.941   1.00 19.49  ? 112 ARG A N   1 
ATOM   824  C  CA  . ARG A 1 113 ? -3.598  -10.232 5.261   1.00 22.26  ? 112 ARG A CA  1 
ATOM   825  C  C   . ARG A 1 113 ? -5.119  -10.182 5.199   1.00 24.10  ? 112 ARG A C   1 
ATOM   826  O  O   . ARG A 1 113 ? -5.810  -10.794 6.030   1.00 22.02  ? 112 ARG A O   1 
ATOM   827  C  CB  . ARG A 1 113 ? -3.060  -8.996  6.004   1.00 23.68  ? 112 ARG A CB  1 
ATOM   828  C  CG  . ARG A 1 113 ? -3.600  -8.791  7.413   1.00 18.21  ? 112 ARG A CG  1 
ATOM   829  C  CD  . ARG A 1 113 ? -3.464  -10.055 8.278   1.00 20.77  ? 112 ARG A CD  1 
ATOM   830  N  NE  . ARG A 1 113 ? -4.026  -9.786  9.586   1.00 27.39  ? 112 ARG A NE  1 
ATOM   831  C  CZ  . ARG A 1 113 ? -5.298  -9.966  9.917   1.00 22.29  ? 112 ARG A CZ  1 
ATOM   832  N  NH1 . ARG A 1 113 ? -6.165  -10.486 9.050   1.00 18.93  ? 112 ARG A NH1 1 
ATOM   833  N  NH2 . ARG A 1 113 ? -5.695  -9.651  11.142  1.00 23.81  ? 112 ARG A NH2 1 
ATOM   834  N  N   . HIS A 1 114 ? -5.641  -9.457  4.217   1.00 22.01  ? 113 HIS A N   1 
ATOM   835  C  CA  . HIS A 1 114 ? -7.060  -9.152  4.201   1.00 22.83  ? 113 HIS A CA  1 
ATOM   836  C  C   . HIS A 1 114 ? -7.801  -9.576  2.942   1.00 21.16  ? 113 HIS A C   1 
ATOM   837  O  O   . HIS A 1 114 ? -9.015  -9.477  2.904   1.00 23.03  ? 113 HIS A O   1 
ATOM   838  C  CB  . HIS A 1 114 ? -7.283  -7.662  4.484   1.00 20.76  ? 113 HIS A CB  1 
ATOM   839  C  CG  . HIS A 1 114 ? -6.920  -7.269  5.880   1.00 24.49  ? 113 HIS A CG  1 
ATOM   840  N  ND1 . HIS A 1 114 ? -7.610  -7.727  6.982   1.00 21.13  ? 113 HIS A ND1 1 
ATOM   841  C  CD2 . HIS A 1 114 ? -5.925  -6.486  6.357   1.00 18.02  ? 113 HIS A CD2 1 
ATOM   842  C  CE1 . HIS A 1 114 ? -7.059  -7.241  8.078   1.00 23.12  ? 113 HIS A CE1 1 
ATOM   843  N  NE2 . HIS A 1 114 ? -6.038  -6.479  7.727   1.00 17.42  ? 113 HIS A NE2 1 
ATOM   844  N  N   . ARG A 1 115 ? -7.082  -10.035 1.921   1.00 20.54  ? 114 ARG A N   1 
ATOM   845  C  CA  . ARG A 1 115 ? -7.750  -10.483 0.690   1.00 20.27  ? 114 ARG A CA  1 
ATOM   846  C  C   . ARG A 1 115 ? -7.518  -11.972 0.370   1.00 23.11  ? 114 ARG A C   1 
ATOM   847  O  O   . ARG A 1 115 ? -7.939  -12.462 -0.674  1.00 23.65  ? 114 ARG A O   1 
ATOM   848  C  CB  . ARG A 1 115 ? -7.378  -9.577  -0.499  1.00 20.70  ? 114 ARG A CB  1 
ATOM   849  C  CG  . ARG A 1 115 ? -7.700  -8.086  -0.287  1.00 20.60  ? 114 ARG A CG  1 
ATOM   850  C  CD  . ARG A 1 115 ? -9.204  -7.792  -0.261  1.00 23.08  ? 114 ARG A CD  1 
ATOM   851  N  NE  . ARG A 1 115 ? -9.455  -6.399  0.122   1.00 24.89  ? 114 ARG A NE  1 
ATOM   852  C  CZ  . ARG A 1 115 ? -9.621  -5.393  -0.735  1.00 22.06  ? 114 ARG A CZ  1 
ATOM   853  N  NH1 . ARG A 1 115 ? -9.604  -5.604  -2.052  1.00 20.64  ? 114 ARG A NH1 1 
ATOM   854  N  NH2 . ARG A 1 115 ? -9.818  -4.167  -0.271  1.00 20.14  ? 114 ARG A NH2 1 
ATOM   855  N  N   . GLY A 1 116 ? -6.834  -12.674 1.266   1.00 22.94  ? 115 GLY A N   1 
ATOM   856  C  CA  . GLY A 1 116 ? -6.643  -14.124 1.139   1.00 28.17  ? 115 GLY A CA  1 
ATOM   857  C  C   . GLY A 1 116 ? -5.631  -14.593 0.111   1.00 29.11  ? 115 GLY A C   1 
ATOM   858  O  O   . GLY A 1 116 ? -5.625  -15.765 -0.245  1.00 25.99  ? 115 GLY A O   1 
ATOM   859  N  N   . HIS A 1 117 ? -4.768  -13.694 -0.364  1.00 24.28  ? 116 HIS A N   1 
ATOM   860  C  CA  . HIS A 1 117 ? -3.807  -14.056 -1.399  1.00 27.45  ? 116 HIS A CA  1 
ATOM   861  C  C   . HIS A 1 117 ? -2.484  -14.513 -0.815  1.00 27.15  ? 116 HIS A C   1 
ATOM   862  O  O   . HIS A 1 117 ? -2.031  -13.996 0.205   1.00 25.53  ? 116 HIS A O   1 
ATOM   863  C  CB  . HIS A 1 117 ? -3.575  -12.888 -2.378  1.00 26.78  ? 116 HIS A CB  1 
ATOM   864  C  CG  . HIS A 1 117 ? -4.828  -12.408 -3.045  1.00 28.42  ? 116 HIS A CG  1 
ATOM   865  N  ND1 . HIS A 1 117 ? -5.532  -13.176 -3.947  1.00 28.97  ? 116 HIS A ND1 1 
ATOM   866  C  CD2 . HIS A 1 117 ? -5.504  -11.240 -2.937  1.00 21.45  ? 116 HIS A CD2 1 
ATOM   867  C  CE1 . HIS A 1 117 ? -6.590  -12.502 -4.365  1.00 32.61  ? 116 HIS A CE1 1 
ATOM   868  N  NE2 . HIS A 1 117 ? -6.599  -11.326 -3.763  1.00 25.14  ? 116 HIS A NE2 1 
ATOM   869  N  N   . SER A 1 118 ? -1.855  -15.475 -1.482  1.00 24.97  ? 117 SER A N   1 
ATOM   870  C  CA  . SER A 1 118 ? -0.499  -15.886 -1.140  1.00 22.51  ? 117 SER A CA  1 
ATOM   871  C  C   . SER A 1 118 ? 0.428   -14.737 -1.498  1.00 22.44  ? 117 SER A C   1 
ATOM   872  O  O   . SER A 1 118 ? 0.055   -13.875 -2.291  1.00 20.99  ? 117 SER A O   1 
ATOM   873  C  CB  . SER A 1 118 ? -0.105  -17.097 -1.983  1.00 27.21  ? 117 SER A CB  1 
ATOM   874  O  OG  . SER A 1 118 ? 0.114   -16.676 -3.325  1.00 28.06  ? 117 SER A OG  1 
ATOM   875  N  N   . LEU A 1 119 ? 1.637   -14.743 -0.946  1.00 21.72  ? 118 LEU A N   1 
ATOM   876  C  CA  . LEU A 1 119 ? 2.648   -13.731 -1.282  1.00 25.96  ? 118 LEU A CA  1 
ATOM   877  C  C   . LEU A 1 119 ? 2.861   -13.529 -2.781  1.00 28.34  ? 118 LEU A C   1 
ATOM   878  O  O   . LEU A 1 119 ? 2.851   -12.388 -3.275  1.00 23.15  ? 118 LEU A O   1 
ATOM   879  C  CB  . LEU A 1 119 ? 3.976   -14.069 -0.600  1.00 26.71  ? 118 LEU A CB  1 
ATOM   880  C  CG  . LEU A 1 119 ? 5.175   -13.162 -0.870  1.00 21.35  ? 118 LEU A CG  1 
ATOM   881  C  CD1 . LEU A 1 119 ? 4.896   -11.687 -0.522  1.00 17.10  ? 118 LEU A CD1 1 
ATOM   882  C  CD2 . LEU A 1 119 ? 6.339   -13.684 -0.069  1.00 27.74  ? 118 LEU A CD2 1 
ATOM   883  N  N   . ASP A 1 120 ? 3.048   -14.630 -3.504  1.00 27.53  ? 119 ASP A N   1 
ATOM   884  C  CA  . ASP A 1 120 ? 3.270   -14.553 -4.944  1.00 28.69  ? 119 ASP A CA  1 
ATOM   885  C  C   . ASP A 1 120 ? 2.081   -13.959 -5.689  1.00 23.30  ? 119 ASP A C   1 
ATOM   886  O  O   . ASP A 1 120 ? 2.258   -13.140 -6.586  1.00 25.77  ? 119 ASP A O   1 
ATOM   887  C  CB  . ASP A 1 120 ? 3.599   -15.935 -5.513  1.00 34.04  ? 119 ASP A CB  1 
ATOM   888  C  CG  . ASP A 1 120 ? 4.952   -16.450 -5.058  1.00 36.78  ? 119 ASP A CG  1 
ATOM   889  O  OD1 . ASP A 1 120 ? 5.827   -15.631 -4.698  1.00 40.29  ? 119 ASP A OD1 1 
ATOM   890  O  OD2 . ASP A 1 120 ? 5.133   -17.687 -5.059  1.00 50.10  ? 119 ASP A OD2 1 
ATOM   891  N  N   . ARG A 1 121 ? 0.869   -14.373 -5.324  1.00 24.01  ? 120 ARG A N   1 
ATOM   892  C  CA  . ARG A 1 121 ? -0.327  -13.873 -5.993  1.00 24.65  ? 120 ARG A CA  1 
ATOM   893  C  C   . ARG A 1 121 ? -0.533  -12.385 -5.682  1.00 25.68  ? 120 ARG A C   1 
ATOM   894  O  O   . ARG A 1 121 ? -0.874  -11.597 -6.559  1.00 21.09  ? 120 ARG A O   1 
ATOM   895  C  CB  . ARG A 1 121 ? -1.559  -14.662 -5.536  1.00 24.61  ? 120 ARG A CB  1 
ATOM   896  C  CG  . ARG A 1 121 ? -2.859  -14.370 -6.317  1.00 42.84  ? 120 ARG A CG  1 
ATOM   897  C  CD  . ARG A 1 121 ? -2.829  -14.879 -7.776  1.00 55.83  ? 120 ARG A CD  1 
ATOM   898  N  NE  . ARG A 1 121 ? -2.156  -16.175 -7.913  1.00 65.89  ? 120 ARG A NE  1 
ATOM   899  C  CZ  . ARG A 1 121 ? -2.751  -17.362 -7.786  1.00 70.71  ? 120 ARG A CZ  1 
ATOM   900  N  NH1 . ARG A 1 121 ? -4.050  -17.444 -7.516  1.00 66.60  ? 120 ARG A NH1 1 
ATOM   901  N  NH2 . ARG A 1 121 ? -2.040  -18.475 -7.927  1.00 64.21  ? 120 ARG A NH2 1 
ATOM   902  N  N   . ALA A 1 122 ? -0.342  -12.037 -4.414  1.00 24.94  ? 121 ALA A N   1 
ATOM   903  C  CA  . ALA A 1 122 ? -0.476  -10.677 -3.943  1.00 24.12  ? 121 ALA A CA  1 
ATOM   904  C  C   . ALA A 1 122 ? 0.538   -9.792  -4.659  1.00 23.66  ? 121 ALA A C   1 
ATOM   905  O  O   . ALA A 1 122 ? 0.174   -8.745  -5.174  1.00 22.20  ? 121 ALA A O   1 
ATOM   906  C  CB  . ALA A 1 122 ? -0.284  -10.618 -2.423  1.00 20.34  ? 121 ALA A CB  1 
ATOM   907  N  N   . PHE A 1 123 ? 1.801   -10.209 -4.729  1.00 23.53  ? 122 PHE A N   1 
ATOM   908  C  CA  . PHE A 1 123 ? 2.782   -9.357  -5.402  1.00 24.96  ? 122 PHE A CA  1 
ATOM   909  C  C   . PHE A 1 123 ? 2.520   -9.207  -6.910  1.00 28.05  ? 122 PHE A C   1 
ATOM   910  O  O   . PHE A 1 123 ? 2.694   -8.117  -7.461  1.00 24.50  ? 122 PHE A O   1 
ATOM   911  C  CB  . PHE A 1 123 ? 4.236   -9.768  -5.146  1.00 24.49  ? 122 PHE A CB  1 
ATOM   912  C  CG  . PHE A 1 123 ? 5.220   -8.868  -5.829  1.00 29.30  ? 122 PHE A CG  1 
ATOM   913  C  CD1 . PHE A 1 123 ? 5.265   -7.509  -5.510  1.00 25.80  ? 122 PHE A CD1 1 
ATOM   914  C  CD2 . PHE A 1 123 ? 6.054   -9.349  -6.826  1.00 31.12  ? 122 PHE A CD2 1 
ATOM   915  C  CE1 . PHE A 1 123 ? 6.120   -6.660  -6.159  1.00 25.60  ? 122 PHE A CE1 1 
ATOM   916  C  CE2 . PHE A 1 123 ? 6.941   -8.492  -7.474  1.00 33.64  ? 122 PHE A CE2 1 
ATOM   917  C  CZ  . PHE A 1 123 ? 6.976   -7.151  -7.135  1.00 28.70  ? 122 PHE A CZ  1 
ATOM   918  N  N   . GLN A 1 124 ? 2.086   -10.289 -7.558  1.00 22.47  ? 123 GLN A N   1 
ATOM   919  C  CA  . GLN A 1 124 ? 1.690   -10.236 -8.966  1.00 23.51  ? 123 GLN A CA  1 
ATOM   920  C  C   . GLN A 1 124 ? 0.615   -9.162  -9.205  1.00 23.70  ? 123 GLN A C   1 
ATOM   921  O  O   . GLN A 1 124 ? 0.694   -8.422  -10.182 1.00 25.50  ? 123 GLN A O   1 
ATOM   922  C  CB  . GLN A 1 124 ? 1.249   -11.631 -9.466  1.00 22.79  ? 123 GLN A CB  1 
ATOM   923  C  CG  . GLN A 1 124 ? 0.415   -11.660 -10.762 1.00 33.58  ? 123 GLN A CG  1 
ATOM   924  C  CD  . GLN A 1 124 ? -1.099  -11.541 -10.526 1.00 59.21  ? 123 GLN A CD  1 
ATOM   925  O  OE1 . GLN A 1 124 ? -1.688  -12.300 -9.744  1.00 64.40  ? 123 GLN A OE1 1 
ATOM   926  N  NE2 . GLN A 1 124 ? -1.732  -10.588 -11.215 1.00 55.73  ? 123 GLN A NE2 1 
ATOM   927  N  N   . MET A 1 125 ? -0.370  -9.064  -8.304  1.00 22.67  ? 124 MET A N   1 
ATOM   928  C  CA  . MET A 1 125 ? -1.431  -8.042  -8.429  1.00 22.62  ? 124 MET A CA  1 
ATOM   929  C  C   . MET A 1 125 ? -0.892  -6.607  -8.350  1.00 20.61  ? 124 MET A C   1 
ATOM   930  O  O   . MET A 1 125 ? -1.321  -5.726  -9.106  1.00 17.93  ? 124 MET A O   1 
ATOM   931  C  CB  . MET A 1 125 ? -2.517  -8.244  -7.368  1.00 19.38  ? 124 MET A CB  1 
ATOM   932  C  CG  . MET A 1 125 ? -3.375  -9.496  -7.571  1.00 26.55  ? 124 MET A CG  1 
ATOM   933  S  SD  . MET A 1 125 ? -4.359  -9.911  -6.105  1.00 28.96  ? 124 MET A SD  1 
ATOM   934  C  CE  . MET A 1 125 ? -5.555  -8.575  -6.072  1.00 24.67  ? 124 MET A CE  1 
ATOM   935  N  N   . VAL A 1 126 ? 0.019   -6.374  -7.410  1.00 20.12  ? 125 VAL A N   1 
ATOM   936  C  CA  . VAL A 1 126 ? 0.671   -5.072  -7.270  1.00 21.85  ? 125 VAL A CA  1 
ATOM   937  C  C   . VAL A 1 126 ? 1.470   -4.750  -8.544  1.00 24.22  ? 125 VAL A C   1 
ATOM   938  O  O   . VAL A 1 126 ? 1.321   -3.668  -9.133  1.00 23.58  ? 125 VAL A O   1 
ATOM   939  C  CB  . VAL A 1 126 ? 1.585   -5.050  -6.009  1.00 20.81  ? 125 VAL A CB  1 
ATOM   940  C  CG1 . VAL A 1 126 ? 2.385   -3.762  -5.931  1.00 17.58  ? 125 VAL A CG1 1 
ATOM   941  C  CG2 . VAL A 1 126 ? 0.746   -5.254  -4.739  1.00 22.05  ? 125 VAL A CG2 1 
ATOM   942  N  N   . LYS A 1 127 ? 2.297   -5.711  -8.967  1.00 23.67  ? 126 LYS A N   1 
ATOM   943  C  CA  A LYS A 1 127 ? 3.122   -5.573  -10.168 0.50 24.15  ? 126 LYS A CA  1 
ATOM   944  C  CA  B LYS A 1 127 ? 3.122   -5.573  -10.167 0.50 24.25  ? 126 LYS A CA  1 
ATOM   945  C  C   . LYS A 1 127 ? 2.294   -5.250  -11.420 1.00 22.48  ? 126 LYS A C   1 
ATOM   946  O  O   . LYS A 1 127 ? 2.691   -4.419  -12.245 1.00 21.78  ? 126 LYS A O   1 
ATOM   947  C  CB  A LYS A 1 127 ? 3.929   -6.856  -10.390 0.50 28.05  ? 126 LYS A CB  1 
ATOM   948  C  CB  B LYS A 1 127 ? 3.934   -6.856  -10.386 0.50 28.16  ? 126 LYS A CB  1 
ATOM   949  C  CG  A LYS A 1 127 ? 5.088   -6.725  -11.359 0.50 35.56  ? 126 LYS A CG  1 
ATOM   950  C  CG  B LYS A 1 127 ? 5.097   -6.729  -11.355 0.50 36.32  ? 126 LYS A CG  1 
ATOM   951  C  CD  A LYS A 1 127 ? 6.333   -6.205  -10.651 0.50 44.79  ? 126 LYS A CD  1 
ATOM   952  C  CD  B LYS A 1 127 ? 6.286   -6.045  -10.695 0.50 45.47  ? 126 LYS A CD  1 
ATOM   953  C  CE  A LYS A 1 127 ? 7.599   -6.563  -11.419 0.50 38.68  ? 126 LYS A CE  1 
ATOM   954  C  CE  B LYS A 1 127 ? 7.585   -6.342  -11.438 0.50 43.52  ? 126 LYS A CE  1 
ATOM   955  N  NZ  A LYS A 1 127 ? 7.727   -5.796  -12.686 0.50 24.79  ? 126 LYS A NZ  1 
ATOM   956  N  NZ  B LYS A 1 127 ? 8.668   -5.391  -11.043 0.50 33.08  ? 126 LYS A NZ  1 
ATOM   957  N  N   . SER A 1 128 ? 1.149   -5.911  -11.565 1.00 23.54  ? 127 SER A N   1 
ATOM   958  C  CA  . SER A 1 128 ? 0.233   -5.660  -12.695 1.00 24.84  ? 127 SER A CA  1 
ATOM   959  C  C   . SER A 1 128 ? -0.314  -4.241  -12.732 1.00 24.78  ? 127 SER A C   1 
ATOM   960  O  O   . SER A 1 128 ? -0.511  -3.668  -13.806 1.00 23.23  ? 127 SER A O   1 
ATOM   961  C  CB  . SER A 1 128 ? -0.940  -6.628  -12.646 1.00 24.77  ? 127 SER A CB  1 
ATOM   962  O  OG  . SER A 1 128 ? -0.476  -7.955  -12.783 1.00 32.50  ? 127 SER A OG  1 
ATOM   963  N  N   . ALA A 1 129 ? -0.564  -3.683  -11.549 1.00 20.73  ? 128 ALA A N   1 
ATOM   964  C  CA  . ALA A 1 129 ? -1.067  -2.323  -11.431 1.00 21.45  ? 128 ALA A CA  1 
ATOM   965  C  C   . ALA A 1 129 ? 0.060   -1.309  -11.647 1.00 20.58  ? 128 ALA A C   1 
ATOM   966  O  O   . ALA A 1 129 ? -0.161  -0.226  -12.187 1.00 20.92  ? 128 ALA A O   1 
ATOM   967  C  CB  . ALA A 1 129 ? -1.705  -2.126  -10.069 1.00 19.61  ? 128 ALA A CB  1 
ATOM   968  N  N   . ARG A 1 130 ? 1.270   -1.682  -11.235 1.00 19.80  ? 129 ARG A N   1 
ATOM   969  C  CA  . ARG A 1 130 ? 2.413   -0.764  -11.223 1.00 23.75  ? 129 ARG A CA  1 
ATOM   970  C  C   . ARG A 1 130 ? 3.705   -1.561  -11.444 1.00 21.01  ? 129 ARG A C   1 
ATOM   971  O  O   . ARG A 1 130 ? 4.285   -2.090  -10.504 1.00 22.80  ? 129 ARG A O   1 
ATOM   972  C  CB  . ARG A 1 130 ? 2.474   0.027   -9.907  1.00 26.62  ? 129 ARG A CB  1 
ATOM   973  C  CG  . ARG A 1 130 ? 3.595   1.067   -9.890  1.00 23.81  ? 129 ARG A CG  1 
ATOM   974  C  CD  . ARG A 1 130 ? 3.347   2.202   -8.931  1.00 26.85  ? 129 ARG A CD  1 
ATOM   975  N  NE  . ARG A 1 130 ? 4.531   3.054   -8.829  1.00 28.14  ? 129 ARG A NE  1 
ATOM   976  C  CZ  . ARG A 1 130 ? 4.830   4.050   -9.659  1.00 30.07  ? 129 ARG A CZ  1 
ATOM   977  N  NH1 . ARG A 1 130 ? 4.023   4.363   -10.670 1.00 24.75  ? 129 ARG A NH1 1 
ATOM   978  N  NH2 . ARG A 1 130 ? 5.940   4.748   -9.467  1.00 20.75  ? 129 ARG A NH2 1 
ATOM   979  N  N   . PRO A 1 131 ? 4.120   -1.701  -12.715 1.00 23.78  ? 130 PRO A N   1 
ATOM   980  C  CA  . PRO A 1 131 ? 5.270   -2.528  -13.082 1.00 26.17  ? 130 PRO A CA  1 
ATOM   981  C  C   . PRO A 1 131 ? 6.568   -2.230  -12.320 1.00 28.85  ? 130 PRO A C   1 
ATOM   982  O  O   . PRO A 1 131 ? 7.320   -3.155  -12.047 1.00 26.99  ? 130 PRO A O   1 
ATOM   983  C  CB  . PRO A 1 131 ? 5.424   -2.269  -14.587 1.00 27.47  ? 130 PRO A CB  1 
ATOM   984  C  CG  . PRO A 1 131 ? 4.052   -1.929  -15.036 1.00 29.90  ? 130 PRO A CG  1 
ATOM   985  C  CD  . PRO A 1 131 ? 3.460   -1.122  -13.900 1.00 24.75  ? 130 PRO A CD  1 
ATOM   986  N  N   . VAL A 1 132 ? 6.816   -0.972  -11.944 1.00 26.48  ? 131 VAL A N   1 
ATOM   987  C  CA  . VAL A 1 132 ? 8.035   -0.640  -11.186 1.00 28.26  ? 131 VAL A CA  1 
ATOM   988  C  C   . VAL A 1 132 ? 7.978   -1.000  -9.694  1.00 28.95  ? 131 VAL A C   1 
ATOM   989  O  O   . VAL A 1 132 ? 8.970   -0.846  -8.975  1.00 25.90  ? 131 VAL A O   1 
ATOM   990  C  CB  . VAL A 1 132 ? 8.470   0.834   -11.371 1.00 24.86  ? 131 VAL A CB  1 
ATOM   991  C  CG1 . VAL A 1 132 ? 8.708   1.116   -12.839 1.00 25.67  ? 131 VAL A CG1 1 
ATOM   992  C  CG2 . VAL A 1 132 ? 7.444   1.808   -10.759 1.00 17.82  ? 131 VAL A CG2 1 
ATOM   993  N  N   . ALA A 1 133 ? 6.830   -1.490  -9.229  1.00 27.90  ? 132 ALA A N   1 
ATOM   994  C  CA  . ALA A 1 133 ? 6.739   -2.016  -7.869  1.00 32.89  ? 132 ALA A CA  1 
ATOM   995  C  C   . ALA A 1 133 ? 7.795   -3.107  -7.691  1.00 34.52  ? 132 ALA A C   1 
ATOM   996  O  O   . ALA A 1 133 ? 7.919   -4.015  -8.527  1.00 41.49  ? 132 ALA A O   1 
ATOM   997  C  CB  . ALA A 1 133 ? 5.368   -2.564  -7.605  1.00 36.79  ? 132 ALA A CB  1 
ATOM   998  N  N   . GLU A 1 134 ? 8.580   -2.987  -6.624  1.00 29.28  ? 133 GLU A N   1 
ATOM   999  C  CA  . GLU A 1 134 ? 9.682   -3.909  -6.356  1.00 30.76  ? 133 GLU A CA  1 
ATOM   1000 C  C   . GLU A 1 134 ? 10.194  -3.693  -4.930  1.00 27.06  ? 133 GLU A C   1 
ATOM   1001 O  O   . GLU A 1 134 ? 11.072  -2.858  -4.713  1.00 25.84  ? 133 GLU A O   1 
ATOM   1002 C  CB  . GLU A 1 134 ? 10.822  -3.671  -7.358  1.00 29.68  ? 133 GLU A CB  1 
ATOM   1003 C  CG  . GLU A 1 134 ? 11.972  -4.680  -7.317  1.00 44.23  ? 133 GLU A CG  1 
ATOM   1004 C  CD  . GLU A 1 134 ? 13.165  -4.256  -8.178  1.00 58.84  ? 133 GLU A CD  1 
ATOM   1005 O  OE1 . GLU A 1 134 ? 13.171  -3.117  -8.702  1.00 63.03  ? 133 GLU A OE1 1 
ATOM   1006 O  OE2 . GLU A 1 134 ? 14.103  -5.064  -8.332  1.00 53.26  ? 133 GLU A OE2 1 
ATOM   1007 N  N   . PRO A 1 135 ? 9.658   -4.453  -3.958  1.00 23.95  ? 134 PRO A N   1 
ATOM   1008 C  CA  . PRO A 1 135 ? 10.147  -4.401  -2.579  1.00 24.38  ? 134 PRO A CA  1 
ATOM   1009 C  C   . PRO A 1 135 ? 11.618  -4.790  -2.586  1.00 28.04  ? 134 PRO A C   1 
ATOM   1010 O  O   . PRO A 1 135 ? 11.987  -5.701  -3.320  1.00 25.72  ? 134 PRO A O   1 
ATOM   1011 C  CB  . PRO A 1 135 ? 9.352   -5.516  -1.885  1.00 22.96  ? 134 PRO A CB  1 
ATOM   1012 C  CG  . PRO A 1 135 ? 8.147   -5.713  -2.721  1.00 25.80  ? 134 PRO A CG  1 
ATOM   1013 C  CD  . PRO A 1 135 ? 8.581   -5.443  -4.123  1.00 21.33  ? 134 PRO A CD  1 
ATOM   1014 N  N   . ASN A 1 136 ? 12.457  -4.108  -1.809  1.00 29.08  ? 135 ASN A N   1 
ATOM   1015 C  CA  . ASN A 1 136 ? 13.836  -4.552  -1.685  1.00 26.65  ? 135 ASN A CA  1 
ATOM   1016 C  C   . ASN A 1 136 ? 13.856  -5.972  -1.103  1.00 27.28  ? 135 ASN A C   1 
ATOM   1017 O  O   . ASN A 1 136 ? 12.861  -6.436  -0.527  1.00 23.62  ? 135 ASN A O   1 
ATOM   1018 C  CB  . ASN A 1 136 ? 14.714  -3.556  -0.905  1.00 27.30  ? 135 ASN A CB  1 
ATOM   1019 C  CG  . ASN A 1 136 ? 14.440  -3.553  0.590   1.00 26.48  ? 135 ASN A CG  1 
ATOM   1020 O  OD1 . ASN A 1 136 ? 14.536  -4.579  1.246   1.00 27.83  ? 135 ASN A OD1 1 
ATOM   1021 N  ND2 . ASN A 1 136 ? 14.120  -2.382  1.135   1.00 25.14  ? 135 ASN A ND2 1 
ATOM   1022 N  N   . LEU A 1 137 ? 14.976  -6.666  -1.279  1.00 27.19  ? 136 LEU A N   1 
ATOM   1023 C  CA  . LEU A 1 137 ? 15.069  -8.083  -0.918  1.00 26.24  ? 136 LEU A CA  1 
ATOM   1024 C  C   . LEU A 1 137 ? 14.974  -8.344  0.588   1.00 21.71  ? 136 LEU A C   1 
ATOM   1025 O  O   . LEU A 1 137 ? 14.576  -9.430  1.006   1.00 22.25  ? 136 LEU A O   1 
ATOM   1026 C  CB  . LEU A 1 137 ? 16.346  -8.703  -1.512  1.00 30.69  ? 136 LEU A CB  1 
ATOM   1027 C  CG  . LEU A 1 137 ? 16.339  -8.766  -3.047  1.00 36.88  ? 136 LEU A CG  1 
ATOM   1028 C  CD1 . LEU A 1 137 ? 17.659  -9.251  -3.619  1.00 36.73  ? 136 LEU A CD1 1 
ATOM   1029 C  CD2 . LEU A 1 137 ? 15.180  -9.613  -3.532  1.00 30.68  ? 136 LEU A CD2 1 
ATOM   1030 N  N   . GLY A 1 138 ? 15.329  -7.343  1.391   1.00 27.94  ? 137 GLY A N   1 
ATOM   1031 C  CA  . GLY A 1 138 ? 15.140  -7.418  2.839   1.00 28.36  ? 137 GLY A CA  1 
ATOM   1032 C  C   . GLY A 1 138 ? 13.659  -7.406  3.178   1.00 25.13  ? 137 GLY A C   1 
ATOM   1033 O  O   . GLY A 1 138 ? 13.199  -8.209  3.981   1.00 26.15  ? 137 GLY A O   1 
ATOM   1034 N  N   . PHE A 1 139 ? 12.914  -6.501  2.544   1.00 26.22  ? 138 PHE A N   1 
ATOM   1035 C  CA  . PHE A 1 139 ? 11.456  -6.442  2.705   1.00 26.29  ? 138 PHE A CA  1 
ATOM   1036 C  C   . PHE A 1 139 ? 10.784  -7.717  2.176   1.00 26.18  ? 138 PHE A C   1 
ATOM   1037 O  O   . PHE A 1 139 ? 9.806   -8.199  2.759   1.00 27.07  ? 138 PHE A O   1 
ATOM   1038 C  CB  . PHE A 1 139 ? 10.868  -5.211  1.996   1.00 24.89  ? 138 PHE A CB  1 
ATOM   1039 C  CG  . PHE A 1 139 ? 11.226  -3.888  2.632   1.00 29.33  ? 138 PHE A CG  1 
ATOM   1040 C  CD1 . PHE A 1 139 ? 11.870  -3.823  3.869   1.00 23.16  ? 138 PHE A CD1 1 
ATOM   1041 C  CD2 . PHE A 1 139 ? 10.864  -2.700  2.005   1.00 21.21  ? 138 PHE A CD2 1 
ATOM   1042 C  CE1 . PHE A 1 139 ? 12.174  -2.588  4.446   1.00 22.81  ? 138 PHE A CE1 1 
ATOM   1043 C  CE2 . PHE A 1 139 ? 11.170  -1.463  2.574   1.00 28.63  ? 138 PHE A CE2 1 
ATOM   1044 C  CZ  . PHE A 1 139 ? 11.822  -1.406  3.791   1.00 24.00  ? 138 PHE A CZ  1 
ATOM   1045 N  N   . TRP A 1 140 ? 11.319  -8.284  1.089   1.00 25.25  ? 139 TRP A N   1 
ATOM   1046 C  CA  . TRP A 1 140 ? 10.764  -9.534  0.547   1.00 22.84  ? 139 TRP A CA  1 
ATOM   1047 C  C   . TRP A 1 140 ? 10.869  -10.686 1.554   1.00 23.18  ? 139 TRP A C   1 
ATOM   1048 O  O   . TRP A 1 140 ? 9.918   -11.457 1.729   1.00 23.27  ? 139 TRP A O   1 
ATOM   1049 C  CB  . TRP A 1 140 ? 11.409  -9.909  -0.795  1.00 22.94  ? 139 TRP A CB  1 
ATOM   1050 C  CG  . TRP A 1 140 ? 10.671  -11.019 -1.480  1.00 28.65  ? 139 TRP A CG  1 
ATOM   1051 C  CD1 . TRP A 1 140 ? 11.058  -12.322 -1.568  1.00 32.75  ? 139 TRP A CD1 1 
ATOM   1052 C  CD2 . TRP A 1 140 ? 9.400   -10.935 -2.141  1.00 26.55  ? 139 TRP A CD2 1 
ATOM   1053 N  NE1 . TRP A 1 140 ? 10.128  -13.055 -2.259  1.00 26.95  ? 139 TRP A NE1 1 
ATOM   1054 C  CE2 . TRP A 1 140 ? 9.097   -12.229 -2.625  1.00 29.53  ? 139 TRP A CE2 1 
ATOM   1055 C  CE3 . TRP A 1 140 ? 8.501   -9.886  -2.395  1.00 25.34  ? 139 TRP A CE3 1 
ATOM   1056 C  CZ2 . TRP A 1 140 ? 7.929   -12.510 -3.341  1.00 26.98  ? 139 TRP A CZ2 1 
ATOM   1057 C  CZ3 . TRP A 1 140 ? 7.340   -10.164 -3.108  1.00 23.66  ? 139 TRP A CZ3 1 
ATOM   1058 C  CH2 . TRP A 1 140 ? 7.060   -11.471 -3.566  1.00 27.62  ? 139 TRP A CH2 1 
ATOM   1059 N  N   . ALA A 1 141 ? 12.010  -10.771 2.238   1.00 25.85  ? 140 ALA A N   1 
ATOM   1060 C  CA  . ALA A 1 141 ? 12.213  -11.749 3.313   1.00 24.99  ? 140 ALA A CA  1 
ATOM   1061 C  C   . ALA A 1 141 ? 11.237  -11.533 4.474   1.00 22.12  ? 140 ALA A C   1 
ATOM   1062 O  O   . ALA A 1 141 ? 10.699  -12.484 5.031   1.00 22.71  ? 140 ALA A O   1 
ATOM   1063 C  CB  . ALA A 1 141 ? 13.657  -11.671 3.821   1.00 24.44  ? 140 ALA A CB  1 
ATOM   1064 N  N   . GLN A 1 142 ? 11.030  -10.271 4.840   1.00 24.94  ? 141 GLN A N   1 
ATOM   1065 C  CA  . GLN A 1 142 ? 10.101  -9.928  5.914   1.00 21.79  ? 141 GLN A CA  1 
ATOM   1066 C  C   . GLN A 1 142 ? 8.668   -10.295 5.529   1.00 15.83  ? 141 GLN A C   1 
ATOM   1067 O  O   . GLN A 1 142 ? 7.900   -10.811 6.357   1.00 23.26  ? 141 GLN A O   1 
ATOM   1068 C  CB  . GLN A 1 142 ? 10.251  -8.448  6.272   1.00 22.81  ? 141 GLN A CB  1 
ATOM   1069 C  CG  . GLN A 1 142 ? 11.623  -8.133  6.889   1.00 25.52  ? 141 GLN A CG  1 
ATOM   1070 C  CD  . GLN A 1 142 ? 11.875  -6.657  7.092   1.00 30.93  ? 141 GLN A CD  1 
ATOM   1071 O  OE1 . GLN A 1 142 ? 10.986  -5.917  7.518   1.00 25.65  ? 141 GLN A OE1 1 
ATOM   1072 N  NE2 . GLN A 1 142 ? 13.098  -6.215  6.798   1.00 24.41  ? 141 GLN A NE2 1 
ATOM   1073 N  N   . LEU A 1 143 ? 8.317   -10.074 4.263   1.00 18.38  ? 142 LEU A N   1 
ATOM   1074 C  CA  . LEU A 1 143 ? 7.000   -10.480 3.749   1.00 20.96  ? 142 LEU A CA  1 
ATOM   1075 C  C   . LEU A 1 143 ? 6.776   -12.001 3.809   1.00 26.20  ? 142 LEU A C   1 
ATOM   1076 O  O   . LEU A 1 143 ? 5.667   -12.480 4.065   1.00 17.78  ? 142 LEU A O   1 
ATOM   1077 C  CB  . LEU A 1 143 ? 6.801   -9.953  2.323   1.00 22.71  ? 142 LEU A CB  1 
ATOM   1078 C  CG  . LEU A 1 143 ? 6.549   -8.442  2.187   1.00 27.57  ? 142 LEU A CG  1 
ATOM   1079 C  CD1 . LEU A 1 143 ? 6.648   -7.976  0.735   1.00 20.75  ? 142 LEU A CD1 1 
ATOM   1080 C  CD2 . LEU A 1 143 ? 5.212   -8.024  2.806   1.00 20.46  ? 142 LEU A CD2 1 
ATOM   1081 N  N   . GLN A 1 144 ? 7.849   -12.760 3.593   1.00 26.51  ? 143 GLN A N   1 
ATOM   1082 C  CA  . GLN A 1 144 ? 7.785   -14.211 3.680   1.00 21.05  ? 143 GLN A CA  1 
ATOM   1083 C  C   . GLN A 1 144 ? 7.566   -14.665 5.110   1.00 19.56  ? 143 GLN A C   1 
ATOM   1084 O  O   . GLN A 1 144 ? 6.786   -15.585 5.368   1.00 22.75  ? 143 GLN A O   1 
ATOM   1085 C  CB  . GLN A 1 144 ? 9.059   -14.827 3.108   1.00 23.86  ? 143 GLN A CB  1 
ATOM   1086 C  CG  . GLN A 1 144 ? 9.094   -14.780 1.603   1.00 24.60  ? 143 GLN A CG  1 
ATOM   1087 C  CD  . GLN A 1 144 ? 10.356  -15.384 1.022   1.00 34.77  ? 143 GLN A CD  1 
ATOM   1088 O  OE1 . GLN A 1 144 ? 11.462  -15.061 1.441   1.00 36.37  ? 143 GLN A OE1 1 
ATOM   1089 N  NE2 . GLN A 1 144 ? 10.193  -16.238 0.030   1.00 37.69  ? 143 GLN A NE2 1 
ATOM   1090 N  N   . LYS A 1 145 ? 8.232   -13.994 6.039   1.00 21.20  ? 144 LYS A N   1 
ATOM   1091 C  CA  . LYS A 1 145 ? 8.028   -14.253 7.453   1.00 20.07  ? 144 LYS A CA  1 
ATOM   1092 C  C   . LYS A 1 145 ? 6.592   -13.912 7.863   1.00 20.45  ? 144 LYS A C   1 
ATOM   1093 O  O   . LYS A 1 145 ? 5.958   -14.651 8.618   1.00 21.25  ? 144 LYS A O   1 
ATOM   1094 C  CB  . LYS A 1 145 ? 9.037   -13.444 8.262   1.00 29.04  ? 144 LYS A CB  1 
ATOM   1095 C  CG  . LYS A 1 145 ? 9.155   -13.846 9.715   1.00 36.56  ? 144 LYS A CG  1 
ATOM   1096 C  CD  . LYS A 1 145 ? 10.392  -13.209 10.347  1.00 39.04  ? 144 LYS A CD  1 
ATOM   1097 C  CE  . LYS A 1 145 ? 11.664  -13.950 9.955   1.00 49.34  ? 144 LYS A CE  1 
ATOM   1098 N  NZ  . LYS A 1 145 ? 12.793  -13.595 10.858  1.00 56.07  ? 144 LYS A NZ  1 
ATOM   1099 N  N   . TYR A 1 146 ? 6.074   -12.799 7.354   1.00 22.62  ? 145 TYR A N   1 
ATOM   1100 C  CA  . TYR A 1 146 ? 4.684   -12.403 7.650   1.00 20.58  ? 145 TYR A CA  1 
ATOM   1101 C  C   . TYR A 1 146 ? 3.714   -13.452 7.108   1.00 20.17  ? 145 TYR A C   1 
ATOM   1102 O  O   . TYR A 1 146 ? 2.779   -13.865 7.792   1.00 20.70  ? 145 TYR A O   1 
ATOM   1103 C  CB  . TYR A 1 146 ? 4.390   -11.032 7.021   1.00 20.99  ? 145 TYR A CB  1 
ATOM   1104 C  CG  . TYR A 1 146 ? 3.086   -10.376 7.458   1.00 22.75  ? 145 TYR A CG  1 
ATOM   1105 C  CD1 . TYR A 1 146 ? 2.747   -10.257 8.815   1.00 23.89  ? 145 TYR A CD1 1 
ATOM   1106 C  CD2 . TYR A 1 146 ? 2.215   -9.834  6.514   1.00 17.85  ? 145 TYR A CD2 1 
ATOM   1107 C  CE1 . TYR A 1 146 ? 1.558   -9.624  9.212   1.00 22.99  ? 145 TYR A CE1 1 
ATOM   1108 C  CE2 . TYR A 1 146 ? 1.029   -9.193  6.902   1.00 20.32  ? 145 TYR A CE2 1 
ATOM   1109 C  CZ  . TYR A 1 146 ? 0.710   -9.095  8.243   1.00 25.96  ? 145 TYR A CZ  1 
ATOM   1110 O  OH  . TYR A 1 146 ? -0.464  -8.470  8.609   1.00 19.11  ? 145 TYR A OH  1 
ATOM   1111 N  N   . GLU A 1 147 ? 3.959   -13.905 5.879   1.00 20.67  ? 146 GLU A N   1 
ATOM   1112 C  CA  . GLU A 1 147 ? 3.136   -14.947 5.271   1.00 20.70  ? 146 GLU A CA  1 
ATOM   1113 C  C   . GLU A 1 147 ? 3.076   -16.207 6.150   1.00 17.25  ? 146 GLU A C   1 
ATOM   1114 O  O   . GLU A 1 147 ? 1.997   -16.781 6.349   1.00 24.92  ? 146 GLU A O   1 
ATOM   1115 C  CB  . GLU A 1 147 ? 3.665   -15.311 3.873   1.00 20.25  ? 146 GLU A CB  1 
ATOM   1116 C  CG  . GLU A 1 147 ? 2.785   -16.332 3.149   1.00 25.96  ? 146 GLU A CG  1 
ATOM   1117 C  CD  . GLU A 1 147 ? 3.326   -16.698 1.778   1.00 26.64  ? 146 GLU A CD  1 
ATOM   1118 O  OE1 . GLU A 1 147 ? 4.565   -16.734 1.613   1.00 28.14  ? 146 GLU A OE1 1 
ATOM   1119 O  OE2 . GLU A 1 147 ? 2.508   -16.932 0.861   1.00 29.31  ? 146 GLU A OE2 1 
ATOM   1120 N  N   . GLN A 1 148 ? 4.222   -16.616 6.695   1.00 22.51  ? 147 GLN A N   1 
ATOM   1121 C  CA  A GLN A 1 148 ? 4.298   -17.825 7.531   0.50 25.52  ? 147 GLN A CA  1 
ATOM   1122 C  CA  B GLN A 1 148 ? 4.275   -17.831 7.518   0.50 24.75  ? 147 GLN A CA  1 
ATOM   1123 C  C   . GLN A 1 148 ? 3.526   -17.646 8.832   1.00 22.34  ? 147 GLN A C   1 
ATOM   1124 O  O   . GLN A 1 148 ? 2.890   -18.587 9.330   1.00 25.43  ? 147 GLN A O   1 
ATOM   1125 C  CB  A GLN A 1 148 ? 5.755   -18.173 7.832   0.50 24.50  ? 147 GLN A CB  1 
ATOM   1126 C  CB  B GLN A 1 148 ? 5.720   -18.271 7.769   0.50 23.30  ? 147 GLN A CB  1 
ATOM   1127 C  CG  A GLN A 1 148 ? 6.523   -18.705 6.628   0.50 37.63  ? 147 GLN A CG  1 
ATOM   1128 C  CG  B GLN A 1 148 ? 6.436   -18.805 6.521   0.50 31.31  ? 147 GLN A CG  1 
ATOM   1129 C  CD  A GLN A 1 148 ? 7.972   -18.260 6.611   0.50 42.33  ? 147 GLN A CD  1 
ATOM   1130 C  CD  B GLN A 1 148 ? 5.723   -19.992 5.882   0.50 27.87  ? 147 GLN A CD  1 
ATOM   1131 O  OE1 A GLN A 1 148 ? 8.505   -17.794 7.618   0.50 51.26  ? 147 GLN A OE1 1 
ATOM   1132 O  OE1 B GLN A 1 148 ? 5.429   -20.988 6.546   0.50 35.47  ? 147 GLN A OE1 1 
ATOM   1133 N  NE2 A GLN A 1 148 ? 8.618   -18.391 5.457   0.50 47.70  ? 147 GLN A NE2 1 
ATOM   1134 N  NE2 B GLN A 1 148 ? 5.445   -19.890 4.584   0.50 25.57  ? 147 GLN A NE2 1 
ATOM   1135 N  N   . THR A 1 149 ? 3.602   -16.433 9.378   1.00 24.62  ? 148 THR A N   1 
ATOM   1136 C  CA  A THR A 1 149 ? 2.873   -16.070 10.590  0.50 22.03  ? 148 THR A CA  1 
ATOM   1137 C  CA  B THR A 1 149 ? 2.874   -16.076 10.591  0.50 22.02  ? 148 THR A CA  1 
ATOM   1138 C  C   . THR A 1 149 ? 1.373   -16.125 10.326  1.00 20.96  ? 148 THR A C   1 
ATOM   1139 O  O   . THR A 1 149 ? 0.617   -16.674 11.117  1.00 24.60  ? 148 THR A O   1 
ATOM   1140 C  CB  A THR A 1 149 ? 3.282   -14.656 11.070  0.50 26.26  ? 148 THR A CB  1 
ATOM   1141 C  CB  B THR A 1 149 ? 3.287   -14.670 11.086  0.50 26.25  ? 148 THR A CB  1 
ATOM   1142 O  OG1 A THR A 1 149 ? 4.706   -14.598 11.202  0.50 28.32  ? 148 THR A OG1 1 
ATOM   1143 O  OG1 B THR A 1 149 ? 4.714   -14.597 11.163  0.50 28.37  ? 148 THR A OG1 1 
ATOM   1144 C  CG2 A THR A 1 149 ? 2.640   -14.319 12.403  0.50 26.31  ? 148 THR A CG2 1 
ATOM   1145 C  CG2 B THR A 1 149 ? 2.697   -14.376 12.453  0.50 26.50  ? 148 THR A CG2 1 
ATOM   1146 N  N   . LEU A 1 150 ? 0.949   -15.547 9.200   1.00 19.28  ? 149 LEU A N   1 
ATOM   1147 C  CA  . LEU A 1 150 ? -0.455  -15.599 8.776   1.00 19.76  ? 149 LEU A CA  1 
ATOM   1148 C  C   . LEU A 1 150 ? -0.972  -17.034 8.629   1.00 18.79  ? 149 LEU A C   1 
ATOM   1149 O  O   . LEU A 1 150 ? -2.084  -17.336 9.053   1.00 20.98  ? 149 LEU A O   1 
ATOM   1150 C  CB  . LEU A 1 150 ? -0.647  -14.824 7.471   1.00 22.87  ? 149 LEU A CB  1 
ATOM   1151 C  CG  . LEU A 1 150 ? -0.327  -13.325 7.576   1.00 23.22  ? 149 LEU A CG  1 
ATOM   1152 C  CD1 . LEU A 1 150 ? -0.695  -12.592 6.296   1.00 22.33  ? 149 LEU A CD1 1 
ATOM   1153 C  CD2 . LEU A 1 150 ? -1.012  -12.700 8.779   1.00 25.25  ? 149 LEU A CD2 1 
ATOM   1154 N  N   . GLN A 1 151 ? -0.147  -17.909 8.048   1.00 26.21  ? 150 GLN A N   1 
ATOM   1155 C  CA  . GLN A 1 151 ? -0.443  -19.346 7.960   1.00 24.57  ? 150 GLN A CA  1 
ATOM   1156 C  C   . GLN A 1 151 ? -0.598  -19.995 9.341   1.00 25.00  ? 150 GLN A C   1 
ATOM   1157 O  O   . GLN A 1 151 ? -1.583  -20.686 9.594   1.00 25.02  ? 150 GLN A O   1 
ATOM   1158 C  CB  . GLN A 1 151 ? 0.641   -20.065 7.157   1.00 25.80  ? 150 GLN A CB  1 
ATOM   1159 C  CG  . GLN A 1 151 ? 0.605   -19.711 5.661   1.00 28.99  ? 150 GLN A CG  1 
ATOM   1160 C  CD  . GLN A 1 151 ? 1.716   -20.347 4.858   1.00 33.83  ? 150 GLN A CD  1 
ATOM   1161 O  OE1 . GLN A 1 151 ? 2.690   -20.859 5.405   1.00 43.55  ? 150 GLN A OE1 1 
ATOM   1162 N  NE2 . GLN A 1 151 ? 1.580   -20.304 3.538   1.00 37.25  ? 150 GLN A NE2 1 
ATOM   1163 N  N   . ALA A 1 152 ? 0.357   -19.749 10.235  1.00 26.01  ? 151 ALA A N   1 
ATOM   1164 C  CA  . ALA A 1 152 ? 0.268   -20.243 11.618  1.00 22.97  ? 151 ALA A CA  1 
ATOM   1165 C  C   . ALA A 1 152 ? -0.989  -19.741 12.323  1.00 24.38  ? 151 ALA A C   1 
ATOM   1166 O  O   . ALA A 1 152 ? -1.587  -20.447 13.151  1.00 24.80  ? 151 ALA A O   1 
ATOM   1167 C  CB  . ALA A 1 152 ? 1.518   -19.845 12.396  1.00 21.94  ? 151 ALA A CB  1 
ATOM   1168 N  N   . GLN A 1 153 ? -1.402  -18.523 11.972  1.00 25.90  ? 152 GLN A N   1 
ATOM   1169 C  CA  . GLN A 1 153 ? -2.586  -17.900 12.559  1.00 25.30  ? 152 GLN A CA  1 
ATOM   1170 C  C   . GLN A 1 153 ? -3.890  -18.304 11.882  1.00 26.50  ? 152 GLN A C   1 
ATOM   1171 O  O   . GLN A 1 153 ? -4.952  -17.860 12.303  1.00 26.90  ? 152 GLN A O   1 
ATOM   1172 C  CB  . GLN A 1 153 ? -2.451  -16.368 12.528  1.00 25.49  ? 152 GLN A CB  1 
ATOM   1173 C  CG  . GLN A 1 153 ? -1.472  -15.803 13.552  1.00 23.37  ? 152 GLN A CG  1 
ATOM   1174 C  CD  . GLN A 1 153 ? -1.221  -14.305 13.385  1.00 29.80  ? 152 GLN A CD  1 
ATOM   1175 O  OE1 . GLN A 1 153 ? -1.396  -13.747 12.307  1.00 29.81  ? 152 GLN A OE1 1 
ATOM   1176 N  NE2 . GLN A 1 153 ? -0.784  -13.659 14.454  1.00 26.33  ? 152 GLN A NE2 1 
ATOM   1177 N  N   . ALA A 1 154 ? -3.808  -19.130 10.834  1.00 25.67  ? 153 ALA A N   1 
ATOM   1178 C  CA  . ALA A 1 154 ? -4.987  -19.604 10.079  1.00 29.29  ? 153 ALA A CA  1 
ATOM   1179 C  C   . ALA A 1 154 ? -5.682  -18.500 9.258   1.00 35.18  ? 153 ALA A C   1 
ATOM   1180 O  O   . ALA A 1 154 ? -6.834  -18.650 8.837   1.00 33.83  ? 153 ALA A O   1 
ATOM   1181 C  CB  . ALA A 1 154 ? -5.989  -20.344 10.993  1.00 31.42  ? 153 ALA A CB  1 
ATOM   1182 N  N   . ILE A 1 155 ? -4.965  -17.396 9.041   1.00 27.58  ? 154 ILE A N   1 
ATOM   1183 C  CA  . ILE A 1 155 ? -5.429  -16.294 8.202   1.00 26.59  ? 154 ILE A CA  1 
ATOM   1184 C  C   . ILE A 1 155 ? -5.224  -16.650 6.723   1.00 25.96  ? 154 ILE A C   1 
ATOM   1185 O  O   . ILE A 1 155 ? -6.084  -16.390 5.891   1.00 31.91  ? 154 ILE A O   1 
ATOM   1186 C  CB  . ILE A 1 155 ? -4.684  -14.991 8.587   1.00 24.19  ? 154 ILE A CB  1 
ATOM   1187 C  CG1 . ILE A 1 155 ? -5.160  -14.519 9.971   1.00 29.62  ? 154 ILE A CG1 1 
ATOM   1188 C  CG2 . ILE A 1 155 ? -4.861  -13.892 7.505   1.00 27.67  ? 154 ILE A CG2 1 
ATOM   1189 C  CD1 . ILE A 1 155 ? -4.377  -13.351 10.552  1.00 26.49  ? 154 ILE A CD1 1 
ATOM   1190 N  N   . LEU A 1 156 ? -4.080  -17.253 6.416   1.00 31.33  ? 155 LEU A N   1 
ATOM   1191 C  CA  . LEU A 1 156 ? -3.810  -17.821 5.096   1.00 34.28  ? 155 LEU A CA  1 
ATOM   1192 C  C   . LEU A 1 156 ? -3.766  -19.350 5.203   1.00 40.71  ? 155 LEU A C   1 
ATOM   1193 O  O   . LEU A 1 156 ? -3.368  -19.879 6.241   1.00 37.78  ? 155 LEU A O   1 
ATOM   1194 C  CB  . LEU A 1 156 ? -2.473  -17.303 4.543   1.00 30.98  ? 155 LEU A CB  1 
ATOM   1195 C  CG  . LEU A 1 156 ? -2.397  -15.888 3.961   1.00 30.03  ? 155 LEU A CG  1 
ATOM   1196 C  CD1 . LEU A 1 156 ? -0.973  -15.573 3.531   1.00 30.30  ? 155 LEU A CD1 1 
ATOM   1197 C  CD2 . LEU A 1 156 ? -3.354  -15.726 2.785   1.00 26.47  ? 155 LEU A CD2 1 
ATOM   1198 N  N   . PRO A 1 157 ? -4.179  -20.063 4.135   1.00 46.35  ? 156 PRO A N   1 
ATOM   1199 C  CA  . PRO A 1 157 ? -4.016  -21.521 4.107   1.00 51.65  ? 156 PRO A CA  1 
ATOM   1200 C  C   . PRO A 1 157 ? -2.575  -21.925 3.807   1.00 58.25  ? 156 PRO A C   1 
ATOM   1201 O  O   . PRO A 1 157 ? -1.816  -21.136 3.241   1.00 57.43  ? 156 PRO A O   1 
ATOM   1202 C  CB  . PRO A 1 157 ? -4.916  -21.964 2.944   1.00 54.11  ? 156 PRO A CB  1 
ATOM   1203 C  CG  . PRO A 1 157 ? -5.622  -20.717 2.445   1.00 54.09  ? 156 PRO A CG  1 
ATOM   1204 C  CD  . PRO A 1 157 ? -4.827  -19.553 2.913   1.00 45.50  ? 156 PRO A CD  1 
ATOM   1205 N  N   . ARG A 1 158 ? -2.202  -23.147 4.179   1.00 66.08  ? 157 ARG A N   1 
ATOM   1206 C  CA  . ARG A 1 158 ? -0.907  -23.696 3.782   1.00 73.57  ? 157 ARG A CA  1 
ATOM   1207 C  C   . ARG A 1 158 ? -0.895  -24.074 2.298   1.00 76.80  ? 157 ARG A C   1 
ATOM   1208 O  O   . ARG A 1 158 ? 0.093   -23.829 1.602   1.00 77.91  ? 157 ARG A O   1 
ATOM   1209 C  CB  . ARG A 1 158 ? -0.518  -24.896 4.650   1.00 74.04  ? 157 ARG A CB  1 
ATOM   1210 C  CG  . ARG A 1 158 ? 0.360   -24.539 5.843   1.00 75.91  ? 157 ARG A CG  1 
ATOM   1211 C  CD  . ARG A 1 158 ? -0.453  -24.172 7.076   1.00 79.91  ? 157 ARG A CD  1 
ATOM   1212 N  NE  . ARG A 1 158 ? -0.891  -25.358 7.811   1.00 86.28  ? 157 ARG A NE  1 
ATOM   1213 C  CZ  . ARG A 1 158 ? -1.220  -25.377 9.102   1.00 86.25  ? 157 ARG A CZ  1 
ATOM   1214 N  NH1 . ARG A 1 158 ? -1.605  -26.517 9.662   1.00 87.12  ? 157 ARG A NH1 1 
ATOM   1215 N  NH2 . ARG A 1 158 ? -1.162  -24.270 9.837   1.00 79.72  ? 157 ARG A NH2 1 
ATOM   1216 N  N   . GLU A 1 159 ? -2.003  -24.658 1.836   1.00 81.35  ? 158 GLU A N   1 
ATOM   1217 C  CA  . GLU A 1 159 ? -2.211  -25.044 0.430   1.00 86.55  ? 158 GLU A CA  1 
ATOM   1218 C  C   . GLU A 1 159 ? -1.066  -25.864 -0.172  1.00 87.63  ? 158 GLU A C   1 
ATOM   1219 O  O   . GLU A 1 159 ? -1.297  -26.842 -0.884  1.00 89.52  ? 158 GLU A O   1 
ATOM   1220 C  CB  . GLU A 1 159 ? -2.517  -23.815 -0.442  1.00 87.32  ? 158 GLU A CB  1 
ATOM   1221 C  CG  . GLU A 1 159 ? -3.091  -24.138 -1.828  1.00 92.59  ? 158 GLU A CG  1 
ATOM   1222 C  CD  . GLU A 1 159 ? -4.499  -24.733 -1.783  1.00 94.63  ? 158 GLU A CD  1 
ATOM   1223 O  OE1 . GLU A 1 159 ? -4.830  -25.540 -2.678  1.00 91.01  ? 158 GLU A OE1 1 
ATOM   1224 O  OE2 . GLU A 1 159 ? -5.274  -24.393 -0.861  1.00 96.26  ? 158 GLU A OE2 1 
HETATM 1225 W  W   . WO4 B 2 .   ? 12.086  9.466   2.549   0.90 28.02  ? 366 WO4 A W   1 
HETATM 1226 O  O1  . WO4 B 2 .   ? 13.669  10.179  2.154   0.90 68.51  ? 366 WO4 A O1  1 
HETATM 1227 O  O2  . WO4 B 2 .   ? 11.519  8.712   1.042   0.90 39.07  ? 366 WO4 A O2  1 
HETATM 1228 O  O3  . WO4 B 2 .   ? 12.258  8.206   3.761   0.90 27.08  ? 366 WO4 A O3  1 
HETATM 1229 O  O4  . WO4 B 2 .   ? 10.995  10.755  3.050   0.90 31.55  ? 366 WO4 A O4  1 
HETATM 1230 ZN ZN  . ZN  C 3 .   ? 15.136  9.396   2.271   0.90 41.49  ? 367 ZN  A ZN  1 
HETATM 1231 ZN ZN  . ZN  D 3 .   ? 14.095  11.550  1.449   0.90 45.46  ? 368 ZN  A ZN  1 
HETATM 1232 NA NA  . NA  E 4 .   ? 13.728  -14.185 0.491   1.00 51.03  ? 370 NA  A NA  1 
HETATM 1233 C  C1  . GOL F 5 .   ? 9.151   -11.140 -6.588  1.00 67.77  ? 369 GOL A C1  1 
HETATM 1234 O  O1  . GOL F 5 .   ? 9.481   -12.490 -6.810  1.00 64.80  ? 369 GOL A O1  1 
HETATM 1235 C  C2  . GOL F 5 .   ? 10.406  -10.279 -6.541  1.00 66.29  ? 369 GOL A C2  1 
HETATM 1236 O  O2  . GOL F 5 .   ? 10.071  -8.910  -6.584  1.00 72.04  ? 369 GOL A O2  1 
HETATM 1237 C  C3  . GOL F 5 .   ? 11.141  -10.553 -5.242  1.00 68.77  ? 369 GOL A C3  1 
HETATM 1238 O  O3  . GOL F 5 .   ? 12.454  -10.065 -5.378  1.00 66.44  ? 369 GOL A O3  1 
HETATM 1239 O  O   . HOH G 6 .   ? 5.347   1.734   -13.421 1.00 25.80  ? 371 HOH A O   1 
HETATM 1240 O  O   . HOH G 6 .   ? 10.150  3.039   -1.232  1.00 21.79  ? 372 HOH A O   1 
HETATM 1241 O  O   . HOH G 6 .   ? -16.463 6.576   2.173   1.00 18.87  ? 373 HOH A O   1 
HETATM 1242 O  O   . HOH G 6 .   ? 10.274  -6.628  -9.353  1.00 56.22  ? 374 HOH A O   1 
HETATM 1243 O  O   . HOH G 6 .   ? -14.935 7.480   0.003   1.00 22.40  ? 375 HOH A O   1 
HETATM 1244 O  O   . HOH G 6 .   ? -6.100  -13.140 4.093   1.00 31.91  ? 376 HOH A O   1 
HETATM 1245 O  O   . HOH G 6 .   ? -4.336  -6.346  9.880   1.00 29.98  ? 377 HOH A O   1 
HETATM 1246 O  O   . HOH G 6 .   ? 3.489   -7.127  11.944  1.00 18.99  ? 378 HOH A O   1 
HETATM 1247 O  O   . HOH G 6 .   ? -5.692  15.217  4.136   1.00 32.67  ? 379 HOH A O   1 
HETATM 1248 O  O   . HOH G 6 .   ? -13.833 10.969  5.158   1.00 32.84  ? 380 HOH A O   1 
HETATM 1249 O  O   . HOH G 6 .   ? -0.531  -11.208 12.405  1.00 23.22  ? 381 HOH A O   1 
HETATM 1250 O  O   . HOH G 6 .   ? -15.441 6.274   4.701   1.00 24.77  ? 382 HOH A O   1 
HETATM 1251 O  O   . HOH G 6 .   ? -10.683 -6.801  2.628   1.00 24.77  ? 383 HOH A O   1 
HETATM 1252 O  O   . HOH G 6 .   ? 3.903   15.769  -3.223  1.00 41.01  ? 384 HOH A O   1 
HETATM 1253 O  O   . HOH G 6 .   ? -13.091 4.912   5.403   1.00 19.67  ? 385 HOH A O   1 
HETATM 1254 O  O   . HOH G 6 .   ? -9.069  -3.391  10.874  1.00 35.31  ? 386 HOH A O   1 
HETATM 1255 O  O   . HOH G 6 .   ? 3.661   16.164  -9.757  1.00 20.66  ? 387 HOH A O   1 
HETATM 1256 O  O   . HOH G 6 .   ? 14.774  -0.496  -2.742  1.00 36.84  ? 388 HOH A O   1 
HETATM 1257 O  O   . HOH G 6 .   ? 0.815   2.320   -12.274 1.00 24.87  ? 389 HOH A O   1 
HETATM 1258 O  O   . HOH G 6 .   ? -14.355 3.357   -1.658  1.00 25.12  ? 390 HOH A O   1 
HETATM 1259 O  O   . HOH G 6 .   ? 4.512   -12.994 -7.864  1.00 33.29  ? 391 HOH A O   1 
HETATM 1260 O  O   . HOH G 6 .   ? 1.004   -3.592  -16.160 1.00 29.21  ? 392 HOH A O   1 
HETATM 1261 O  O   . HOH G 6 .   ? -16.593 6.866   7.313   1.00 25.44  ? 393 HOH A O   1 
HETATM 1262 O  O   . HOH G 6 .   ? 2.944   3.233   -13.634 1.00 24.60  ? 394 HOH A O   1 
HETATM 1263 O  O   . HOH G 6 .   ? -14.359 8.663   7.635   1.00 30.88  ? 395 HOH A O   1 
HETATM 1264 O  O   . HOH G 6 .   ? 12.216  -7.389  -5.298  1.00 42.80  ? 396 HOH A O   1 
HETATM 1265 O  O   . HOH G 6 .   ? -14.285 0.321   0.737   1.00 16.24  ? 397 HOH A O   1 
HETATM 1266 O  O   . HOH G 6 .   ? -15.941 0.114   -1.446  1.00 23.57  ? 398 HOH A O   1 
HETATM 1267 O  O   . HOH G 6 .   ? 3.849   -9.964  12.058  1.00 27.22  ? 399 HOH A O   1 
HETATM 1268 O  O   . HOH G 6 .   ? 1.934   -10.888 13.688  1.00 24.80  ? 400 HOH A O   1 
HETATM 1269 O  O   . HOH G 6 .   ? -2.039  14.850  6.380   1.00 39.87  ? 401 HOH A O   1 
HETATM 1270 O  O   . HOH G 6 .   ? -14.507 5.158   -3.602  1.00 30.85  ? 402 HOH A O   1 
HETATM 1271 O  O   . HOH G 6 .   ? 2.130   16.745  -5.052  1.00 48.56  ? 403 HOH A O   1 
HETATM 1272 O  O   . HOH G 6 .   ? 1.306   16.029  -8.374  1.00 38.51  ? 404 HOH A O   1 
HETATM 1273 O  O   . HOH G 6 .   ? 8.496   -15.995 -3.554  1.00 49.59  ? 405 HOH A O   1 
HETATM 1274 O  O   . HOH G 6 .   ? 5.571   -17.835 -0.618  1.00 53.69  ? 406 HOH A O   1 
HETATM 1275 O  O   . HOH G 6 .   ? 12.935  5.734   -2.343  1.00 32.36  ? 407 HOH A O   1 
HETATM 1276 O  O   . HOH G 6 .   ? 11.574  2.606   -3.485  1.00 29.37  ? 408 HOH A O   1 
HETATM 1277 O  O   . HOH G 6 .   ? 13.468  2.618   -5.392  1.00 35.38  ? 409 HOH A O   1 
HETATM 1278 O  O   . HOH G 6 .   ? -3.993  17.039  -0.817  1.00 35.80  ? 410 HOH A O   1 
HETATM 1279 O  O   . HOH G 6 .   ? -5.886  16.621  -8.226  1.00 35.73  ? 411 HOH A O   1 
HETATM 1280 O  O   . HOH G 6 .   ? 1.507   6.772   -11.421 1.00 25.71  ? 412 HOH A O   1 
HETATM 1281 O  O   . HOH G 6 .   ? 2.543   6.168   -8.983  1.00 38.44  ? 413 HOH A O   1 
HETATM 1282 O  O   . HOH G 6 .   ? -5.569  6.033   -11.077 1.00 33.47  ? 414 HOH A O   1 
HETATM 1283 O  O   . HOH G 6 .   ? -7.206  8.233   -11.017 1.00 50.75  ? 415 HOH A O   1 
HETATM 1284 O  O   . HOH G 6 .   ? -9.316  9.831   -9.093  1.00 37.78  ? 416 HOH A O   1 
HETATM 1285 O  O   . HOH G 6 .   ? -12.433 0.595   -5.582  1.00 35.07  ? 417 HOH A O   1 
HETATM 1286 O  O   . HOH G 6 .   ? -3.849  -5.567  -9.756  1.00 22.42  ? 418 HOH A O   1 
HETATM 1287 O  O   . HOH G 6 .   ? -8.285  -9.330  -4.318  1.00 37.92  ? 419 HOH A O   1 
HETATM 1288 O  O   . HOH G 6 .   ? -12.420 -7.870  -2.872  1.00 35.56  ? 420 HOH A O   1 
HETATM 1289 O  O   . HOH G 6 .   ? -12.350 11.013  -0.690  1.00 36.52  ? 421 HOH A O   1 
HETATM 1290 O  O   . HOH G 6 .   ? -14.657 10.221  0.042   1.00 33.18  ? 422 HOH A O   1 
HETATM 1291 O  O   . HOH G 6 .   ? -16.131 6.997   -4.831  1.00 34.91  ? 423 HOH A O   1 
HETATM 1292 O  O   . HOH G 6 .   ? -12.935 4.911   8.348   1.00 32.39  ? 424 HOH A O   1 
HETATM 1293 O  O   . HOH G 6 .   ? -3.599  14.167  8.830   1.00 34.97  ? 425 HOH A O   1 
HETATM 1294 O  O   . HOH G 6 .   ? 17.138  -5.494  -2.708  1.00 34.95  ? 426 HOH A O   1 
HETATM 1295 O  O   . HOH G 6 .   ? 15.809  -7.533  6.865   1.00 44.15  ? 427 HOH A O   1 
HETATM 1296 O  O   . HOH G 6 .   ? 12.211  -8.163  10.622  1.00 48.14  ? 428 HOH A O   1 
HETATM 1297 O  O   . HOH G 6 .   ? 12.640  -10.551 9.994   1.00 50.37  ? 429 HOH A O   1 
HETATM 1298 O  O   . HOH G 6 .   ? 6.140   -10.691 13.927  1.00 30.85  ? 430 HOH A O   1 
HETATM 1299 O  O   . HOH G 6 .   ? -3.297  -17.326 -3.508  1.00 29.60  ? 431 HOH A O   1 
HETATM 1300 O  O   . HOH G 6 .   ? -3.953  -18.343 -0.761  1.00 49.80  ? 432 HOH A O   1 
HETATM 1301 O  O   . HOH G 6 .   ? -1.931  -19.279 1.175   1.00 43.19  ? 433 HOH A O   1 
HETATM 1302 O  O   . HOH G 6 .   ? 0.703   -18.599 1.310   1.00 36.71  ? 434 HOH A O   1 
HETATM 1303 O  O   . HOH G 6 .   ? 6.526   -17.352 3.296   1.00 33.94  ? 435 HOH A O   1 
HETATM 1304 O  O   . HOH G 6 .   ? 3.425   -17.209 -2.277  1.00 40.12  ? 436 HOH A O   1 
HETATM 1305 O  O   . HOH G 6 .   ? 6.677   -13.562 -6.423  1.00 43.81  ? 437 HOH A O   1 
HETATM 1306 O  O   . HOH G 6 .   ? 1.464   -6.101  -16.640 1.00 39.71  ? 438 HOH A O   1 
HETATM 1307 O  O   . HOH G 6 .   ? -0.824  -7.502  -15.992 1.00 44.65  ? 439 HOH A O   1 
HETATM 1308 O  O   . HOH G 6 .   ? 9.399   -3.398  -14.256 1.00 62.50  ? 440 HOH A O   1 
HETATM 1309 O  O   . HOH G 6 .   ? 11.531  -1.303  -9.970  1.00 38.78  ? 441 HOH A O   1 
HETATM 1310 O  O   . HOH G 6 .   ? 13.328  0.024   -6.469  1.00 46.22  ? 442 HOH A O   1 
HETATM 1311 O  O   . HOH G 6 .   ? 15.086  -12.117 0.540   1.00 38.93  ? 443 HOH A O   1 
HETATM 1312 O  O   . HOH G 6 .   ? 11.949  -14.769 5.452   1.00 36.05  ? 444 HOH A O   1 
HETATM 1313 O  O   . HOH G 6 .   ? 0.967   4.218   -10.220 1.00 34.45  ? 445 HOH A O   1 
HETATM 1314 O  O   . HOH G 6 .   ? -13.760 -0.726  -7.240  1.00 54.97  ? 446 HOH A O   1 
HETATM 1315 O  O   . HOH G 6 .   ? -12.168 3.391   -5.446  1.00 43.39  ? 447 HOH A O   1 
HETATM 1316 O  O   . HOH G 6 .   ? -15.889 -1.749  -3.480  1.00 36.62  ? 448 HOH A O   1 
HETATM 1317 O  O   . HOH G 6 .   ? -10.872 16.196  6.558   1.00 47.89  ? 449 HOH A O   1 
HETATM 1318 O  O   . HOH G 6 .   ? 8.431   -7.585  15.942  1.00 46.44  ? 450 HOH A O   1 
HETATM 1319 O  O   . HOH G 6 .   ? 3.579   -6.154  14.408  1.00 33.24  ? 451 HOH A O   1 
HETATM 1320 O  O   . HOH G 6 .   ? 13.552  0.089   -9.025  1.00 45.89  ? 452 HOH A O   1 
HETATM 1321 O  O   . HOH G 6 .   ? 11.211  -2.460  -12.548 1.00 55.24  ? 453 HOH A O   1 
HETATM 1322 O  O   . HOH G 6 .   ? 14.804  3.838   -2.003  1.00 45.13  ? 454 HOH A O   1 
HETATM 1323 O  O   . HOH G 6 .   ? -5.607  -15.926 -4.176  1.00 41.91  ? 455 HOH A O   1 
HETATM 1324 O  O   . HOH G 6 .   ? 4.960   -11.021 -9.818  1.00 49.67  ? 456 HOH A O   1 
HETATM 1325 O  O   . HOH G 6 .   ? 3.794   -10.628 -11.988 1.00 53.09  ? 457 HOH A O   1 
HETATM 1326 O  O   . HOH G 6 .   ? 2.076   -9.148  -12.761 1.00 30.86  ? 458 HOH A O   1 
HETATM 1327 O  O   . HOH G 6 .   ? 3.467   -8.026  -14.506 1.00 45.16  ? 459 HOH A O   1 
HETATM 1328 O  O   . HOH G 6 .   ? 16.435  -13.392 2.968   1.00 50.27  ? 460 HOH A O   1 
HETATM 1329 O  O   . HOH G 6 .   ? 5.606   -11.938 11.389  1.00 37.39  ? 461 HOH A O   1 
HETATM 1330 O  O   . HOH G 6 .   ? -3.172  -21.873 7.845   1.00 40.61  ? 462 HOH A O   1 
HETATM 1331 O  O   . HOH G 6 .   ? 7.114   -21.699 8.740   1.00 56.20  ? 463 HOH A O   1 
HETATM 1332 O  O   . HOH G 6 .   ? 17.068  -10.035 4.614   1.00 45.18  ? 464 HOH A O   1 
HETATM 1333 O  O   . HOH G 6 .   ? 13.254  -11.337 7.602   1.00 41.82  ? 465 HOH A O   1 
HETATM 1334 O  O   . HOH G 6 .   ? 2.688   17.036  4.679   1.00 45.37  ? 466 HOH A O   1 
HETATM 1335 O  O   . HOH G 6 .   ? 19.518  1.410   1.470   1.00 68.71  ? 467 HOH A O   1 
HETATM 1336 O  O   . HOH G 6 .   ? 13.240  4.539   11.040  1.00 67.00  ? 468 HOH A O   1 
HETATM 1337 O  O   . HOH G 6 .   ? 13.907  11.064  4.511   1.00 41.71  ? 469 HOH A O   1 
HETATM 1338 O  O   . HOH G 6 .   ? 13.954  7.605   -0.631  1.00 44.36  ? 470 HOH A O   1 
HETATM 1339 O  O   . HOH G 6 .   ? 15.947  8.516   -3.141  1.00 56.22  ? 471 HOH A O   1 
HETATM 1340 O  O   . HOH G 6 .   ? 8.918   7.066   0.693   1.00 37.81  ? 472 HOH A O   1 
HETATM 1341 O  O   . HOH G 6 .   ? 6.788   15.775  -3.467  1.00 38.13  ? 473 HOH A O   1 
HETATM 1342 O  O   . HOH G 6 .   ? -7.230  -2.437  -11.052 1.00 44.65  ? 474 HOH A O   1 
HETATM 1343 O  O   . HOH G 6 .   ? -7.241  -6.809  -8.565  1.00 45.52  ? 475 HOH A O   1 
HETATM 1344 O  O   . HOH G 6 .   ? -4.351  -8.016  -10.958 1.00 32.75  ? 476 HOH A O   1 
HETATM 1345 O  O   . HOH G 6 .   ? -10.048 -7.894  -3.726  1.00 35.15  ? 477 HOH A O   1 
HETATM 1346 O  O   . HOH G 6 .   ? -12.485 1.652   -9.132  1.00 53.66  ? 478 HOH A O   1 
HETATM 1347 O  O   . HOH G 6 .   ? -9.830  2.976   -10.739 1.00 48.13  ? 479 HOH A O   1 
HETATM 1348 O  O   . HOH G 6 .   ? 0.530   18.094  0.170   1.00 38.41  ? 480 HOH A O   1 
HETATM 1349 O  O   . HOH G 6 .   ? -12.402 11.381  1.802   1.00 46.63  ? 481 HOH A O   1 
HETATM 1350 O  O   . HOH G 6 .   ? -8.110  14.878  7.349   1.00 39.36  ? 482 HOH A O   1 
HETATM 1351 O  O   . HOH G 6 .   ? -5.933  16.461  8.628   1.00 42.75  ? 483 HOH A O   1 
HETATM 1352 O  O   . HOH G 6 .   ? 21.197  -2.672  4.974   1.00 50.78  ? 484 HOH A O   1 
HETATM 1353 O  O   . HOH G 6 .   ? 13.951  -1.997  -4.809  1.00 38.78  ? 485 HOH A O   1 
HETATM 1354 O  O   . HOH G 6 .   ? -7.410  -17.716 1.024   1.00 53.15  ? 486 HOH A O   1 
HETATM 1355 O  O   . HOH G 6 .   ? 3.431   -5.323  -14.811 1.00 46.46  ? 487 HOH A O   1 
HETATM 1356 O  O   . HOH G 6 .   ? 7.726   -16.926 -1.386  1.00 51.75  ? 488 HOH A O   1 
HETATM 1357 O  O   . HOH G 6 .   ? -7.260  3.985   -10.798 1.00 38.87  ? 489 HOH A O   1 
HETATM 1358 O  O   . HOH G 6 .   ? -9.255  6.106   -10.480 1.00 53.13  ? 490 HOH A O   1 
HETATM 1359 O  O   . HOH G 6 .   ? -9.480  -9.079  -6.684  1.00 61.91  ? 491 HOH A O   1 
HETATM 1360 O  O   . HOH G 6 .   ? -10.672 -11.265 -1.359  1.00 48.49  ? 492 HOH A O   1 
HETATM 1361 O  O   . HOH G 6 .   ? 2.533   18.117  -1.601  1.00 50.54  ? 493 HOH A O   1 
HETATM 1362 O  O   . HOH G 6 .   ? -1.712  19.598  -0.234  1.00 53.11  ? 494 HOH A O   1 
HETATM 1363 O  O   . HOH G 6 .   ? -13.110 13.515  0.617   1.00 52.82  ? 495 HOH A O   1 
HETATM 1364 O  O   . HOH G 6 .   ? -15.033 15.178  0.882   1.00 53.98  ? 496 HOH A O   1 
HETATM 1365 O  O   . HOH G 6 .   ? 8.809   -1.469  -15.932 1.00 58.72  ? 497 HOH A O   1 
HETATM 1366 O  O   . HOH G 6 .   ? 8.144   -4.455  -16.350 1.00 55.60  ? 498 HOH A O   1 
HETATM 1367 O  O   . HOH G 6 .   ? 6.338   -5.929  -14.849 1.00 48.23  ? 499 HOH A O   1 
HETATM 1368 O  O   . HOH G 6 .   ? -7.451  -17.046 11.984  1.00 50.82  ? 500 HOH A O   1 
HETATM 1369 O  O   . HOH G 6 .   ? -6.749  -20.758 6.623   1.00 60.77  ? 501 HOH A O   1 
HETATM 1370 O  O   . HOH G 6 .   ? -12.449 -8.724  4.011   1.00 59.05  ? 502 HOH A O   1 
HETATM 1371 O  O   . HOH G 6 .   ? 14.352  -6.333  10.195  1.00 56.31  ? 503 HOH A O   1 
HETATM 1372 O  O   . HOH G 6 .   ? 9.533   -9.086  -10.151 1.00 55.73  ? 504 HOH A O   1 
HETATM 1373 O  O   . HOH G 6 .   ? 6.582   -9.226  -13.555 1.00 57.13  ? 505 HOH A O   1 
HETATM 1374 O  O   . HOH G 6 .   ? 10.613  -16.641 6.490   1.00 55.22  ? 506 HOH A O   1 
HETATM 1375 O  O   . HOH G 6 .   ? 14.887  5.555   2.055   1.00 49.63  ? 507 HOH A O   1 
HETATM 1376 O  O   . HOH G 6 .   ? -14.749 -3.088  -7.833  1.00 66.60  ? 508 HOH A O   1 
HETATM 1377 O  O   . HOH G 6 .   ? -11.265 -7.271  -8.367  1.00 57.99  ? 509 HOH A O   1 
HETATM 1378 O  O   . HOH G 6 .   ? -8.432  -19.285 5.130   1.00 69.39  ? 510 HOH A O   1 
HETATM 1379 O  O   . HOH G 6 .   ? -13.226 14.868  -15.180 1.00 77.67  ? 511 HOH A O   1 
HETATM 1380 O  O   . HOH G 6 .   ? -15.569 11.177  -2.283  1.00 57.73  ? 512 HOH A O   1 
HETATM 1381 O  O   . HOH G 6 .   ? -15.852 9.513   -4.622  1.00 43.86  ? 513 HOH A O   1 
HETATM 1382 O  O   . HOH G 6 .   ? -14.198 1.178   -3.019  1.00 41.75  ? 514 HOH A O   1 
HETATM 1383 O  O   . HOH G 6 .   ? 1.649   18.657  2.708   1.00 57.91  ? 515 HOH A O   1 
HETATM 1384 O  O   . HOH G 6 .   ? 14.732  -6.705  -6.356  1.00 53.73  ? 516 HOH A O   1 
HETATM 1385 O  O   . HOH G 6 .   ? 15.844  -4.282  -4.906  1.00 62.57  ? 517 HOH A O   1 
HETATM 1386 O  O   . HOH G 6 .   ? 11.263  -15.368 -3.852  1.00 60.20  ? 518 HOH A O   1 
HETATM 1387 O  O   . HOH G 6 .   ? -5.916  10.614  -19.409 1.00 69.22  ? 519 HOH A O   1 
HETATM 1388 O  O   . HOH G 6 .   ? -8.886  13.995  -17.885 1.00 75.07  ? 520 HOH A O   1 
HETATM 1389 O  O   . HOH G 6 .   ? -4.393  12.628  -14.207 1.00 57.41  ? 521 HOH A O   1 
HETATM 1390 O  O   . HOH G 6 .   ? 14.903  -9.518  6.233   1.00 50.73  ? 522 HOH A O   1 
HETATM 1391 O  O   . HOH G 6 .   ? -6.945  10.284  -12.916 1.00 58.11  ? 523 HOH A O   1 
HETATM 1392 O  O   . HOH G 6 .   ? -5.420  -12.544 -6.881  1.00 60.35  ? 524 HOH A O   1 
HETATM 1393 O  O   . HOH G 6 .   ? -6.486  -16.165 -6.904  1.00 62.32  ? 525 HOH A O   1 
HETATM 1394 O  O   . HOH G 6 .   ? -5.440  -22.753 7.686   1.00 56.50  ? 526 HOH A O   1 
HETATM 1395 O  O   . HOH G 6 .   ? -16.995 -6.123  9.467   1.00 30.68  ? 527 HOH A O   1 
HETATM 1396 O  O   . HOH G 6 .   ? 18.057  -4.522  -0.709  1.00 59.23  ? 528 HOH A O   1 
HETATM 1397 O  O   . HOH G 6 .   ? 10.505  5.677   -2.205  1.00 44.66  ? 529 HOH A O   1 
HETATM 1398 O  O   . HOH G 6 .   ? -11.662 4.552   -8.795  1.00 63.33  ? 530 HOH A O   1 
HETATM 1399 O  O   . HOH G 6 .   ? 0.273   -19.041 -4.657  1.00 50.43  ? 531 HOH A O   1 
HETATM 1400 O  O   . HOH G 6 .   ? 1.340   -18.074 -7.570  1.00 50.47  ? 532 HOH A O   1 
HETATM 1401 O  O   . HOH G 6 .   ? 1.191   -23.019 9.353   1.00 70.93  ? 533 HOH A O   1 
HETATM 1402 O  O   . HOH G 6 .   ? 2.840   -22.700 7.304   1.00 69.32  ? 534 HOH A O   1 
HETATM 1403 O  O   . HOH G 6 .   ? 4.195   -20.951 10.002  1.00 54.15  ? 535 HOH A O   1 
HETATM 1404 O  O   . HOH G 6 .   ? -9.092  -14.571 -2.125  1.00 50.16  ? 536 HOH A O   1 
HETATM 1405 O  O   . HOH G 6 .   ? 2.009   14.610  7.245   1.00 36.52  ? 537 HOH A O   1 
HETATM 1406 O  O   . HOH G 6 .   ? 3.401   13.503  8.840   1.00 56.29  ? 538 HOH A O   1 
HETATM 1407 O  O   . HOH G 6 .   ? -7.848  17.222  -19.590 1.00 54.78  ? 539 HOH A O   1 
# 
